data_2YR6
#
_entry.id   2YR6
#
_cell.length_a   100.877
_cell.length_b   113.029
_cell.length_c   136.463
_cell.angle_alpha   90.00
_cell.angle_beta   90.00
_cell.angle_gamma   90.00
#
_symmetry.space_group_name_H-M   'P 21 21 21'
#
loop_
_entity.id
_entity.type
_entity.pdbx_description
1 polymer 'Pro-enzyme of L-phenylalanine oxidase'
2 non-polymer 'SULFATE ION'
3 non-polymer 'FLAVIN-ADENINE DINUCLEOTIDE'
4 non-polymer '2-AMINOBENZOIC ACID'
5 non-polymer GLYCEROL
6 water water
#
_entity_poly.entity_id   1
_entity_poly.type   'polypeptide(L)'
_entity_poly.pdbx_seq_one_letter_code
;GVTVIPRLLGLKDEKKIATTVGEARLSGINYRHPDSALVSYPVAAAAPLGRLPAGNYRIAIVGGGAGGIAALYELGRLAA
TLPAGSGIDVQIYEADPDSFLHDRPGIKAIKVRGLKAGRVSAALVHNGDPASGDTIYEVGAMRFPEIAGLTWHYASAAFG
DAAPIKVFPNPGKVPTEFVFGNRVDRYVGSDPKDWEDPDSPTLKVLGVVAGGLVGNPQGENVAMYPIANVDPAKIAAILN
AATPPADALERIQTKYWPEFIAQYDGLTLGAAVREIVTVAFEKGTLPPVDGVLDVDESISYYVELFGRFGFGTGGFKPLY
NISLVEMMRLILWDYSNEYTLPVTENVEFIRNLFLKAQNVGAGKLVVQVRQERVANACHSGTASARAQLLSYDSHNAVHS
EAYDFVILAVPHDQLTPIVSRSGFEHAASQNLGDAGLGLETHTYNQVYPPLLLSDSSPAANARIVTAIGQLHMARSSKVF
ATVKTAALDQPWVPQWRGEPIKAVVSDSGLAASYVVPSPIVEDGQAPEYSSLLASYTWEDDSTRLRHDFGLYPQNPATET
GTADGMYRTMVNRAYRYVKYAGASNAQPWWFYQLLAEARTADRFVFDWTTNKTAGGFKLDMTGDHHQSNLCFRYHTHALA
ASLDNRFFIASDSYSHLGGWLEGAFMSALNAVAGLIVRANRGDVSALSTEARPLVIGLRPVVKVPAAELATSQLEHHHHH
H
;
_entity_poly.pdbx_strand_id   A,B
#
loop_
_chem_comp.id
_chem_comp.type
_chem_comp.name
_chem_comp.formula
FAD non-polymer 'FLAVIN-ADENINE DINUCLEOTIDE' 'C27 H33 N9 O15 P2'
GOL non-polymer GLYCEROL 'C3 H8 O3'
SO4 non-polymer 'SULFATE ION' 'O4 S -2'
#
# COMPACT_ATOMS: atom_id res chain seq x y z
N LYS A 16 -11.05 -31.31 -17.58
CA LYS A 16 -11.67 -30.87 -18.88
C LYS A 16 -12.08 -29.42 -18.81
N ILE A 17 -12.06 -28.81 -19.95
CA ILE A 17 -12.30 -27.38 -20.03
C ILE A 17 -13.82 -27.22 -20.17
N ALA A 18 -14.37 -26.29 -19.39
CA ALA A 18 -15.75 -25.94 -19.51
C ALA A 18 -16.00 -25.11 -20.76
N THR A 19 -17.10 -25.30 -21.42
CA THR A 19 -17.40 -24.67 -22.65
C THR A 19 -18.68 -23.83 -22.63
N THR A 20 -19.53 -23.96 -21.58
CA THR A 20 -20.75 -23.27 -21.45
C THR A 20 -20.89 -22.75 -20.04
N VAL A 21 -21.77 -21.77 -19.83
CA VAL A 21 -22.14 -21.29 -18.51
C VAL A 21 -22.60 -22.48 -17.63
N GLY A 22 -23.41 -23.38 -18.18
CA GLY A 22 -23.93 -24.46 -17.36
C GLY A 22 -22.84 -25.44 -16.93
N GLU A 23 -21.85 -25.69 -17.81
CA GLU A 23 -20.78 -26.56 -17.43
C GLU A 23 -19.99 -25.95 -16.25
N ALA A 24 -19.63 -24.66 -16.35
CA ALA A 24 -18.96 -23.95 -15.24
C ALA A 24 -19.84 -24.02 -14.00
N ARG A 25 -21.12 -23.71 -14.18
CA ARG A 25 -22.06 -23.68 -13.05
C ARG A 25 -22.04 -24.97 -12.26
N LEU A 26 -22.16 -26.08 -12.96
CA LEU A 26 -22.19 -27.39 -12.30
C LEU A 26 -20.87 -27.75 -11.66
N SER A 27 -19.77 -27.20 -12.18
CA SER A 27 -18.47 -27.52 -11.65
C SER A 27 -18.27 -27.13 -10.23
N GLY A 28 -18.80 -25.96 -9.87
CA GLY A 28 -18.62 -25.35 -8.55
C GLY A 28 -19.87 -25.27 -7.70
N ILE A 29 -20.92 -25.94 -8.12
CA ILE A 29 -22.19 -25.83 -7.42
C ILE A 29 -22.17 -26.22 -5.93
N ASN A 30 -21.34 -27.16 -5.60
CA ASN A 30 -21.27 -27.56 -4.22
C ASN A 30 -20.21 -26.91 -3.42
N TYR A 31 -19.30 -26.13 -4.02
CA TYR A 31 -18.13 -25.67 -3.31
C TYR A 31 -18.53 -24.74 -2.14
N ARG A 32 -18.01 -25.03 -0.98
CA ARG A 32 -18.18 -24.26 0.23
C ARG A 32 -16.82 -23.61 0.59
N HIS A 33 -16.84 -22.33 0.90
CA HIS A 33 -15.63 -21.66 1.28
C HIS A 33 -15.39 -21.91 2.80
N PRO A 34 -14.15 -21.87 3.26
CA PRO A 34 -13.80 -22.38 4.59
C PRO A 34 -14.37 -21.53 5.77
N ASP A 35 -14.68 -20.26 5.53
CA ASP A 35 -15.36 -19.45 6.52
C ASP A 35 -16.90 -19.58 6.55
N SER A 36 -17.41 -20.33 5.58
CA SER A 36 -18.82 -20.61 5.46
C SER A 36 -18.98 -22.02 5.00
N ALA A 37 -18.31 -22.96 5.65
CA ALA A 37 -18.14 -24.29 5.16
C ALA A 37 -19.40 -25.09 5.29
N LEU A 38 -20.39 -24.67 6.05
CA LEU A 38 -21.63 -25.43 6.20
C LEU A 38 -22.61 -25.11 5.09
N VAL A 39 -22.33 -24.27 4.11
CA VAL A 39 -23.27 -23.94 3.07
C VAL A 39 -22.64 -23.78 1.71
N SER A 40 -23.27 -24.37 0.71
CA SER A 40 -23.00 -24.09 -0.68
C SER A 40 -23.87 -22.93 -1.07
N TYR A 41 -23.33 -21.74 -1.33
CA TYR A 41 -24.15 -20.61 -1.69
C TYR A 41 -25.04 -20.85 -2.93
N PRO A 42 -24.56 -21.51 -3.99
CA PRO A 42 -25.44 -21.80 -5.13
C PRO A 42 -26.66 -22.63 -4.77
N VAL A 43 -26.49 -23.55 -3.80
CA VAL A 43 -27.62 -24.38 -3.34
C VAL A 43 -28.59 -23.51 -2.54
N ALA A 44 -28.06 -22.69 -1.67
CA ALA A 44 -28.90 -21.74 -0.95
C ALA A 44 -29.70 -20.82 -1.86
N ALA A 45 -29.12 -20.46 -3.00
CA ALA A 45 -29.71 -19.53 -3.92
C ALA A 45 -30.63 -20.22 -4.92
N ALA A 46 -30.82 -21.52 -4.92
CA ALA A 46 -31.56 -22.19 -6.00
C ALA A 46 -33.02 -21.80 -5.96
N ALA A 47 -33.63 -21.79 -4.83
CA ALA A 47 -35.02 -21.37 -4.59
C ALA A 47 -34.99 -19.98 -3.93
N PRO A 48 -36.15 -19.27 -3.90
CA PRO A 48 -36.17 -18.01 -3.15
C PRO A 48 -35.67 -18.25 -1.74
N LEU A 49 -35.04 -17.24 -1.16
CA LEU A 49 -34.35 -17.45 0.13
C LEU A 49 -35.29 -17.67 1.31
N GLY A 50 -36.51 -17.24 1.25
CA GLY A 50 -37.45 -17.46 2.33
C GLY A 50 -38.76 -16.76 2.00
N ARG A 51 -39.46 -16.37 3.06
CA ARG A 51 -40.74 -15.80 3.00
C ARG A 51 -40.83 -14.59 3.87
N LEU A 52 -41.64 -13.59 3.48
CA LEU A 52 -41.94 -12.41 4.21
C LEU A 52 -43.37 -12.39 4.68
N PRO A 53 -43.63 -11.81 5.81
CA PRO A 53 -45.02 -11.55 6.18
C PRO A 53 -45.67 -10.66 5.15
N ALA A 54 -47.00 -10.80 5.08
CA ALA A 54 -47.76 -9.89 4.18
C ALA A 54 -47.45 -8.45 4.58
N GLY A 55 -47.43 -7.59 3.55
CA GLY A 55 -47.14 -6.17 3.74
C GLY A 55 -46.74 -5.50 2.42
N ASN A 56 -46.62 -4.20 2.48
CA ASN A 56 -46.17 -3.36 1.39
C ASN A 56 -44.87 -2.72 1.86
N TYR A 57 -43.78 -3.34 1.48
CA TYR A 57 -42.44 -3.00 1.99
C TYR A 57 -41.83 -1.87 1.23
N ARG A 58 -41.11 -1.01 1.94
CA ARG A 58 -40.34 0.01 1.35
C ARG A 58 -38.87 -0.23 1.68
N ILE A 59 -38.06 -0.59 0.67
CA ILE A 59 -36.69 -0.95 0.87
C ILE A 59 -35.82 -0.02 0.08
N ALA A 60 -34.61 0.30 0.53
CA ALA A 60 -33.62 1.00 -0.23
C ALA A 60 -32.44 0.05 -0.44
N ILE A 61 -31.84 0.14 -1.65
CA ILE A 61 -30.52 -0.46 -1.89
C ILE A 61 -29.60 0.74 -2.27
N VAL A 62 -28.52 0.88 -1.53
CA VAL A 62 -27.51 1.93 -1.82
C VAL A 62 -26.44 1.20 -2.61
N GLY A 63 -26.35 1.57 -3.90
CA GLY A 63 -25.36 0.98 -4.82
C GLY A 63 -25.94 0.00 -5.79
N GLY A 64 -25.68 0.23 -7.06
CA GLY A 64 -26.10 -0.57 -8.18
C GLY A 64 -24.94 -1.34 -8.82
N GLY A 65 -24.06 -1.87 -8.03
CA GLY A 65 -23.07 -2.80 -8.50
C GLY A 65 -23.54 -4.23 -8.35
N ALA A 66 -22.60 -5.16 -8.47
CA ALA A 66 -22.94 -6.56 -8.38
C ALA A 66 -23.65 -6.92 -7.08
N GLY A 67 -23.22 -6.33 -5.97
CA GLY A 67 -23.87 -6.61 -4.71
C GLY A 67 -25.30 -6.13 -4.66
N GLY A 68 -25.49 -4.88 -5.01
CA GLY A 68 -26.82 -4.32 -4.97
C GLY A 68 -27.79 -4.91 -5.92
N ILE A 69 -27.31 -5.22 -7.12
CA ILE A 69 -28.18 -5.83 -8.15
C ILE A 69 -28.51 -7.30 -7.80
N ALA A 70 -27.53 -8.08 -7.30
CA ALA A 70 -27.89 -9.42 -6.85
C ALA A 70 -28.94 -9.38 -5.73
N ALA A 71 -28.78 -8.41 -4.80
CA ALA A 71 -29.73 -8.24 -3.68
C ALA A 71 -31.08 -7.90 -4.31
N LEU A 72 -31.15 -7.01 -5.29
CA LEU A 72 -32.44 -6.71 -5.96
C LEU A 72 -33.06 -7.93 -6.58
N TYR A 73 -32.27 -8.69 -7.29
CA TYR A 73 -32.75 -9.96 -7.87
C TYR A 73 -33.38 -10.86 -6.80
N GLU A 74 -32.69 -11.07 -5.71
CA GLU A 74 -33.22 -11.91 -4.63
C GLU A 74 -34.51 -11.30 -4.05
N LEU A 75 -34.56 -9.98 -3.91
CA LEU A 75 -35.81 -9.34 -3.46
C LEU A 75 -36.93 -9.50 -4.48
N GLY A 76 -36.65 -9.49 -5.74
CA GLY A 76 -37.66 -9.80 -6.76
C GLY A 76 -38.25 -11.18 -6.60
N ARG A 77 -37.36 -12.14 -6.39
CA ARG A 77 -37.79 -13.55 -6.17
C ARG A 77 -38.67 -13.62 -4.96
N LEU A 78 -38.30 -12.90 -3.87
CA LEU A 78 -39.17 -12.88 -2.68
C LEU A 78 -40.49 -12.22 -2.96
N ALA A 79 -40.44 -11.10 -3.65
CA ALA A 79 -41.65 -10.35 -3.96
C ALA A 79 -42.70 -11.19 -4.70
N ALA A 80 -42.24 -12.04 -5.60
CA ALA A 80 -43.17 -12.84 -6.38
C ALA A 80 -43.95 -13.81 -5.52
N THR A 81 -43.44 -14.14 -4.37
CA THR A 81 -44.07 -15.05 -3.43
C THR A 81 -45.05 -14.41 -2.49
N LEU A 82 -45.15 -13.09 -2.50
CA LEU A 82 -46.03 -12.41 -1.61
C LEU A 82 -47.49 -12.57 -2.09
N PRO A 83 -48.41 -12.44 -1.16
CA PRO A 83 -49.77 -12.62 -1.57
C PRO A 83 -50.34 -11.43 -2.18
N ALA A 84 -51.55 -11.60 -2.77
CA ALA A 84 -52.21 -10.48 -3.36
C ALA A 84 -52.36 -9.37 -2.35
N GLY A 85 -52.15 -8.14 -2.84
CA GLY A 85 -52.26 -6.92 -2.07
C GLY A 85 -50.90 -6.55 -1.42
N SER A 86 -49.92 -7.47 -1.41
CA SER A 86 -48.58 -7.21 -0.82
C SER A 86 -47.55 -6.89 -1.95
N GLY A 87 -46.38 -6.33 -1.58
CA GLY A 87 -45.41 -6.03 -2.61
C GLY A 87 -44.21 -5.39 -1.99
N ILE A 88 -43.22 -5.14 -2.82
CA ILE A 88 -41.97 -4.51 -2.42
C ILE A 88 -41.67 -3.37 -3.37
N ASP A 89 -41.44 -2.21 -2.78
CA ASP A 89 -40.92 -1.03 -3.49
C ASP A 89 -39.48 -0.87 -3.14
N VAL A 90 -38.60 -0.79 -4.12
CA VAL A 90 -37.17 -0.57 -3.94
C VAL A 90 -36.74 0.74 -4.57
N GLN A 91 -36.13 1.61 -3.75
CA GLN A 91 -35.36 2.74 -4.24
C GLN A 91 -33.92 2.36 -4.32
N ILE A 92 -33.33 2.39 -5.54
CA ILE A 92 -31.93 2.07 -5.72
C ILE A 92 -31.17 3.39 -5.89
N TYR A 93 -30.26 3.70 -4.98
CA TYR A 93 -29.40 4.88 -5.08
C TYR A 93 -28.12 4.50 -5.81
N GLU A 94 -27.81 5.26 -6.86
CA GLU A 94 -26.59 5.03 -7.64
C GLU A 94 -26.02 6.43 -8.06
N ALA A 95 -24.90 6.74 -7.39
CA ALA A 95 -24.24 8.01 -7.62
C ALA A 95 -23.43 8.12 -8.90
N ASP A 96 -23.01 7.02 -9.46
CA ASP A 96 -22.05 7.06 -10.59
C ASP A 96 -22.83 7.50 -11.86
N PRO A 97 -22.50 8.64 -12.42
CA PRO A 97 -23.19 9.06 -13.61
C PRO A 97 -23.10 8.13 -14.83
N ASP A 98 -22.06 7.31 -14.82
CA ASP A 98 -21.82 6.38 -15.90
C ASP A 98 -22.49 5.02 -15.71
N SER A 99 -23.22 4.82 -14.63
CA SER A 99 -23.92 3.57 -14.39
C SER A 99 -24.88 3.25 -15.51
N PHE A 100 -24.98 1.95 -15.84
CA PHE A 100 -25.98 1.45 -16.75
C PHE A 100 -27.42 1.83 -16.34
N LEU A 101 -27.60 2.02 -15.02
CA LEU A 101 -28.94 2.31 -14.47
C LEU A 101 -29.48 3.68 -14.98
N HIS A 102 -28.57 4.59 -15.36
CA HIS A 102 -28.92 5.90 -15.74
C HIS A 102 -28.95 6.04 -17.29
N ASP A 103 -28.79 4.95 -18.01
CA ASP A 103 -28.73 4.88 -19.47
C ASP A 103 -29.90 4.02 -19.98
N ARG A 104 -31.05 4.11 -19.41
CA ARG A 104 -32.16 3.09 -19.60
C ARG A 104 -31.93 1.67 -18.92
N ALA A 109 -12.15 7.21 -30.17
CA ALA A 109 -12.98 7.70 -29.04
C ALA A 109 -13.15 6.58 -28.02
N ILE A 110 -13.33 6.92 -26.77
CA ILE A 110 -13.54 6.00 -25.68
C ILE A 110 -14.80 6.36 -24.93
N LYS A 111 -15.82 5.55 -25.00
CA LYS A 111 -17.07 5.72 -24.33
C LYS A 111 -17.10 4.89 -23.07
N VAL A 112 -17.53 5.51 -21.96
CA VAL A 112 -17.77 4.80 -20.68
C VAL A 112 -19.22 4.98 -20.19
N ARG A 113 -19.94 6.02 -20.74
CA ARG A 113 -21.27 6.28 -20.20
C ARG A 113 -22.20 5.12 -20.47
N GLY A 114 -22.86 4.68 -19.40
CA GLY A 114 -23.78 3.54 -19.41
C GLY A 114 -23.07 2.17 -19.35
N LEU A 115 -21.77 2.17 -19.29
CA LEU A 115 -20.99 0.92 -19.41
C LEU A 115 -20.38 0.48 -18.11
N LYS A 116 -20.82 1.10 -16.97
CA LYS A 116 -20.39 0.69 -15.66
C LYS A 116 -21.49 0.15 -14.83
N ALA A 117 -21.15 -0.88 -14.03
CA ALA A 117 -21.94 -1.36 -12.89
C ALA A 117 -20.92 -1.46 -11.76
N GLY A 118 -20.60 -0.32 -11.14
CA GLY A 118 -19.57 -0.26 -10.16
C GLY A 118 -18.19 -0.59 -10.77
N ARG A 119 -17.61 -1.62 -10.17
CA ARG A 119 -16.28 -2.12 -10.51
C ARG A 119 -16.34 -3.16 -11.62
N VAL A 120 -17.52 -3.45 -12.21
CA VAL A 120 -17.69 -4.10 -13.52
C VAL A 120 -17.80 -2.94 -14.50
N SER A 121 -16.77 -2.68 -15.26
CA SER A 121 -16.64 -1.41 -15.97
C SER A 121 -15.98 -1.59 -17.31
N ALA A 122 -16.68 -1.22 -18.38
CA ALA A 122 -16.20 -1.34 -19.75
C ALA A 122 -15.95 0.01 -20.32
N ALA A 123 -14.93 0.08 -21.20
CA ALA A 123 -14.69 1.21 -22.05
C ALA A 123 -14.77 0.75 -23.52
N LEU A 124 -15.64 1.38 -24.29
CA LEU A 124 -15.89 1.04 -25.66
C LEU A 124 -15.03 1.98 -26.55
N VAL A 125 -14.13 1.40 -27.33
CA VAL A 125 -13.30 2.13 -28.26
C VAL A 125 -14.00 2.16 -29.61
N HIS A 126 -14.23 3.33 -30.16
CA HIS A 126 -14.96 3.44 -31.40
C HIS A 126 -14.46 4.63 -32.17
N ASN A 127 -14.94 4.75 -33.37
CA ASN A 127 -14.56 5.90 -34.24
C ASN A 127 -15.64 6.83 -34.51
N GLY A 128 -16.68 6.91 -33.72
CA GLY A 128 -17.75 7.98 -33.95
C GLY A 128 -19.08 7.33 -33.82
N ASP A 129 -19.14 6.03 -34.14
CA ASP A 129 -20.35 5.26 -34.01
C ASP A 129 -20.14 4.17 -32.97
N PRO A 130 -20.69 4.38 -31.76
CA PRO A 130 -20.52 3.38 -30.76
C PRO A 130 -21.16 2.02 -30.99
N ALA A 131 -22.09 1.96 -31.94
CA ALA A 131 -22.69 0.66 -32.33
C ALA A 131 -21.81 -0.15 -33.21
N SER A 132 -20.68 0.44 -33.66
CA SER A 132 -19.70 -0.24 -34.51
C SER A 132 -18.29 0.03 -33.99
N GLY A 133 -18.02 -0.53 -32.84
CA GLY A 133 -16.78 -0.24 -32.21
C GLY A 133 -15.62 -1.15 -32.65
N ASP A 134 -14.46 -0.82 -32.12
CA ASP A 134 -13.23 -1.54 -32.39
C ASP A 134 -12.96 -2.62 -31.34
N THR A 135 -12.97 -2.23 -30.10
CA THR A 135 -12.66 -3.15 -28.99
C THR A 135 -13.26 -2.62 -27.71
N ILE A 136 -13.19 -3.43 -26.67
CA ILE A 136 -13.68 -3.11 -25.32
C ILE A 136 -12.48 -3.24 -24.39
N TYR A 137 -12.27 -2.29 -23.51
CA TYR A 137 -11.36 -2.43 -22.40
C TYR A 137 -12.19 -2.85 -21.15
N GLU A 138 -11.86 -3.99 -20.55
CA GLU A 138 -12.46 -4.42 -19.29
C GLU A 138 -11.66 -3.80 -18.19
N VAL A 139 -12.12 -2.71 -17.64
CA VAL A 139 -11.43 -1.86 -16.74
C VAL A 139 -11.39 -2.40 -15.31
N GLY A 140 -12.42 -3.14 -14.91
CA GLY A 140 -12.53 -3.80 -13.61
C GLY A 140 -12.55 -5.31 -13.79
N ALA A 141 -13.62 -5.95 -13.31
CA ALA A 141 -13.70 -7.41 -13.36
C ALA A 141 -13.55 -7.96 -14.75
N MET A 142 -12.78 -9.05 -14.91
CA MET A 142 -12.56 -9.65 -16.23
C MET A 142 -12.39 -11.14 -16.34
N ARG A 143 -12.11 -11.84 -15.23
CA ARG A 143 -11.83 -13.31 -15.37
C ARG A 143 -12.49 -14.04 -14.22
N PHE A 144 -13.15 -15.14 -14.47
CA PHE A 144 -14.11 -15.67 -13.53
C PHE A 144 -13.75 -17.12 -13.24
N PRO A 145 -13.39 -17.46 -11.98
CA PRO A 145 -12.99 -18.85 -11.64
C PRO A 145 -14.05 -19.86 -11.98
N GLU A 146 -13.64 -21.04 -12.47
CA GLU A 146 -14.56 -22.10 -12.80
C GLU A 146 -15.42 -22.45 -11.64
N ILE A 147 -14.86 -22.46 -10.43
CA ILE A 147 -15.58 -22.91 -9.27
C ILE A 147 -16.29 -21.82 -8.49
N ALA A 148 -16.38 -20.65 -9.14
CA ALA A 148 -17.18 -19.53 -8.65
C ALA A 148 -18.67 -19.80 -8.84
N GLY A 149 -19.14 -20.70 -7.99
CA GLY A 149 -20.45 -21.28 -8.20
C GLY A 149 -21.56 -20.25 -8.20
N LEU A 150 -21.53 -19.29 -7.28
CA LEU A 150 -22.62 -18.34 -7.25
C LEU A 150 -22.58 -17.38 -8.48
N THR A 151 -21.36 -17.04 -8.88
CA THR A 151 -21.14 -16.23 -10.11
C THR A 151 -21.81 -16.91 -11.28
N TRP A 152 -21.53 -18.22 -11.45
CA TRP A 152 -22.11 -18.98 -12.58
C TRP A 152 -23.63 -19.22 -12.44
N HIS A 153 -24.07 -19.36 -11.20
CA HIS A 153 -25.49 -19.43 -10.92
C HIS A 153 -26.20 -18.19 -11.46
N TYR A 154 -25.66 -17.02 -11.14
CA TYR A 154 -26.27 -15.79 -11.63
C TYR A 154 -26.03 -15.61 -13.14
N ALA A 155 -24.87 -16.05 -13.63
CA ALA A 155 -24.63 -15.99 -15.08
C ALA A 155 -25.66 -16.84 -15.83
N SER A 156 -26.05 -17.96 -15.26
CA SER A 156 -27.12 -18.76 -15.87
C SER A 156 -28.46 -18.05 -15.84
N ALA A 157 -28.78 -17.40 -14.73
CA ALA A 157 -29.99 -16.55 -14.69
C ALA A 157 -29.98 -15.44 -15.76
N ALA A 158 -28.85 -14.86 -15.98
CA ALA A 158 -28.70 -13.81 -16.91
C ALA A 158 -28.63 -14.22 -18.41
N PHE A 159 -28.01 -15.38 -18.64
CA PHE A 159 -27.67 -15.73 -20.00
C PHE A 159 -28.10 -17.15 -20.48
N GLY A 160 -28.48 -18.01 -19.51
CA GLY A 160 -28.81 -19.44 -19.76
C GLY A 160 -27.58 -20.31 -19.70
N ASP A 161 -27.82 -21.58 -19.32
CA ASP A 161 -26.80 -22.56 -19.25
C ASP A 161 -26.10 -22.83 -20.55
N ALA A 162 -26.77 -22.67 -21.67
CA ALA A 162 -26.20 -22.99 -22.98
C ALA A 162 -25.16 -21.99 -23.48
N ALA A 163 -25.11 -20.82 -22.87
CA ALA A 163 -24.28 -19.70 -23.40
C ALA A 163 -22.80 -20.11 -23.35
N PRO A 164 -22.08 -19.85 -24.45
CA PRO A 164 -20.66 -20.25 -24.51
C PRO A 164 -19.74 -19.36 -23.70
N ILE A 165 -18.73 -20.00 -23.13
CA ILE A 165 -17.62 -19.34 -22.42
C ILE A 165 -16.28 -19.76 -22.97
N LYS A 166 -15.27 -18.95 -22.75
CA LYS A 166 -13.90 -19.18 -23.14
C LYS A 166 -12.93 -19.18 -21.99
N VAL A 167 -11.82 -19.86 -22.11
CA VAL A 167 -10.78 -19.82 -21.12
C VAL A 167 -10.18 -18.45 -21.20
N PHE A 168 -10.04 -17.78 -20.05
CA PHE A 168 -9.39 -16.48 -20.00
C PHE A 168 -7.92 -16.63 -20.36
N PRO A 169 -7.36 -15.77 -21.26
CA PRO A 169 -5.99 -15.94 -21.73
C PRO A 169 -4.96 -15.41 -20.70
N ASN A 170 -4.92 -16.03 -19.57
CA ASN A 170 -4.00 -15.79 -18.50
C ASN A 170 -2.55 -16.21 -18.92
N PRO A 171 -1.54 -15.66 -18.20
CA PRO A 171 -0.20 -16.21 -18.36
C PRO A 171 -0.26 -17.73 -18.15
N GLY A 172 0.36 -18.43 -19.04
CA GLY A 172 0.34 -19.90 -19.05
C GLY A 172 -0.78 -20.52 -19.80
N LYS A 173 -1.89 -19.84 -19.97
CA LYS A 173 -3.00 -20.40 -20.74
C LYS A 173 -2.83 -20.15 -22.20
N VAL A 174 -2.12 -19.13 -22.58
CA VAL A 174 -1.70 -18.79 -23.95
C VAL A 174 -0.14 -18.69 -23.88
N PRO A 175 0.55 -18.71 -25.04
CA PRO A 175 2.01 -18.53 -24.99
C PRO A 175 2.34 -17.25 -24.28
N THR A 176 3.32 -17.34 -23.37
CA THR A 176 3.64 -16.33 -22.40
C THR A 176 5.15 -16.10 -22.32
N GLU A 177 5.57 -14.86 -22.19
CA GLU A 177 6.93 -14.54 -21.81
C GLU A 177 6.95 -14.01 -20.37
N PHE A 178 7.91 -14.51 -19.59
CA PHE A 178 8.14 -14.12 -18.24
C PHE A 178 9.56 -13.57 -18.13
N VAL A 179 9.71 -12.40 -17.48
CA VAL A 179 10.97 -11.76 -17.30
C VAL A 179 11.08 -11.33 -15.82
N PHE A 180 12.14 -11.79 -15.14
CA PHE A 180 12.50 -11.33 -13.80
C PHE A 180 14.00 -11.25 -13.77
N GLY A 181 14.54 -10.06 -13.49
CA GLY A 181 15.95 -9.92 -13.46
C GLY A 181 16.54 -10.46 -14.74
N ASN A 182 17.59 -11.28 -14.66
CA ASN A 182 18.21 -11.91 -15.80
C ASN A 182 17.52 -13.10 -16.38
N ARG A 183 16.45 -13.56 -15.72
CA ARG A 183 15.76 -14.74 -16.14
C ARG A 183 14.62 -14.45 -17.11
N VAL A 184 14.63 -15.16 -18.23
CA VAL A 184 13.56 -15.15 -19.21
C VAL A 184 13.01 -16.59 -19.39
N ASP A 185 11.69 -16.69 -19.46
CA ASP A 185 11.07 -17.92 -19.83
C ASP A 185 9.97 -17.72 -20.83
N ARG A 186 9.79 -18.61 -21.72
CA ARG A 186 8.69 -18.63 -22.64
C ARG A 186 7.96 -19.95 -22.44
N TYR A 187 6.67 -19.93 -22.24
CA TYR A 187 5.96 -21.15 -21.80
C TYR A 187 4.48 -21.15 -22.05
N VAL A 188 3.96 -22.35 -21.98
CA VAL A 188 2.53 -22.61 -21.87
C VAL A 188 2.38 -23.66 -20.77
N GLY A 189 1.48 -23.47 -19.83
CA GLY A 189 1.19 -24.40 -18.78
C GLY A 189 2.40 -24.75 -17.88
N SER A 190 2.32 -25.95 -17.35
CA SER A 190 3.32 -26.39 -16.38
C SER A 190 4.04 -27.66 -16.78
N ASP A 191 3.78 -28.19 -17.98
CA ASP A 191 4.53 -29.33 -18.49
C ASP A 191 5.85 -28.86 -19.08
N PRO A 192 6.96 -29.34 -18.58
CA PRO A 192 8.29 -28.91 -19.12
C PRO A 192 8.46 -29.04 -20.63
N LYS A 193 7.68 -29.95 -21.26
CA LYS A 193 7.70 -30.07 -22.68
C LYS A 193 7.19 -28.86 -23.44
N ASP A 194 6.45 -28.00 -22.73
CA ASP A 194 5.82 -26.79 -23.24
C ASP A 194 6.53 -25.50 -22.77
N TRP A 195 7.67 -25.69 -22.15
CA TRP A 195 8.61 -24.58 -21.79
C TRP A 195 9.78 -24.53 -22.73
N GLU A 196 10.15 -23.36 -23.19
CA GLU A 196 11.33 -23.26 -24.05
C GLU A 196 12.59 -23.79 -23.44
N ASP A 197 12.71 -23.61 -22.12
CA ASP A 197 13.79 -24.23 -21.33
C ASP A 197 13.12 -25.22 -20.37
N PRO A 198 13.12 -26.52 -20.70
CA PRO A 198 12.47 -27.43 -19.83
C PRO A 198 13.10 -27.59 -18.47
N ASP A 199 14.37 -27.17 -18.35
CA ASP A 199 15.09 -27.26 -17.05
C ASP A 199 15.05 -25.95 -16.34
N SER A 200 14.10 -25.10 -16.70
CA SER A 200 14.04 -23.75 -16.12
C SER A 200 13.98 -23.75 -14.63
N PRO A 201 14.77 -22.90 -13.98
CA PRO A 201 14.61 -22.75 -12.54
C PRO A 201 13.29 -22.20 -12.13
N THR A 202 12.66 -21.43 -12.98
CA THR A 202 11.34 -20.85 -12.70
C THR A 202 10.33 -21.96 -12.49
N LEU A 203 10.34 -22.93 -13.40
CA LEU A 203 9.40 -24.02 -13.29
C LEU A 203 9.75 -24.87 -12.05
N LYS A 204 11.04 -25.01 -11.69
CA LYS A 204 11.41 -25.74 -10.53
C LYS A 204 10.91 -25.00 -9.23
N VAL A 205 11.06 -23.68 -9.14
CA VAL A 205 10.57 -22.97 -8.01
C VAL A 205 9.06 -22.97 -7.91
N LEU A 206 8.38 -22.98 -9.05
CA LEU A 206 6.90 -23.12 -9.02
C LEU A 206 6.54 -24.49 -8.35
N GLY A 207 7.22 -25.57 -8.74
CA GLY A 207 6.88 -26.83 -8.15
C GLY A 207 7.13 -26.86 -6.66
N VAL A 208 8.23 -26.29 -6.19
CA VAL A 208 8.57 -26.15 -4.79
C VAL A 208 7.52 -25.38 -4.04
N VAL A 209 7.12 -24.21 -4.58
CA VAL A 209 6.19 -23.38 -3.85
C VAL A 209 4.80 -23.97 -3.87
N ALA A 210 4.34 -24.49 -5.04
CA ALA A 210 3.06 -25.23 -5.11
C ALA A 210 3.03 -26.42 -4.18
N GLY A 211 4.06 -27.25 -4.16
CA GLY A 211 4.12 -28.37 -3.23
C GLY A 211 4.01 -27.93 -1.81
N GLY A 212 4.68 -26.82 -1.47
CA GLY A 212 4.70 -26.34 -0.14
C GLY A 212 3.41 -25.72 0.32
N LEU A 213 2.69 -25.05 -0.56
CA LEU A 213 1.44 -24.40 -0.23
C LEU A 213 0.25 -25.29 -0.40
N VAL A 214 0.15 -25.98 -1.52
CA VAL A 214 -1.04 -26.74 -1.88
C VAL A 214 -0.92 -28.23 -1.48
N GLY A 215 0.22 -28.81 -1.78
CA GLY A 215 0.43 -30.22 -1.54
C GLY A 215 -0.38 -31.09 -2.52
N ASN A 216 -0.60 -32.31 -2.09
CA ASN A 216 -1.11 -33.40 -2.92
C ASN A 216 -2.54 -33.83 -2.51
N PRO A 217 -3.42 -34.01 -3.46
CA PRO A 217 -4.74 -34.47 -3.08
C PRO A 217 -4.80 -35.98 -2.65
N GLN A 218 -3.78 -36.75 -3.04
CA GLN A 218 -3.67 -38.17 -2.67
C GLN A 218 -2.29 -38.40 -2.21
N GLY A 219 -2.11 -39.40 -1.32
CA GLY A 219 -0.79 -39.81 -0.90
C GLY A 219 -0.24 -38.90 0.19
N GLU A 220 1.07 -38.97 0.34
CA GLU A 220 1.82 -38.31 1.35
C GLU A 220 1.45 -36.82 1.33
N ASN A 221 1.38 -36.33 2.54
CA ASN A 221 1.22 -34.89 2.80
C ASN A 221 2.60 -34.25 2.68
N VAL A 222 2.73 -33.32 1.77
CA VAL A 222 3.94 -32.58 1.52
C VAL A 222 3.86 -31.08 1.75
N ALA A 223 2.70 -30.58 2.05
CA ALA A 223 2.52 -29.12 2.25
C ALA A 223 3.09 -28.68 3.59
N MET A 224 3.56 -27.44 3.66
CA MET A 224 4.16 -26.89 4.85
C MET A 224 3.17 -26.39 5.89
N TYR A 225 1.97 -26.04 5.49
CA TYR A 225 0.96 -25.46 6.33
C TYR A 225 -0.31 -26.21 6.27
N PRO A 226 -0.38 -27.34 6.98
CA PRO A 226 -1.53 -28.21 6.90
C PRO A 226 -2.78 -27.56 7.44
N ILE A 227 -3.92 -28.12 7.02
CA ILE A 227 -5.20 -27.82 7.58
C ILE A 227 -5.74 -29.17 8.05
N ALA A 228 -6.15 -29.35 9.28
CA ALA A 228 -6.62 -30.63 9.79
C ALA A 228 -5.54 -31.73 9.64
N ASN A 229 -4.28 -31.29 9.73
CA ASN A 229 -3.11 -32.15 9.66
C ASN A 229 -2.89 -32.72 8.27
N VAL A 230 -3.52 -32.20 7.23
CA VAL A 230 -3.34 -32.73 5.87
C VAL A 230 -3.12 -31.53 4.93
N ASP A 231 -2.71 -31.92 3.71
CA ASP A 231 -2.47 -30.93 2.69
C ASP A 231 -3.72 -30.20 2.32
N PRO A 232 -3.63 -28.88 2.06
CA PRO A 232 -4.79 -28.16 1.57
C PRO A 232 -5.53 -28.77 0.39
N ALA A 233 -4.80 -29.40 -0.53
CA ALA A 233 -5.44 -30.09 -1.66
C ALA A 233 -6.47 -31.06 -1.19
N LYS A 234 -6.21 -31.77 -0.11
CA LYS A 234 -7.17 -32.74 0.41
C LYS A 234 -8.43 -32.04 0.97
N ILE A 235 -8.22 -30.92 1.63
CA ILE A 235 -9.33 -30.16 2.13
C ILE A 235 -10.22 -29.60 1.02
N ALA A 236 -9.55 -29.12 -0.03
CA ALA A 236 -10.31 -28.57 -1.19
C ALA A 236 -11.25 -29.63 -1.76
N ALA A 237 -10.85 -30.90 -1.80
CA ALA A 237 -11.70 -31.95 -2.34
C ALA A 237 -12.93 -32.18 -1.48
N ILE A 238 -12.77 -32.04 -0.16
CA ILE A 238 -13.87 -32.20 0.82
C ILE A 238 -14.85 -31.00 0.60
N LEU A 239 -14.33 -29.79 0.51
CA LEU A 239 -15.15 -28.60 0.37
C LEU A 239 -15.92 -28.55 -0.93
N ASN A 240 -15.43 -29.26 -1.94
CA ASN A 240 -16.15 -29.38 -3.18
C ASN A 240 -16.96 -30.69 -3.37
N ALA A 241 -17.07 -31.53 -2.37
CA ALA A 241 -17.77 -32.79 -2.50
C ALA A 241 -19.35 -32.48 -2.49
N ALA A 242 -20.21 -33.28 -3.11
CA ALA A 242 -21.70 -33.20 -2.94
C ALA A 242 -22.07 -33.68 -1.56
N THR A 243 -21.44 -34.79 -1.14
CA THR A 243 -21.73 -35.35 0.18
C THR A 243 -20.44 -35.65 0.86
N PRO A 244 -19.97 -34.63 1.56
CA PRO A 244 -18.86 -34.81 2.44
C PRO A 244 -19.20 -35.65 3.61
N PRO A 245 -18.23 -36.03 4.24
CA PRO A 245 -18.90 -35.54 5.79
C PRO A 245 -19.88 -34.25 6.25
N ALA A 246 -21.06 -34.58 6.71
CA ALA A 246 -21.61 -33.49 7.54
C ALA A 246 -20.62 -33.09 8.64
N ASP A 247 -20.04 -34.31 9.24
CA ASP A 247 -19.24 -33.95 10.31
C ASP A 247 -18.05 -33.20 9.81
N ALA A 248 -17.56 -33.49 8.62
CA ALA A 248 -16.32 -32.89 8.09
C ALA A 248 -16.54 -31.40 7.95
N LEU A 249 -17.69 -30.93 7.41
CA LEU A 249 -17.90 -29.51 7.20
C LEU A 249 -17.95 -28.75 8.50
N GLU A 250 -18.65 -29.32 9.49
CA GLU A 250 -18.74 -28.68 10.76
C GLU A 250 -17.37 -28.61 11.37
N ARG A 251 -16.61 -29.68 11.31
CA ARG A 251 -15.28 -29.64 11.91
C ARG A 251 -14.36 -28.64 11.25
N ILE A 252 -14.42 -28.52 9.93
CA ILE A 252 -13.70 -27.44 9.24
C ILE A 252 -14.13 -26.08 9.72
N GLN A 253 -15.44 -25.88 9.75
CA GLN A 253 -16.02 -24.60 10.08
C GLN A 253 -15.62 -24.15 11.47
N THR A 254 -15.75 -25.06 12.44
CA THR A 254 -15.66 -24.70 13.84
C THR A 254 -14.28 -24.94 14.46
N LYS A 255 -13.54 -25.94 13.95
CA LYS A 255 -12.27 -26.35 14.53
C LYS A 255 -11.07 -26.06 13.58
N TYR A 256 -11.04 -26.75 12.46
CA TYR A 256 -9.81 -26.78 11.74
C TYR A 256 -9.51 -25.48 10.99
N TRP A 257 -10.47 -24.81 10.36
CA TRP A 257 -10.17 -23.53 9.72
C TRP A 257 -9.86 -22.48 10.78
N PRO A 258 -10.67 -22.39 11.86
CA PRO A 258 -10.24 -21.50 12.95
C PRO A 258 -8.87 -21.73 13.49
N GLU A 259 -8.48 -22.97 13.62
CA GLU A 259 -7.08 -23.21 14.04
C GLU A 259 -6.04 -22.79 13.09
N PHE A 260 -6.30 -22.96 11.79
CA PHE A 260 -5.41 -22.45 10.75
C PHE A 260 -5.28 -20.92 10.90
N ILE A 261 -6.41 -20.25 11.05
CA ILE A 261 -6.42 -18.78 11.25
C ILE A 261 -5.57 -18.42 12.45
N ALA A 262 -5.82 -19.09 13.56
CA ALA A 262 -5.07 -18.79 14.81
C ALA A 262 -3.57 -18.90 14.59
N GLN A 263 -3.14 -19.90 13.84
CA GLN A 263 -1.74 -20.10 13.61
C GLN A 263 -1.12 -19.14 12.61
N TYR A 264 -1.87 -18.86 11.55
CA TYR A 264 -1.31 -18.24 10.32
C TYR A 264 -1.88 -16.90 9.92
N ASP A 265 -2.82 -16.35 10.62
CA ASP A 265 -3.29 -15.06 10.34
C ASP A 265 -2.24 -13.99 10.50
N GLY A 266 -1.21 -14.25 11.29
CA GLY A 266 -0.09 -13.37 11.46
C GLY A 266 1.10 -13.67 10.59
N LEU A 267 0.97 -14.51 9.58
CA LEU A 267 2.05 -14.86 8.67
C LEU A 267 1.69 -14.34 7.30
N THR A 268 2.53 -13.52 6.65
CA THR A 268 2.30 -13.05 5.33
C THR A 268 2.58 -14.16 4.30
N LEU A 269 2.00 -13.97 3.11
CA LEU A 269 2.30 -14.83 1.96
C LEU A 269 3.77 -14.78 1.63
N GLY A 270 4.36 -13.59 1.64
CA GLY A 270 5.80 -13.51 1.35
C GLY A 270 6.64 -14.25 2.33
N ALA A 271 6.30 -14.19 3.63
CA ALA A 271 7.03 -14.93 4.66
C ALA A 271 6.84 -16.41 4.40
N ALA A 272 5.68 -16.88 4.06
CA ALA A 272 5.41 -18.27 3.81
C ALA A 272 6.23 -18.75 2.62
N VAL A 273 6.27 -18.00 1.50
CA VAL A 273 7.05 -18.38 0.39
C VAL A 273 8.54 -18.54 0.82
N ARG A 274 9.06 -17.60 1.59
CA ARG A 274 10.48 -17.68 1.99
C ARG A 274 10.69 -18.89 2.90
N GLU A 275 9.75 -19.23 3.79
CA GLU A 275 9.94 -20.45 4.58
C GLU A 275 10.04 -21.68 3.73
N ILE A 276 9.14 -21.79 2.75
CA ILE A 276 9.11 -22.94 1.85
C ILE A 276 10.40 -23.03 1.03
N VAL A 277 10.82 -21.90 0.45
CA VAL A 277 12.03 -21.89 -0.35
C VAL A 277 13.23 -22.24 0.50
N THR A 278 13.28 -21.75 1.74
CA THR A 278 14.43 -22.02 2.62
C THR A 278 14.57 -23.52 2.85
N VAL A 279 13.46 -24.18 3.21
CA VAL A 279 13.54 -25.59 3.48
C VAL A 279 13.97 -26.32 2.25
N ALA A 280 13.47 -26.00 1.08
CA ALA A 280 13.79 -26.67 -0.16
C ALA A 280 15.24 -26.43 -0.54
N PHE A 281 15.76 -25.26 -0.26
CA PHE A 281 17.14 -24.98 -0.57
C PHE A 281 18.04 -25.78 0.41
N GLU A 282 17.67 -25.87 1.67
CA GLU A 282 18.47 -26.62 2.64
C GLU A 282 18.40 -28.08 2.23
N LYS A 283 17.36 -28.62 1.70
CA LYS A 283 17.27 -30.00 1.33
C LYS A 283 18.03 -30.26 0.03
N GLY A 284 18.33 -29.28 -0.76
CA GLY A 284 19.01 -29.43 -2.01
C GLY A 284 18.09 -29.60 -3.18
N THR A 285 16.81 -29.26 -3.01
CA THR A 285 15.87 -29.32 -4.09
C THR A 285 16.02 -28.13 -5.04
N LEU A 286 16.55 -27.01 -4.54
CA LEU A 286 16.91 -25.83 -5.34
C LEU A 286 18.42 -25.65 -5.19
N PRO A 287 19.11 -25.40 -6.31
CA PRO A 287 20.58 -25.22 -6.33
C PRO A 287 20.99 -23.83 -6.05
N PRO A 288 22.22 -23.55 -5.65
CA PRO A 288 22.66 -22.16 -5.62
C PRO A 288 22.40 -21.50 -6.96
N VAL A 289 21.94 -20.29 -6.94
CA VAL A 289 21.64 -19.52 -8.17
C VAL A 289 22.99 -19.20 -8.83
N ASP A 290 23.06 -19.52 -10.10
CA ASP A 290 24.30 -19.20 -10.94
C ASP A 290 25.42 -20.11 -10.51
N GLY A 291 25.13 -20.99 -9.57
CA GLY A 291 26.18 -21.76 -8.92
C GLY A 291 26.91 -20.92 -7.94
N VAL A 292 26.54 -19.68 -7.76
CA VAL A 292 27.46 -18.78 -7.05
C VAL A 292 26.90 -17.78 -6.02
N LEU A 293 25.60 -17.52 -6.07
CA LEU A 293 25.08 -16.66 -5.00
C LEU A 293 25.16 -17.45 -3.71
N ASP A 294 25.37 -16.75 -2.58
CA ASP A 294 25.40 -17.40 -1.26
C ASP A 294 24.04 -17.86 -0.83
N VAL A 295 23.89 -18.44 0.33
CA VAL A 295 22.64 -19.10 0.70
C VAL A 295 21.52 -18.08 0.75
N ASP A 296 21.73 -16.99 1.44
CA ASP A 296 20.62 -16.08 1.59
C ASP A 296 20.31 -15.36 0.28
N GLU A 297 21.35 -15.05 -0.50
CA GLU A 297 21.09 -14.48 -1.83
C GLU A 297 20.36 -15.41 -2.73
N SER A 298 20.67 -16.69 -2.69
CA SER A 298 19.95 -17.67 -3.48
C SER A 298 18.51 -17.78 -3.08
N ILE A 299 18.26 -17.95 -1.79
CA ILE A 299 16.89 -18.05 -1.30
C ILE A 299 16.14 -16.83 -1.72
N SER A 300 16.73 -15.66 -1.54
CA SER A 300 16.07 -14.40 -1.85
C SER A 300 15.72 -14.29 -3.32
N TYR A 301 16.65 -14.65 -4.18
CA TYR A 301 16.45 -14.68 -5.62
C TYR A 301 15.24 -15.54 -5.97
N TYR A 302 15.20 -16.75 -5.39
CA TYR A 302 14.07 -17.62 -5.66
C TYR A 302 12.79 -17.11 -5.15
N VAL A 303 12.75 -16.50 -3.97
CA VAL A 303 11.51 -15.91 -3.44
C VAL A 303 10.99 -14.82 -4.35
N GLU A 304 11.89 -14.00 -4.84
CA GLU A 304 11.51 -12.89 -5.67
C GLU A 304 11.18 -13.34 -7.11
N LEU A 305 11.83 -14.35 -7.62
CA LEU A 305 11.53 -14.96 -8.90
C LEU A 305 10.11 -15.48 -8.83
N PHE A 306 9.78 -16.31 -7.82
CA PHE A 306 8.43 -16.83 -7.65
C PHE A 306 7.46 -15.67 -7.55
N GLY A 307 7.86 -14.64 -6.79
CA GLY A 307 7.03 -13.47 -6.58
C GLY A 307 6.60 -12.87 -7.90
N ARG A 308 7.50 -12.76 -8.87
CA ARG A 308 7.11 -12.18 -10.15
C ARG A 308 6.34 -13.16 -11.01
N PHE A 309 6.56 -14.47 -10.84
CA PHE A 309 5.91 -15.47 -11.70
C PHE A 309 4.46 -15.68 -11.35
N GLY A 310 4.17 -15.97 -10.10
CA GLY A 310 2.80 -16.14 -9.66
C GLY A 310 2.22 -17.58 -9.73
N PHE A 311 0.92 -17.59 -9.54
CA PHE A 311 0.05 -18.75 -9.35
C PHE A 311 -0.86 -19.04 -10.51
N GLY A 312 -0.73 -18.28 -11.59
CA GLY A 312 -1.52 -18.45 -12.78
C GLY A 312 -2.18 -17.18 -13.29
N THR A 313 -2.10 -16.13 -12.54
CA THR A 313 -2.66 -14.79 -12.95
C THR A 313 -1.61 -13.64 -12.84
N GLY A 314 -0.31 -14.01 -12.94
CA GLY A 314 0.73 -13.04 -12.89
C GLY A 314 1.32 -12.93 -11.45
N GLY A 315 2.39 -12.16 -11.37
CA GLY A 315 3.12 -12.14 -10.11
C GLY A 315 2.28 -11.77 -8.91
N PHE A 316 2.40 -12.51 -7.81
CA PHE A 316 1.84 -12.18 -6.52
C PHE A 316 2.78 -11.47 -5.58
N LYS A 317 3.99 -11.19 -6.03
CA LYS A 317 4.91 -10.28 -5.29
C LYS A 317 4.17 -9.06 -4.73
N PRO A 318 3.39 -8.33 -5.54
CA PRO A 318 2.74 -7.12 -4.96
C PRO A 318 1.71 -7.49 -3.86
N LEU A 319 1.27 -8.74 -3.87
CA LEU A 319 0.30 -9.24 -2.90
C LEU A 319 0.99 -9.98 -1.74
N TYR A 320 2.32 -9.89 -1.60
CA TYR A 320 3.05 -10.69 -0.57
C TYR A 320 2.66 -10.33 0.83
N ASN A 321 2.05 -9.15 1.08
CA ASN A 321 1.63 -8.79 2.42
C ASN A 321 0.31 -9.34 2.84
N ILE A 322 -0.44 -9.96 1.92
CA ILE A 322 -1.68 -10.63 2.37
C ILE A 322 -1.35 -11.71 3.35
N SER A 323 -2.29 -12.01 4.25
CA SER A 323 -2.12 -13.13 5.12
C SER A 323 -2.03 -14.44 4.35
N LEU A 324 -1.33 -15.43 4.88
CA LEU A 324 -1.42 -16.79 4.32
C LEU A 324 -2.84 -17.27 4.31
N VAL A 325 -3.64 -16.89 5.31
CA VAL A 325 -5.07 -17.27 5.38
C VAL A 325 -5.77 -16.84 4.12
N GLU A 326 -5.55 -15.61 3.69
CA GLU A 326 -6.17 -15.06 2.50
C GLU A 326 -5.73 -15.79 1.24
N MET A 327 -4.42 -16.04 1.08
CA MET A 327 -3.94 -16.79 -0.06
C MET A 327 -4.53 -18.21 -0.05
N MET A 328 -4.65 -18.79 1.14
CA MET A 328 -5.15 -20.16 1.23
C MET A 328 -6.59 -20.29 0.78
N ARG A 329 -7.43 -19.27 0.99
CA ARG A 329 -8.76 -19.27 0.43
C ARG A 329 -8.76 -19.42 -1.11
N LEU A 330 -7.82 -18.72 -1.73
CA LEU A 330 -7.72 -18.77 -3.19
C LEU A 330 -7.13 -20.09 -3.66
N ILE A 331 -6.21 -20.65 -2.91
CA ILE A 331 -5.64 -21.99 -3.21
C ILE A 331 -6.76 -23.04 -3.11
N LEU A 332 -7.59 -23.04 -2.09
CA LEU A 332 -8.65 -24.05 -1.95
C LEU A 332 -9.62 -24.00 -3.07
N TRP A 333 -9.86 -22.76 -3.58
CA TRP A 333 -10.83 -22.43 -4.65
C TRP A 333 -10.32 -22.68 -6.05
N ASP A 334 -9.03 -23.03 -6.16
CA ASP A 334 -8.42 -23.19 -7.50
C ASP A 334 -8.66 -21.91 -8.32
N TYR A 335 -8.35 -20.76 -7.74
CA TYR A 335 -8.86 -19.49 -8.24
C TYR A 335 -8.43 -19.18 -9.68
N SER A 336 -7.25 -19.65 -10.05
CA SER A 336 -6.62 -19.23 -11.31
C SER A 336 -7.27 -19.84 -12.56
N ASN A 337 -8.11 -20.88 -12.38
CA ASN A 337 -8.68 -21.59 -13.49
C ASN A 337 -9.93 -20.78 -13.93
N GLU A 338 -9.74 -19.86 -14.83
CA GLU A 338 -10.77 -18.83 -15.08
C GLU A 338 -11.27 -18.80 -16.51
N TYR A 339 -12.47 -18.22 -16.68
CA TYR A 339 -13.24 -18.13 -17.91
C TYR A 339 -13.74 -16.70 -18.10
N THR A 340 -14.13 -16.44 -19.34
CA THR A 340 -14.88 -15.29 -19.77
C THR A 340 -16.38 -15.44 -19.56
N LEU A 341 -17.13 -14.36 -19.72
CA LEU A 341 -18.57 -14.35 -19.74
C LEU A 341 -19.05 -14.30 -21.19
N PRO A 342 -20.30 -14.73 -21.46
CA PRO A 342 -20.84 -14.74 -22.83
C PRO A 342 -21.39 -13.39 -23.23
N VAL A 343 -20.49 -12.39 -23.34
CA VAL A 343 -20.87 -10.97 -23.49
C VAL A 343 -19.85 -10.29 -24.41
N THR A 344 -20.26 -9.12 -24.88
CA THR A 344 -19.34 -8.15 -25.46
C THR A 344 -18.68 -7.30 -24.33
N GLU A 345 -19.45 -6.94 -23.33
CA GLU A 345 -18.98 -6.18 -22.17
C GLU A 345 -19.51 -6.80 -20.90
N ASN A 346 -18.65 -6.98 -19.91
CA ASN A 346 -19.08 -7.62 -18.67
C ASN A 346 -20.23 -6.89 -17.98
N VAL A 347 -20.38 -5.58 -18.14
CA VAL A 347 -21.50 -4.94 -17.57
C VAL A 347 -22.85 -5.50 -18.00
N GLU A 348 -22.90 -6.12 -19.19
CA GLU A 348 -24.14 -6.75 -19.62
C GLU A 348 -24.66 -7.80 -18.63
N PHE A 349 -23.73 -8.46 -17.93
CA PHE A 349 -24.15 -9.40 -16.92
C PHE A 349 -24.97 -8.73 -15.88
N ILE A 350 -24.49 -7.63 -15.28
CA ILE A 350 -25.17 -6.93 -14.22
C ILE A 350 -26.46 -6.28 -14.70
N ARG A 351 -26.44 -5.75 -15.91
CA ARG A 351 -27.65 -5.16 -16.54
C ARG A 351 -28.71 -6.24 -16.69
N ASN A 352 -28.33 -7.39 -17.22
CA ASN A 352 -29.29 -8.49 -17.43
C ASN A 352 -29.82 -8.96 -16.10
N LEU A 353 -29.08 -9.00 -15.04
CA LEU A 353 -29.56 -9.41 -13.73
C LEU A 353 -30.59 -8.39 -13.23
N PHE A 354 -30.33 -7.09 -13.46
CA PHE A 354 -31.29 -6.00 -13.13
C PHE A 354 -32.63 -6.23 -13.81
N LEU A 355 -32.56 -6.49 -15.12
CA LEU A 355 -33.77 -6.69 -15.89
C LEU A 355 -34.49 -7.91 -15.43
N LYS A 356 -33.78 -8.98 -15.18
CA LYS A 356 -34.37 -10.25 -14.64
C LYS A 356 -35.01 -10.04 -13.31
N ALA A 357 -34.41 -9.25 -12.42
CA ALA A 357 -35.02 -8.92 -11.11
C ALA A 357 -36.42 -8.38 -11.28
N GLN A 358 -36.57 -7.51 -12.24
CA GLN A 358 -37.88 -6.88 -12.48
C GLN A 358 -38.81 -7.87 -13.09
N ASN A 359 -38.33 -8.75 -13.94
CA ASN A 359 -39.20 -9.79 -14.58
C ASN A 359 -39.69 -10.76 -13.57
N VAL A 360 -38.79 -11.25 -12.71
CA VAL A 360 -39.18 -12.22 -11.75
C VAL A 360 -40.09 -11.64 -10.70
N GLY A 361 -39.99 -10.37 -10.37
CA GLY A 361 -40.84 -9.85 -9.35
C GLY A 361 -42.27 -9.91 -9.75
N ALA A 362 -42.52 -10.31 -11.01
CA ALA A 362 -43.93 -10.63 -11.46
C ALA A 362 -44.91 -9.53 -11.11
N GLY A 363 -44.52 -8.25 -11.19
CA GLY A 363 -45.46 -7.11 -10.86
C GLY A 363 -45.43 -6.67 -9.36
N LYS A 364 -45.00 -7.53 -8.48
CA LYS A 364 -44.92 -7.31 -7.03
C LYS A 364 -43.72 -6.54 -6.57
N LEU A 365 -42.76 -6.33 -7.44
CA LEU A 365 -41.60 -5.54 -7.22
C LEU A 365 -41.72 -4.26 -8.12
N VAL A 366 -41.58 -3.11 -7.50
CA VAL A 366 -41.44 -1.82 -8.17
C VAL A 366 -40.10 -1.29 -7.83
N VAL A 367 -39.38 -0.85 -8.83
CA VAL A 367 -38.03 -0.26 -8.68
C VAL A 367 -37.95 1.09 -9.25
N GLN A 368 -37.36 2.01 -8.48
CA GLN A 368 -37.00 3.31 -8.95
C GLN A 368 -35.55 3.56 -8.65
N VAL A 369 -34.93 4.21 -9.59
CA VAL A 369 -33.50 4.55 -9.57
C VAL A 369 -33.39 6.04 -9.22
N ARG A 370 -32.53 6.34 -8.26
CA ARG A 370 -32.14 7.68 -7.86
C ARG A 370 -30.70 7.95 -8.15
N GLN A 371 -30.40 8.99 -8.94
CA GLN A 371 -29.03 9.39 -9.16
C GLN A 371 -28.60 10.33 -8.05
N GLU A 372 -28.30 9.73 -6.91
CA GLU A 372 -27.97 10.48 -5.69
C GLU A 372 -26.86 9.77 -4.97
N ARG A 373 -26.06 10.52 -4.26
CA ARG A 373 -25.03 10.04 -3.40
C ARG A 373 -25.57 10.07 -1.97
N VAL A 374 -25.60 8.89 -1.37
CA VAL A 374 -25.96 8.76 0.07
C VAL A 374 -24.79 9.29 0.87
N ALA A 375 -25.08 10.20 1.78
CA ALA A 375 -24.14 10.79 2.67
C ALA A 375 -24.18 10.26 4.13
N ASN A 376 -25.38 9.84 4.55
CA ASN A 376 -25.57 9.31 5.90
C ASN A 376 -26.73 8.33 5.96
N ALA A 377 -26.56 7.39 6.86
CA ALA A 377 -27.62 6.47 7.25
C ALA A 377 -27.78 6.52 8.75
N CYS A 378 -29.00 6.28 9.25
CA CYS A 378 -29.23 6.18 10.68
C CYS A 378 -30.56 5.53 10.92
N HIS A 379 -30.83 5.10 12.17
CA HIS A 379 -32.21 4.82 12.57
C HIS A 379 -32.73 6.10 13.28
N SER A 380 -33.93 6.51 12.98
CA SER A 380 -34.46 7.61 13.74
C SER A 380 -35.92 7.58 13.87
N GLY A 381 -36.44 8.34 14.82
CA GLY A 381 -37.83 8.54 14.89
C GLY A 381 -38.53 7.41 15.58
N THR A 382 -39.84 7.48 15.50
CA THR A 382 -40.74 6.51 16.11
C THR A 382 -41.73 5.89 15.19
N ALA A 383 -41.70 6.25 13.91
CA ALA A 383 -42.61 5.69 12.93
C ALA A 383 -42.22 4.26 12.58
N SER A 384 -43.03 3.65 11.73
CA SER A 384 -42.81 2.28 11.33
C SER A 384 -41.53 2.12 10.52
N ALA A 385 -41.33 3.01 9.54
CA ALA A 385 -40.12 3.15 8.80
C ALA A 385 -39.11 4.05 9.49
N ARG A 386 -38.08 3.43 10.04
CA ARG A 386 -37.06 4.13 10.82
C ARG A 386 -35.70 4.21 10.21
N ALA A 387 -35.50 3.48 9.12
CA ALA A 387 -34.14 3.40 8.50
C ALA A 387 -34.02 4.58 7.49
N GLN A 388 -33.25 5.55 7.92
CA GLN A 388 -33.11 6.85 7.24
C GLN A 388 -31.89 6.89 6.32
N LEU A 389 -32.09 7.51 5.15
CA LEU A 389 -31.01 7.80 4.25
C LEU A 389 -31.07 9.25 3.87
N LEU A 390 -29.95 9.90 3.99
CA LEU A 390 -29.73 11.30 3.58
C LEU A 390 -28.83 11.30 2.38
N SER A 391 -29.23 11.95 1.32
CA SER A 391 -28.53 11.93 -0.01
C SER A 391 -28.52 13.26 -0.67
N TYR A 392 -27.67 13.39 -1.69
CA TYR A 392 -27.52 14.61 -2.47
C TYR A 392 -27.61 14.18 -3.93
N ASP A 393 -28.38 14.93 -4.70
CA ASP A 393 -28.50 14.72 -6.11
C ASP A 393 -27.34 15.39 -6.86
N SER A 394 -27.35 15.31 -8.19
CA SER A 394 -26.21 15.70 -9.00
C SER A 394 -25.95 17.22 -8.99
N HIS A 395 -26.93 18.02 -8.50
CA HIS A 395 -26.71 19.43 -8.30
C HIS A 395 -26.69 19.79 -6.80
N ASN A 396 -26.41 18.80 -5.99
CA ASN A 396 -26.15 18.99 -4.58
C ASN A 396 -27.36 19.33 -3.73
N ALA A 397 -28.57 19.10 -4.22
CA ALA A 397 -29.79 19.20 -3.40
C ALA A 397 -29.93 17.97 -2.50
N VAL A 398 -30.34 18.32 -1.27
CA VAL A 398 -30.52 17.30 -0.26
C VAL A 398 -31.86 16.55 -0.36
N HIS A 399 -31.83 15.28 0.00
CA HIS A 399 -33.02 14.48 0.08
C HIS A 399 -32.93 13.57 1.31
N SER A 400 -34.05 13.35 2.00
CA SER A 400 -34.14 12.43 3.07
C SER A 400 -35.33 11.52 2.88
N GLU A 401 -35.16 10.27 3.12
CA GLU A 401 -36.19 9.24 3.02
C GLU A 401 -36.02 8.16 4.06
N ALA A 402 -37.12 7.65 4.55
CA ALA A 402 -37.18 6.58 5.52
C ALA A 402 -37.73 5.32 4.83
N TYR A 403 -37.14 4.19 5.31
CA TYR A 403 -37.42 2.91 4.76
C TYR A 403 -37.67 1.90 5.86
N ASP A 404 -38.30 0.74 5.51
CA ASP A 404 -38.41 -0.41 6.38
C ASP A 404 -37.08 -1.07 6.58
N PHE A 405 -36.37 -1.25 5.48
CA PHE A 405 -35.04 -1.92 5.49
C PHE A 405 -34.15 -1.26 4.51
N VAL A 406 -32.86 -1.35 4.72
CA VAL A 406 -31.87 -0.77 3.79
C VAL A 406 -30.72 -1.75 3.62
N ILE A 407 -30.36 -2.00 2.37
CA ILE A 407 -29.14 -2.76 2.05
C ILE A 407 -28.10 -1.75 1.54
N LEU A 408 -26.98 -1.63 2.25
CA LEU A 408 -25.85 -0.77 1.96
C LEU A 408 -24.87 -1.57 1.12
N ALA A 409 -24.97 -1.39 -0.20
CA ALA A 409 -24.25 -2.22 -1.16
C ALA A 409 -23.11 -1.42 -1.78
N VAL A 410 -22.20 -0.93 -0.93
CA VAL A 410 -21.07 -0.15 -1.35
C VAL A 410 -19.88 -0.68 -0.62
N PRO A 411 -18.65 -0.61 -1.21
CA PRO A 411 -17.43 -1.12 -0.54
C PRO A 411 -17.02 -0.23 0.59
N HIS A 412 -16.00 -0.65 1.36
CA HIS A 412 -15.84 -0.16 2.71
C HIS A 412 -15.51 1.30 2.83
N ASP A 413 -14.62 1.80 1.98
CA ASP A 413 -14.28 3.24 2.05
C ASP A 413 -15.44 4.17 1.69
N GLN A 414 -16.32 3.69 0.78
CA GLN A 414 -17.51 4.40 0.46
C GLN A 414 -18.58 4.26 1.56
N LEU A 415 -18.54 3.18 2.28
CA LEU A 415 -19.52 2.92 3.41
C LEU A 415 -19.18 3.84 4.61
N THR A 416 -17.90 4.00 4.88
CA THR A 416 -17.41 4.72 6.08
C THR A 416 -18.13 6.03 6.34
N PRO A 417 -18.16 6.99 5.41
CA PRO A 417 -18.82 8.27 5.73
C PRO A 417 -20.28 8.11 6.05
N ILE A 418 -20.92 7.11 5.50
CA ILE A 418 -22.35 6.87 5.67
C ILE A 418 -22.71 6.42 7.08
N VAL A 419 -21.82 5.62 7.70
CA VAL A 419 -22.08 4.88 8.94
C VAL A 419 -21.30 5.34 10.13
N SER A 420 -20.28 6.20 9.98
CA SER A 420 -19.31 6.47 11.05
C SER A 420 -19.36 7.82 11.64
N ARG A 421 -20.27 8.73 11.25
CA ARG A 421 -20.28 10.10 11.63
C ARG A 421 -21.44 10.48 12.58
N SER A 422 -22.20 9.49 13.04
CA SER A 422 -23.36 9.65 13.88
C SER A 422 -23.10 9.15 15.29
N GLY A 423 -21.86 8.87 15.61
CA GLY A 423 -21.58 8.29 16.91
C GLY A 423 -22.06 6.83 17.05
N PHE A 424 -22.13 6.37 18.30
CA PHE A 424 -22.20 4.94 18.60
C PHE A 424 -23.34 4.59 19.52
N GLU A 425 -24.25 5.49 19.79
CA GLU A 425 -25.32 5.24 20.77
C GLU A 425 -26.50 6.13 20.51
N HIS A 426 -27.52 6.01 21.33
CA HIS A 426 -28.62 6.92 21.14
C HIS A 426 -28.21 8.38 21.23
N ALA A 427 -28.84 9.22 20.43
CA ALA A 427 -28.65 10.68 20.48
C ALA A 427 -30.00 11.32 20.33
N ALA A 428 -30.32 12.30 21.14
CA ALA A 428 -31.59 12.98 21.05
C ALA A 428 -31.84 13.63 19.72
N SER A 429 -30.87 14.28 19.13
CA SER A 429 -30.97 14.93 17.86
C SER A 429 -29.59 15.08 17.25
N GLN A 430 -29.55 14.95 15.92
CA GLN A 430 -28.35 15.21 15.15
C GLN A 430 -28.70 15.90 13.85
N ASN A 431 -27.85 16.81 13.42
CA ASN A 431 -27.93 17.51 12.12
C ASN A 431 -26.96 16.82 11.19
N LEU A 432 -27.43 15.84 10.43
CA LEU A 432 -26.57 15.05 9.61
C LEU A 432 -26.46 15.60 8.17
N GLY A 433 -25.34 15.27 7.54
CA GLY A 433 -25.06 15.61 6.17
C GLY A 433 -23.63 16.11 5.98
N ASP A 434 -23.36 16.62 4.79
CA ASP A 434 -22.00 16.96 4.41
C ASP A 434 -21.74 18.42 4.71
N ALA A 435 -21.79 18.79 5.98
CA ALA A 435 -21.68 20.16 6.42
C ALA A 435 -20.33 20.76 6.01
N GLY A 436 -19.24 20.02 6.03
CA GLY A 436 -17.95 20.57 5.70
C GLY A 436 -17.84 20.93 4.22
N LEU A 437 -18.67 20.33 3.36
CA LEU A 437 -18.75 20.67 1.91
C LEU A 437 -19.67 21.87 1.66
N GLY A 438 -20.27 22.40 2.72
CA GLY A 438 -21.23 23.48 2.63
C GLY A 438 -22.61 23.04 2.19
N LEU A 439 -22.88 21.76 2.24
CA LEU A 439 -24.16 21.22 1.83
C LEU A 439 -25.13 21.24 3.01
N GLU A 440 -26.41 21.15 2.66
CA GLU A 440 -27.49 21.28 3.66
C GLU A 440 -27.58 20.05 4.48
N THR A 441 -27.80 20.23 5.77
CA THR A 441 -27.97 19.17 6.71
C THR A 441 -29.47 18.91 6.98
N HIS A 442 -29.76 17.81 7.64
CA HIS A 442 -31.14 17.39 7.99
C HIS A 442 -31.12 16.97 9.43
N THR A 443 -32.09 17.44 10.21
CA THR A 443 -32.20 17.11 11.60
C THR A 443 -33.02 15.81 11.77
N TYR A 444 -32.39 14.84 12.43
CA TYR A 444 -33.00 13.56 12.81
C TYR A 444 -33.09 13.56 14.35
N ASN A 445 -34.17 13.01 14.86
CA ASN A 445 -34.45 12.94 16.27
C ASN A 445 -34.54 11.53 16.70
N GLN A 446 -34.14 11.24 17.94
CA GLN A 446 -34.13 9.89 18.51
C GLN A 446 -33.32 8.96 17.65
N VAL A 447 -32.03 9.28 17.53
CA VAL A 447 -31.14 8.72 16.51
C VAL A 447 -30.34 7.60 17.12
N TYR A 448 -30.25 6.49 16.36
CA TYR A 448 -29.33 5.42 16.69
C TYR A 448 -28.46 5.17 15.42
N PRO A 449 -27.24 4.67 15.61
CA PRO A 449 -26.38 4.36 14.48
C PRO A 449 -27.04 3.40 13.52
N PRO A 450 -26.71 3.45 12.24
CA PRO A 450 -27.30 2.49 11.29
C PRO A 450 -26.81 1.11 11.55
N LEU A 451 -25.52 0.82 11.82
CA LEU A 451 -24.99 -0.53 11.97
C LEU A 451 -25.12 -0.87 13.43
N LEU A 452 -26.38 -1.15 13.82
CA LEU A 452 -26.77 -1.20 15.22
C LEU A 452 -26.68 -2.60 15.82
N LEU A 453 -25.54 -2.87 16.45
CA LEU A 453 -25.30 -4.14 17.07
C LEU A 453 -25.74 -4.22 18.53
N SER A 454 -25.94 -3.05 19.13
CA SER A 454 -26.39 -2.98 20.55
C SER A 454 -27.18 -1.75 20.79
N ASP A 455 -28.33 -1.97 21.44
CA ASP A 455 -28.96 -1.01 22.33
C ASP A 455 -28.27 -0.55 23.59
N SER A 456 -27.15 -1.04 23.96
CA SER A 456 -26.54 -0.62 25.26
C SER A 456 -25.04 -0.48 25.26
N SER A 457 -24.35 -1.12 24.35
CA SER A 457 -22.88 -1.04 24.16
C SER A 457 -22.31 -0.13 23.11
N PRO A 458 -21.88 1.09 23.48
CA PRO A 458 -21.29 1.79 22.33
C PRO A 458 -20.08 1.03 21.71
N ALA A 459 -19.38 0.18 22.48
CA ALA A 459 -18.21 -0.48 21.88
C ALA A 459 -18.64 -1.46 20.80
N ALA A 460 -19.74 -2.19 20.95
CA ALA A 460 -20.17 -3.12 19.86
C ALA A 460 -20.48 -2.35 18.55
N ASN A 461 -21.17 -1.24 18.69
CA ASN A 461 -21.44 -0.36 17.55
C ASN A 461 -20.14 0.19 16.98
N ALA A 462 -19.21 0.52 17.84
CA ALA A 462 -17.92 1.04 17.40
C ALA A 462 -17.07 -0.05 16.75
N ARG A 463 -17.17 -1.27 17.18
CA ARG A 463 -16.37 -2.34 16.62
C ARG A 463 -16.70 -2.54 15.16
N ILE A 464 -18.00 -2.61 14.78
CA ILE A 464 -18.34 -2.81 13.40
C ILE A 464 -17.87 -1.64 12.54
N VAL A 465 -18.10 -0.41 13.00
CA VAL A 465 -17.73 0.81 12.24
C VAL A 465 -16.21 0.86 12.04
N THR A 466 -15.47 0.67 13.13
CA THR A 466 -14.01 0.77 13.09
C THR A 466 -13.44 -0.36 12.22
N ALA A 467 -14.01 -1.54 12.26
CA ALA A 467 -13.55 -2.65 11.42
C ALA A 467 -13.75 -2.26 9.96
N ILE A 468 -14.94 -1.83 9.56
CA ILE A 468 -15.21 -1.44 8.19
C ILE A 468 -14.13 -0.46 7.72
N GLY A 469 -13.93 0.59 8.54
CA GLY A 469 -13.07 1.65 8.10
C GLY A 469 -11.62 1.30 7.92
N GLN A 470 -11.17 0.24 8.54
CA GLN A 470 -9.80 -0.19 8.46
C GLN A 470 -9.58 -1.42 7.62
N LEU A 471 -10.54 -1.84 6.83
CA LEU A 471 -10.28 -2.93 5.86
C LEU A 471 -9.29 -2.39 4.83
N HIS A 472 -8.54 -3.27 4.21
CA HIS A 472 -7.53 -2.89 3.22
C HIS A 472 -8.09 -2.99 1.81
N MET A 473 -8.21 -1.84 1.17
CA MET A 473 -8.56 -1.81 -0.27
C MET A 473 -7.25 -1.91 -1.02
N ALA A 474 -7.04 -2.98 -1.76
CA ALA A 474 -5.88 -3.12 -2.61
C ALA A 474 -5.94 -2.07 -3.70
N ARG A 475 -4.77 -1.51 -4.01
CA ARG A 475 -4.58 -0.52 -5.09
C ARG A 475 -4.51 -1.28 -6.40
N SER A 476 -5.02 -0.70 -7.48
CA SER A 476 -4.94 -1.31 -8.81
C SER A 476 -5.11 -0.29 -9.89
N SER A 477 -4.46 -0.51 -11.00
CA SER A 477 -4.57 0.31 -12.19
C SER A 477 -4.48 -0.55 -13.45
N LYS A 478 -5.10 -0.06 -14.52
CA LYS A 478 -5.02 -0.68 -15.84
C LYS A 478 -4.73 0.31 -16.92
N VAL A 479 -3.65 0.06 -17.66
CA VAL A 479 -3.25 0.85 -18.82
C VAL A 479 -3.63 0.04 -20.06
N PHE A 480 -4.42 0.66 -20.95
CA PHE A 480 -4.89 0.04 -22.15
C PHE A 480 -4.51 0.89 -23.37
N ALA A 481 -4.44 0.18 -24.49
CA ALA A 481 -4.35 0.81 -25.82
C ALA A 481 -5.02 -0.12 -26.82
N THR A 482 -5.25 0.34 -28.04
CA THR A 482 -5.85 -0.44 -29.14
C THR A 482 -4.73 -0.80 -30.13
N VAL A 483 -4.65 -2.06 -30.51
CA VAL A 483 -3.63 -2.53 -31.43
C VAL A 483 -4.25 -3.44 -32.46
N LYS A 484 -3.80 -3.37 -33.70
CA LYS A 484 -4.22 -4.36 -34.68
C LYS A 484 -3.79 -5.71 -34.22
N THR A 485 -4.69 -6.69 -34.27
CA THR A 485 -4.33 -8.07 -33.91
C THR A 485 -3.17 -8.55 -34.73
N ALA A 486 -3.14 -8.13 -36.02
CA ALA A 486 -2.08 -8.55 -36.92
C ALA A 486 -0.67 -8.09 -36.46
N ALA A 487 -0.55 -7.17 -35.52
CA ALA A 487 0.74 -6.77 -34.96
C ALA A 487 1.38 -8.04 -34.32
N LEU A 488 0.59 -9.02 -33.88
CA LEU A 488 1.14 -10.20 -33.27
C LEU A 488 1.83 -11.10 -34.28
N ASP A 489 1.67 -10.81 -35.57
CA ASP A 489 2.24 -11.67 -36.59
C ASP A 489 3.54 -10.97 -37.09
N GLN A 490 4.01 -9.90 -36.51
CA GLN A 490 5.32 -9.29 -36.86
C GLN A 490 6.44 -10.33 -36.55
N PRO A 491 7.54 -10.29 -37.31
CA PRO A 491 8.52 -11.30 -37.18
C PRO A 491 9.23 -11.27 -35.84
N TRP A 492 9.25 -10.12 -35.17
CA TRP A 492 9.87 -10.01 -33.86
C TRP A 492 8.99 -10.43 -32.71
N VAL A 493 7.70 -10.84 -32.91
CA VAL A 493 6.83 -11.37 -31.88
C VAL A 493 7.12 -12.85 -31.80
N PRO A 494 7.61 -13.38 -30.66
CA PRO A 494 7.81 -14.82 -30.57
C PRO A 494 6.55 -15.65 -30.67
N GLN A 495 6.67 -16.90 -31.12
CA GLN A 495 5.54 -17.77 -31.27
C GLN A 495 5.88 -19.13 -30.73
N TRP A 496 4.82 -19.84 -30.37
CA TRP A 496 4.86 -21.26 -29.93
C TRP A 496 3.86 -22.03 -30.72
N ARG A 497 4.29 -23.02 -31.55
CA ARG A 497 3.38 -23.82 -32.37
C ARG A 497 2.43 -23.03 -33.17
N GLY A 498 2.95 -21.95 -33.74
CA GLY A 498 2.18 -21.11 -34.56
C GLY A 498 1.45 -20.03 -33.87
N GLU A 499 1.47 -19.96 -32.55
CA GLU A 499 0.67 -19.03 -31.89
C GLU A 499 1.60 -17.95 -31.22
N PRO A 500 1.34 -16.67 -31.52
CA PRO A 500 2.09 -15.64 -30.89
C PRO A 500 1.94 -15.55 -29.39
N ILE A 501 2.97 -15.05 -28.75
CA ILE A 501 2.88 -14.69 -27.36
C ILE A 501 1.81 -13.58 -27.16
N LYS A 502 0.92 -13.81 -26.17
CA LYS A 502 -0.21 -12.93 -25.89
C LYS A 502 -0.33 -12.50 -24.43
N ALA A 503 0.63 -12.92 -23.60
CA ALA A 503 0.66 -12.54 -22.18
C ALA A 503 2.15 -12.35 -21.88
N VAL A 504 2.46 -11.31 -21.13
CA VAL A 504 3.80 -11.00 -20.72
C VAL A 504 3.81 -10.62 -19.26
N VAL A 505 4.55 -11.33 -18.44
CA VAL A 505 4.65 -11.09 -16.97
C VAL A 505 6.06 -10.63 -16.76
N SER A 506 6.28 -9.43 -16.19
CA SER A 506 7.60 -8.83 -16.17
C SER A 506 7.83 -7.96 -14.96
N ASP A 507 9.10 -7.80 -14.62
CA ASP A 507 9.55 -6.84 -13.58
C ASP A 507 9.97 -5.51 -14.10
N SER A 508 9.46 -5.16 -15.31
CA SER A 508 9.73 -3.91 -16.00
C SER A 508 9.04 -2.65 -15.38
N GLY A 509 8.10 -2.97 -14.49
CA GLY A 509 7.18 -1.96 -13.97
C GLY A 509 5.78 -2.17 -14.49
N LEU A 510 5.61 -2.84 -15.65
CA LEU A 510 4.33 -3.10 -16.24
C LEU A 510 3.50 -4.19 -15.52
N ALA A 511 4.26 -5.07 -14.88
CA ALA A 511 3.77 -6.25 -14.07
C ALA A 511 3.20 -7.32 -14.94
N ALA A 512 2.07 -7.09 -15.61
CA ALA A 512 1.31 -8.11 -16.31
C ALA A 512 0.69 -7.39 -17.50
N SER A 513 0.81 -7.98 -18.66
CA SER A 513 0.35 -7.39 -19.92
C SER A 513 -0.29 -8.49 -20.74
N TYR A 514 -1.36 -8.10 -21.47
CA TYR A 514 -2.21 -9.08 -22.19
C TYR A 514 -2.60 -8.47 -23.53
N VAL A 515 -2.67 -9.23 -24.58
CA VAL A 515 -3.15 -8.72 -25.91
C VAL A 515 -4.44 -9.53 -26.19
N VAL A 516 -5.57 -8.91 -25.82
CA VAL A 516 -6.88 -9.70 -25.73
C VAL A 516 -7.62 -9.37 -27.00
N PRO A 517 -8.05 -10.41 -27.73
CA PRO A 517 -8.78 -10.10 -28.97
C PRO A 517 -10.12 -9.31 -28.66
N SER A 518 -10.46 -8.40 -29.54
CA SER A 518 -11.71 -7.71 -29.35
C SER A 518 -12.87 -8.67 -29.28
N PRO A 519 -13.82 -8.41 -28.36
CA PRO A 519 -15.00 -9.27 -28.29
C PRO A 519 -16.05 -8.76 -29.25
N ILE A 520 -15.83 -7.68 -29.96
CA ILE A 520 -16.81 -7.15 -30.92
C ILE A 520 -16.47 -7.86 -32.28
N VAL A 521 -16.98 -8.98 -32.50
CA VAL A 521 -16.61 -9.76 -33.75
C VAL A 521 -17.60 -10.91 -33.94
N ALA A 526 -11.70 -13.79 -36.79
CA ALA A 526 -10.69 -13.12 -35.95
C ALA A 526 -10.85 -11.61 -36.02
N PRO A 527 -10.81 -10.96 -34.90
CA PRO A 527 -11.05 -9.53 -34.91
C PRO A 527 -9.91 -8.70 -35.41
N GLU A 528 -10.23 -7.61 -36.07
CA GLU A 528 -9.21 -6.69 -36.56
C GLU A 528 -8.37 -6.14 -35.45
N TYR A 529 -8.99 -5.84 -34.31
CA TYR A 529 -8.33 -5.19 -33.21
C TYR A 529 -8.28 -6.11 -31.97
N SER A 530 -7.32 -5.73 -31.12
CA SER A 530 -7.15 -6.29 -29.80
C SER A 530 -7.09 -5.14 -28.80
N SER A 531 -7.49 -5.45 -27.55
CA SER A 531 -7.20 -4.60 -26.40
C SER A 531 -5.84 -4.94 -25.86
N LEU A 532 -4.92 -4.00 -25.96
CA LEU A 532 -3.59 -4.17 -25.44
C LEU A 532 -3.66 -3.65 -23.98
N LEU A 533 -3.82 -4.59 -23.05
CA LEU A 533 -3.72 -4.31 -21.62
C LEU A 533 -2.26 -4.25 -21.30
N ALA A 534 -1.64 -3.10 -21.53
CA ALA A 534 -0.26 -2.90 -21.45
C ALA A 534 0.28 -3.08 -20.05
N SER A 535 -0.52 -2.74 -19.03
CA SER A 535 -0.10 -2.91 -17.64
C SER A 535 -1.32 -3.03 -16.74
N TYR A 536 -1.38 -4.16 -16.02
CA TYR A 536 -2.38 -4.41 -14.97
C TYR A 536 -1.60 -4.63 -13.69
N THR A 537 -1.65 -3.66 -12.79
CA THR A 537 -0.91 -3.66 -11.58
C THR A 537 -1.74 -3.67 -10.33
N TRP A 538 -1.17 -4.24 -9.29
CA TRP A 538 -1.69 -4.25 -7.92
C TRP A 538 -0.70 -3.60 -6.95
N GLU A 539 -1.23 -2.97 -5.91
CA GLU A 539 -0.49 -2.61 -4.72
C GLU A 539 0.73 -1.77 -5.12
N ASP A 540 1.92 -2.10 -4.63
CA ASP A 540 3.07 -1.25 -4.87
C ASP A 540 3.40 -1.19 -6.38
N ASP A 541 3.10 -2.19 -7.16
CA ASP A 541 3.31 -2.11 -8.57
C ASP A 541 2.54 -0.94 -9.17
N SER A 542 1.30 -0.71 -8.65
CA SER A 542 0.47 0.39 -9.10
C SER A 542 1.00 1.70 -8.56
N THR A 543 1.38 1.74 -7.25
CA THR A 543 1.92 2.96 -6.67
C THR A 543 3.10 3.51 -7.48
N ARG A 544 4.00 2.59 -7.94
CA ARG A 544 5.18 2.99 -8.62
C ARG A 544 4.85 3.75 -9.93
N LEU A 545 3.74 3.39 -10.61
CA LEU A 545 3.36 4.01 -11.84
C LEU A 545 2.58 5.28 -11.70
N ARG A 546 1.98 5.52 -10.53
CA ARG A 546 0.90 6.42 -10.43
C ARG A 546 1.27 7.86 -10.79
N HIS A 547 2.48 8.30 -10.47
CA HIS A 547 2.94 9.62 -10.83
C HIS A 547 2.86 9.92 -12.31
N ASP A 548 2.84 8.91 -13.17
CA ASP A 548 2.85 9.09 -14.65
C ASP A 548 1.45 9.10 -15.23
N PHE A 549 0.40 8.98 -14.47
CA PHE A 549 -0.92 8.83 -15.08
C PHE A 549 -1.50 10.10 -15.62
N GLY A 550 -1.10 11.26 -15.11
CA GLY A 550 -1.50 12.56 -15.69
C GLY A 550 -2.82 13.06 -15.21
N LEU A 551 -3.88 12.32 -15.42
CA LEU A 551 -5.23 12.70 -15.05
C LEU A 551 -5.78 11.52 -14.25
N TYR A 552 -6.59 11.81 -13.24
CA TYR A 552 -7.04 10.83 -12.26
C TYR A 552 -8.51 11.01 -12.00
N PRO A 553 -9.28 9.93 -11.93
CA PRO A 553 -8.82 8.54 -12.05
C PRO A 553 -8.64 8.03 -13.48
N GLN A 554 -9.12 8.76 -14.48
CA GLN A 554 -9.09 8.30 -15.84
C GLN A 554 -8.34 9.30 -16.72
N ASN A 555 -7.42 8.80 -17.55
CA ASN A 555 -6.80 9.56 -18.60
C ASN A 555 -7.04 8.74 -19.86
N PRO A 556 -7.75 9.28 -20.86
CA PRO A 556 -8.33 10.63 -20.95
C PRO A 556 -9.54 10.82 -20.06
N ALA A 557 -9.82 12.04 -19.64
CA ALA A 557 -11.02 12.30 -18.92
C ALA A 557 -12.23 12.47 -19.91
N THR A 558 -11.95 12.79 -21.15
CA THR A 558 -12.93 13.03 -22.17
C THR A 558 -13.07 11.84 -23.07
N GLU A 559 -14.09 11.83 -23.90
CA GLU A 559 -14.26 10.72 -24.90
C GLU A 559 -13.29 10.78 -26.04
N THR A 560 -12.84 11.97 -26.41
CA THR A 560 -11.98 12.10 -27.55
C THR A 560 -10.53 12.31 -27.34
N GLY A 561 -10.14 12.44 -26.08
CA GLY A 561 -8.69 12.57 -25.75
C GLY A 561 -7.96 11.24 -25.83
N THR A 562 -6.65 11.28 -25.65
CA THR A 562 -5.81 10.10 -25.65
C THR A 562 -4.74 10.31 -24.60
N ALA A 563 -4.42 9.30 -23.78
CA ALA A 563 -3.38 9.39 -22.76
C ALA A 563 -2.02 9.05 -23.34
N ASP A 564 -1.63 9.82 -24.36
CA ASP A 564 -0.44 9.49 -25.14
C ASP A 564 0.86 9.65 -24.28
N GLY A 565 0.97 10.75 -23.57
CA GLY A 565 2.14 10.93 -22.73
C GLY A 565 2.27 9.87 -21.66
N MET A 566 1.17 9.53 -20.99
CA MET A 566 1.19 8.46 -20.03
C MET A 566 1.65 7.19 -20.66
N TYR A 567 1.09 6.83 -21.79
CA TYR A 567 1.37 5.58 -22.42
C TYR A 567 2.82 5.50 -22.90
N ARG A 568 3.37 6.63 -23.36
CA ARG A 568 4.78 6.68 -23.72
C ARG A 568 5.65 6.29 -22.57
N THR A 569 5.32 6.68 -21.32
CA THR A 569 6.11 6.31 -20.13
C THR A 569 6.08 4.81 -19.92
N MET A 570 5.04 4.16 -20.36
CA MET A 570 4.92 2.72 -20.27
C MET A 570 5.77 1.98 -21.36
N VAL A 571 5.68 2.54 -22.55
CA VAL A 571 6.59 2.10 -23.67
C VAL A 571 8.03 2.25 -23.20
N ASN A 572 8.31 3.36 -22.54
CA ASN A 572 9.71 3.65 -22.11
C ASN A 572 10.15 2.69 -20.98
N ARG A 573 9.28 2.20 -20.15
CA ARG A 573 9.63 1.17 -19.16
C ARG A 573 9.97 -0.16 -19.85
N ALA A 574 9.35 -0.40 -21.03
CA ALA A 574 9.64 -1.58 -21.79
C ALA A 574 10.93 -1.49 -22.63
N TYR A 575 11.53 -0.31 -22.70
CA TYR A 575 12.71 -0.11 -23.47
C TYR A 575 13.96 -0.52 -22.66
N ARG A 576 14.14 -1.84 -22.65
CA ARG A 576 15.14 -2.49 -21.87
C ARG A 576 15.88 -3.48 -22.71
N TYR A 577 17.17 -3.63 -22.46
CA TYR A 577 17.97 -4.61 -23.17
C TYR A 577 17.82 -5.98 -22.52
N VAL A 578 17.31 -6.93 -23.28
CA VAL A 578 16.97 -8.25 -22.77
C VAL A 578 17.82 -9.25 -23.54
N LYS A 579 18.53 -10.11 -22.79
CA LYS A 579 19.38 -11.16 -23.30
C LYS A 579 18.61 -12.47 -23.29
N TYR A 580 18.46 -13.07 -24.44
CA TYR A 580 17.91 -14.42 -24.61
C TYR A 580 19.02 -15.44 -24.76
N ALA A 581 18.77 -16.64 -24.28
CA ALA A 581 19.76 -17.71 -24.34
C ALA A 581 20.12 -17.95 -25.72
N GLY A 582 21.41 -18.10 -25.89
CA GLY A 582 22.00 -18.43 -27.12
C GLY A 582 22.43 -17.24 -27.93
N ALA A 583 21.83 -16.05 -27.63
CA ALA A 583 22.07 -14.81 -28.36
C ALA A 583 23.41 -14.29 -27.81
N SER A 584 24.11 -13.63 -28.67
CA SER A 584 25.36 -13.06 -28.44
C SER A 584 25.25 -11.80 -27.55
N ASN A 585 24.25 -10.99 -27.81
CA ASN A 585 24.06 -9.74 -27.15
C ASN A 585 22.62 -9.48 -26.81
N ALA A 586 22.40 -8.80 -25.70
CA ALA A 586 21.10 -8.25 -25.49
C ALA A 586 20.61 -7.28 -26.68
N GLN A 587 19.28 -7.19 -26.85
CA GLN A 587 18.73 -6.23 -27.82
C GLN A 587 17.45 -5.54 -27.26
N PRO A 588 16.99 -4.31 -27.67
CA PRO A 588 15.80 -3.87 -26.98
C PRO A 588 14.70 -4.84 -27.09
N TRP A 589 14.02 -4.98 -25.96
CA TRP A 589 12.92 -5.98 -25.74
C TRP A 589 11.95 -5.89 -26.88
N TRP A 590 11.57 -7.00 -27.47
CA TRP A 590 10.57 -6.99 -28.48
C TRP A 590 9.24 -6.43 -28.01
N PHE A 591 8.98 -6.56 -26.71
CA PHE A 591 7.69 -6.09 -26.20
C PHE A 591 7.60 -4.57 -26.27
N TYR A 592 8.74 -3.85 -26.23
CA TYR A 592 8.74 -2.41 -26.53
C TYR A 592 8.14 -2.12 -27.89
N GLN A 593 8.58 -2.90 -28.89
CA GLN A 593 8.08 -2.76 -30.25
C GLN A 593 6.61 -3.00 -30.31
N LEU A 594 6.12 -4.04 -29.61
CA LEU A 594 4.69 -4.34 -29.64
C LEU A 594 3.91 -3.25 -29.01
N LEU A 595 4.30 -2.78 -27.83
CA LEU A 595 3.59 -1.65 -27.22
C LEU A 595 3.54 -0.45 -28.14
N ALA A 596 4.64 -0.16 -28.83
CA ALA A 596 4.72 1.02 -29.70
C ALA A 596 3.78 0.84 -30.90
N GLU A 597 3.37 -0.38 -31.25
CA GLU A 597 2.47 -0.61 -32.37
C GLU A 597 1.08 -0.21 -32.10
N ALA A 598 0.70 0.01 -30.85
CA ALA A 598 -0.65 0.46 -30.56
C ALA A 598 -0.91 1.81 -31.25
N ARG A 599 -2.12 2.04 -31.68
CA ARG A 599 -2.43 3.34 -32.28
C ARG A 599 -2.31 4.50 -31.28
N THR A 600 -2.11 5.68 -31.80
CA THR A 600 -1.98 6.88 -30.94
C THR A 600 -3.26 7.17 -30.21
N ALA A 601 -4.40 7.19 -30.92
CA ALA A 601 -5.71 7.44 -30.36
C ALA A 601 -6.07 6.35 -29.36
N ASP A 602 -6.83 6.69 -28.36
CA ASP A 602 -7.46 5.70 -27.49
C ASP A 602 -6.51 5.02 -26.50
N ARG A 603 -5.39 5.68 -26.22
CA ARG A 603 -4.52 5.27 -25.11
C ARG A 603 -5.15 5.70 -23.81
N PHE A 604 -5.06 4.86 -22.78
CA PHE A 604 -5.98 4.98 -21.62
C PHE A 604 -5.30 4.42 -20.37
N VAL A 605 -5.62 5.04 -19.24
CA VAL A 605 -5.41 4.48 -17.93
C VAL A 605 -6.60 4.78 -17.07
N PHE A 606 -6.93 3.78 -16.24
CA PHE A 606 -7.86 3.99 -15.15
C PHE A 606 -7.19 3.54 -13.86
N ASP A 607 -7.21 4.41 -12.89
CA ASP A 607 -6.62 4.18 -11.59
C ASP A 607 -7.71 3.99 -10.54
N TRP A 608 -7.94 2.77 -10.14
CA TRP A 608 -8.96 2.53 -9.12
C TRP A 608 -8.68 3.18 -7.82
N THR A 609 -7.41 3.45 -7.57
CA THR A 609 -7.01 4.03 -6.32
C THR A 609 -7.53 5.46 -6.12
N THR A 610 -7.61 6.22 -7.25
CA THR A 610 -8.07 7.59 -7.25
C THR A 610 -9.58 7.71 -7.64
N ASN A 611 -10.22 6.60 -7.96
CA ASN A 611 -11.69 6.51 -7.99
C ASN A 611 -12.17 6.63 -6.54
N LYS A 612 -13.45 6.86 -6.39
CA LYS A 612 -14.08 7.04 -5.07
C LYS A 612 -14.09 5.79 -4.27
N THR A 613 -13.84 4.63 -4.87
CA THR A 613 -13.62 3.38 -4.11
C THR A 613 -12.36 3.36 -3.33
N ALA A 614 -11.38 4.22 -3.59
CA ALA A 614 -10.08 4.26 -2.90
C ALA A 614 -9.35 2.94 -3.07
N GLY A 615 -9.41 2.42 -4.30
CA GLY A 615 -8.77 1.21 -4.70
C GLY A 615 -9.66 0.28 -5.45
N GLY A 616 -9.09 -0.92 -5.73
CA GLY A 616 -9.74 -1.92 -6.53
C GLY A 616 -10.62 -2.83 -5.79
N PHE A 617 -10.18 -3.43 -4.65
CA PHE A 617 -10.93 -4.46 -3.98
C PHE A 617 -10.22 -4.82 -2.66
N LYS A 618 -10.97 -5.38 -1.76
CA LYS A 618 -10.40 -5.79 -0.44
C LYS A 618 -9.45 -6.94 -0.59
N LEU A 619 -8.29 -6.85 0.04
CA LEU A 619 -7.42 -8.02 0.29
C LEU A 619 -6.96 -7.90 1.73
N ASP A 620 -7.05 -9.00 2.48
CA ASP A 620 -6.75 -8.95 3.90
C ASP A 620 -5.25 -9.08 4.18
N MET A 621 -4.76 -8.10 4.97
CA MET A 621 -3.44 -8.15 5.59
C MET A 621 -3.42 -9.08 6.76
N THR A 622 -2.25 -9.31 7.33
CA THR A 622 -2.14 -10.07 8.58
C THR A 622 -2.99 -9.33 9.62
N GLY A 623 -3.71 -10.12 10.40
CA GLY A 623 -4.59 -9.64 11.41
C GLY A 623 -5.94 -9.12 10.96
N ASP A 624 -6.17 -9.01 9.63
CA ASP A 624 -7.41 -8.43 9.10
C ASP A 624 -8.59 -9.39 9.15
N HIS A 625 -8.33 -10.71 9.34
CA HIS A 625 -9.45 -11.70 9.39
C HIS A 625 -10.52 -11.26 10.28
N HIS A 626 -10.16 -10.83 11.49
CA HIS A 626 -11.14 -10.47 12.43
C HIS A 626 -11.98 -9.30 12.06
N GLN A 627 -11.44 -8.41 11.27
CA GLN A 627 -12.23 -7.27 10.76
C GLN A 627 -13.13 -7.72 9.62
N SER A 628 -12.59 -8.41 8.62
CA SER A 628 -13.43 -8.80 7.52
C SER A 628 -14.47 -9.82 7.92
N ASN A 629 -14.11 -10.70 8.82
CA ASN A 629 -15.06 -11.78 9.26
C ASN A 629 -16.20 -11.21 10.07
N LEU A 630 -15.97 -10.16 10.82
CA LEU A 630 -17.02 -9.50 11.50
C LEU A 630 -18.01 -8.97 10.53
N CYS A 631 -17.52 -8.32 9.47
CA CYS A 631 -18.36 -7.81 8.43
C CYS A 631 -19.14 -8.90 7.67
N PHE A 632 -18.47 -10.02 7.41
CA PHE A 632 -19.06 -11.19 6.78
C PHE A 632 -20.21 -11.78 7.61
N ARG A 633 -20.09 -11.70 8.96
CA ARG A 633 -21.09 -12.23 9.80
C ARG A 633 -22.15 -11.21 10.25
N TYR A 634 -22.01 -9.99 9.87
CA TYR A 634 -22.84 -8.89 10.37
C TYR A 634 -24.34 -9.11 10.27
N HIS A 635 -24.77 -9.73 9.14
CA HIS A 635 -26.20 -9.97 8.88
C HIS A 635 -26.85 -10.91 9.93
N THR A 636 -26.04 -11.61 10.71
CA THR A 636 -26.57 -12.40 11.77
C THR A 636 -27.14 -11.58 12.94
N HIS A 637 -27.02 -10.26 12.88
CA HIS A 637 -27.73 -9.43 13.88
C HIS A 637 -29.21 -9.66 13.86
N ALA A 638 -29.77 -10.13 12.72
CA ALA A 638 -31.18 -10.43 12.55
C ALA A 638 -31.68 -11.42 13.57
N LEU A 639 -30.83 -12.22 14.15
CA LEU A 639 -31.20 -13.21 15.16
C LEU A 639 -31.63 -12.52 16.46
N ALA A 640 -31.14 -11.32 16.74
CA ALA A 640 -31.44 -10.54 18.00
C ALA A 640 -32.73 -9.83 17.70
N ALA A 641 -33.88 -10.37 18.17
CA ALA A 641 -35.20 -9.80 17.78
C ALA A 641 -35.46 -8.39 18.25
N SER A 642 -35.21 -8.10 19.52
CA SER A 642 -35.49 -6.78 20.07
C SER A 642 -34.61 -5.64 19.56
N LEU A 643 -33.46 -5.98 19.02
CA LEU A 643 -32.57 -5.05 18.45
C LEU A 643 -33.19 -4.24 17.28
N ASP A 644 -33.83 -4.94 16.40
CA ASP A 644 -34.60 -4.33 15.39
C ASP A 644 -33.79 -3.50 14.42
N ASN A 645 -32.58 -3.89 14.16
CA ASN A 645 -31.63 -3.14 13.22
C ASN A 645 -32.14 -3.45 11.79
N ARG A 646 -32.32 -2.39 11.03
CA ARG A 646 -32.85 -2.49 9.72
C ARG A 646 -31.85 -2.40 8.58
N PHE A 647 -30.55 -2.36 8.89
CA PHE A 647 -29.55 -2.16 7.89
C PHE A 647 -28.67 -3.42 7.73
N PHE A 648 -28.50 -3.77 6.44
CA PHE A 648 -27.64 -4.87 6.03
C PHE A 648 -26.62 -4.33 5.07
N ILE A 649 -25.50 -5.05 4.90
CA ILE A 649 -24.39 -4.63 4.05
C ILE A 649 -24.14 -5.68 2.93
N ALA A 650 -23.76 -5.25 1.75
CA ALA A 650 -23.67 -6.17 0.59
C ALA A 650 -22.57 -5.72 -0.35
N SER A 651 -21.35 -6.22 -0.21
CA SER A 651 -20.22 -5.92 -1.08
C SER A 651 -19.15 -6.99 -0.92
N ASP A 652 -18.26 -7.06 -1.93
CA ASP A 652 -17.12 -7.90 -1.74
C ASP A 652 -16.22 -7.50 -0.54
N SER A 653 -16.30 -6.24 -0.11
CA SER A 653 -15.61 -5.81 1.11
C SER A 653 -16.09 -6.56 2.33
N TYR A 654 -17.30 -7.12 2.32
CA TYR A 654 -17.86 -7.76 3.52
C TYR A 654 -17.94 -9.27 3.27
N SER A 655 -16.88 -9.78 2.64
CA SER A 655 -16.74 -11.15 2.24
C SER A 655 -15.34 -11.62 2.45
N HIS A 656 -15.13 -12.93 2.22
CA HIS A 656 -13.80 -13.53 2.18
C HIS A 656 -13.39 -13.85 0.77
N LEU A 657 -13.88 -13.07 -0.17
CA LEU A 657 -13.51 -13.11 -1.60
C LEU A 657 -13.50 -11.68 -2.15
N GLY A 658 -12.82 -10.78 -1.42
CA GLY A 658 -12.62 -9.46 -2.00
C GLY A 658 -11.90 -9.60 -3.32
N GLY A 659 -12.33 -8.84 -4.31
CA GLY A 659 -11.74 -8.93 -5.65
C GLY A 659 -12.42 -9.94 -6.56
N TRP A 660 -13.56 -10.45 -6.13
CA TRP A 660 -14.33 -11.39 -6.99
C TRP A 660 -15.82 -11.05 -6.91
N LEU A 661 -16.47 -11.15 -8.06
CA LEU A 661 -17.95 -11.09 -8.05
C LEU A 661 -18.49 -12.07 -7.04
N GLU A 662 -17.86 -13.22 -6.94
CA GLU A 662 -18.32 -14.22 -5.98
C GLU A 662 -18.50 -13.64 -4.56
N GLY A 663 -17.53 -12.78 -4.16
CA GLY A 663 -17.64 -12.16 -2.88
C GLY A 663 -18.78 -11.18 -2.76
N ALA A 664 -18.97 -10.35 -3.75
CA ALA A 664 -20.11 -9.44 -3.81
C ALA A 664 -21.42 -10.21 -3.75
N PHE A 665 -21.53 -11.24 -4.52
CA PHE A 665 -22.75 -12.09 -4.54
C PHE A 665 -22.95 -12.78 -3.27
N MET A 666 -21.94 -13.34 -2.61
CA MET A 666 -22.13 -13.99 -1.31
C MET A 666 -22.64 -13.01 -0.30
N SER A 667 -22.05 -11.80 -0.30
CA SER A 667 -22.45 -10.79 0.66
C SER A 667 -23.91 -10.35 0.41
N ALA A 668 -24.31 -10.20 -0.85
CA ALA A 668 -25.72 -9.93 -1.18
C ALA A 668 -26.67 -11.00 -0.62
N LEU A 669 -26.25 -12.27 -0.78
CA LEU A 669 -27.09 -13.37 -0.35
C LEU A 669 -27.25 -13.31 1.18
N ASN A 670 -26.12 -13.00 1.86
CA ASN A 670 -26.13 -12.82 3.27
C ASN A 670 -27.11 -11.69 3.68
N ALA A 671 -27.00 -10.58 3.01
CA ALA A 671 -27.81 -9.41 3.31
C ALA A 671 -29.30 -9.72 3.16
N VAL A 672 -29.73 -10.39 2.12
CA VAL A 672 -31.13 -10.69 1.91
C VAL A 672 -31.57 -11.72 2.89
N ALA A 673 -30.77 -12.74 3.17
CA ALA A 673 -31.11 -13.74 4.18
C ALA A 673 -31.33 -13.09 5.55
N GLY A 674 -30.42 -12.19 5.94
CA GLY A 674 -30.60 -11.43 7.15
C GLY A 674 -31.87 -10.58 7.14
N LEU A 675 -32.14 -9.90 6.05
CA LEU A 675 -33.34 -9.10 5.91
C LEU A 675 -34.55 -9.93 6.16
N ILE A 676 -34.62 -11.08 5.59
CA ILE A 676 -35.79 -11.98 5.79
C ILE A 676 -35.93 -12.32 7.25
N VAL A 677 -34.89 -12.74 7.92
CA VAL A 677 -34.97 -13.05 9.33
C VAL A 677 -35.43 -11.86 10.13
N ARG A 678 -34.88 -10.68 9.88
CA ARG A 678 -35.28 -9.44 10.55
C ARG A 678 -36.73 -9.12 10.31
N ALA A 679 -37.22 -9.24 9.08
CA ALA A 679 -38.63 -8.98 8.75
C ALA A 679 -39.55 -9.95 9.48
N ASN A 680 -39.06 -11.10 9.86
CA ASN A 680 -39.78 -12.11 10.59
C ASN A 680 -39.39 -12.07 12.05
N ARG A 681 -38.89 -10.95 12.56
CA ARG A 681 -38.61 -10.76 13.99
C ARG A 681 -37.78 -11.89 14.57
N GLY A 682 -36.71 -12.28 13.86
CA GLY A 682 -35.73 -13.20 14.38
C GLY A 682 -35.97 -14.65 14.12
N ASP A 683 -37.07 -14.93 13.39
CA ASP A 683 -37.46 -16.33 13.19
C ASP A 683 -36.73 -16.89 11.96
N VAL A 684 -35.75 -17.78 12.21
CA VAL A 684 -34.95 -18.40 11.14
C VAL A 684 -35.72 -19.37 10.34
N SER A 685 -36.87 -19.85 10.83
CA SER A 685 -37.71 -20.76 10.06
C SER A 685 -38.34 -20.10 8.86
N ALA A 686 -38.27 -18.77 8.76
CA ALA A 686 -38.71 -18.09 7.59
C ALA A 686 -37.76 -18.24 6.41
N LEU A 687 -36.51 -18.62 6.63
CA LEU A 687 -35.64 -18.95 5.53
C LEU A 687 -35.94 -20.33 5.03
N SER A 688 -35.71 -20.58 3.75
CA SER A 688 -35.73 -21.93 3.24
C SER A 688 -34.81 -22.88 3.96
N THR A 689 -35.07 -24.19 3.89
CA THR A 689 -34.17 -25.12 4.47
C THR A 689 -32.73 -24.94 3.98
N GLU A 690 -32.57 -24.70 2.72
CA GLU A 690 -31.25 -24.56 2.07
C GLU A 690 -30.60 -23.24 2.45
N ALA A 691 -31.33 -22.22 2.69
CA ALA A 691 -30.78 -20.86 3.02
C ALA A 691 -30.45 -20.69 4.49
N ARG A 692 -31.14 -21.42 5.35
CA ARG A 692 -30.98 -21.23 6.76
C ARG A 692 -29.50 -21.20 7.21
N PRO A 693 -28.65 -22.07 6.70
CA PRO A 693 -27.25 -22.00 7.13
C PRO A 693 -26.53 -20.70 6.79
N LEU A 694 -27.05 -19.91 5.88
CA LEU A 694 -26.42 -18.60 5.59
C LEU A 694 -26.32 -17.79 6.86
N VAL A 695 -27.31 -17.96 7.76
CA VAL A 695 -27.41 -17.28 9.01
C VAL A 695 -26.88 -18.15 10.17
N ILE A 696 -27.35 -19.40 10.32
CA ILE A 696 -27.05 -20.15 11.50
C ILE A 696 -25.72 -20.96 11.40
N GLY A 697 -25.10 -20.99 10.22
CA GLY A 697 -23.79 -21.68 10.09
C GLY A 697 -22.61 -20.79 10.45
N LEU A 698 -22.88 -19.56 10.86
CA LEU A 698 -21.82 -18.61 11.27
C LEU A 698 -21.95 -18.26 12.77
N ARG A 699 -20.84 -17.88 13.39
CA ARG A 699 -20.90 -17.39 14.72
C ARG A 699 -21.70 -16.10 14.73
N PRO A 700 -22.65 -15.96 15.66
CA PRO A 700 -23.43 -14.74 15.65
C PRO A 700 -22.62 -13.51 16.03
N VAL A 701 -22.99 -12.35 15.52
CA VAL A 701 -22.32 -11.07 15.92
C VAL A 701 -22.95 -10.45 17.19
N VAL A 702 -24.10 -10.89 17.62
CA VAL A 702 -24.75 -10.33 18.84
C VAL A 702 -24.62 -11.67 19.78
N LYS A 703 -23.83 -11.64 20.87
CA LYS A 703 -23.74 -12.83 21.78
C LYS A 703 -24.99 -12.79 22.69
N VAL A 704 -25.38 -11.59 22.97
CA VAL A 704 -26.53 -11.29 23.80
C VAL A 704 -27.28 -10.17 23.01
N PRO A 705 -28.56 -10.31 22.86
CA PRO A 705 -29.32 -11.52 23.29
C PRO A 705 -29.06 -12.67 22.33
N ALA A 706 -29.27 -13.87 22.82
CA ALA A 706 -29.15 -15.05 22.00
C ALA A 706 -30.38 -15.25 21.06
N ALA A 707 -30.15 -16.12 20.11
CA ALA A 707 -31.08 -16.19 18.98
C ALA A 707 -30.78 -17.39 18.16
N LYS B 16 17.77 16.81 31.12
CA LYS B 16 17.37 15.71 30.27
C LYS B 16 16.82 16.18 28.92
N ILE B 17 16.03 17.24 28.77
CA ILE B 17 15.72 17.69 27.42
C ILE B 17 16.92 18.41 26.83
N ALA B 18 17.25 18.08 25.59
CA ALA B 18 18.38 18.70 24.83
C ALA B 18 17.87 20.08 24.44
N THR B 19 18.67 21.15 24.57
CA THR B 19 18.23 22.46 24.24
C THR B 19 19.04 23.10 23.09
N THR B 20 20.11 22.41 22.65
CA THR B 20 20.94 22.88 21.56
C THR B 20 21.29 21.73 20.62
N VAL B 21 21.78 22.08 19.40
CA VAL B 21 22.35 21.08 18.51
C VAL B 21 23.42 20.30 19.13
N GLY B 22 24.30 20.94 19.92
CA GLY B 22 25.43 20.22 20.54
C GLY B 22 24.99 19.25 21.60
N GLU B 23 23.97 19.60 22.36
CA GLU B 23 23.45 18.65 23.36
C GLU B 23 22.80 17.48 22.72
N ALA B 24 22.07 17.63 21.63
CA ALA B 24 21.51 16.47 20.87
C ALA B 24 22.66 15.69 20.28
N ARG B 25 23.64 16.35 19.66
CA ARG B 25 24.73 15.70 19.00
C ARG B 25 25.43 14.78 19.98
N LEU B 26 25.77 15.29 21.16
CA LEU B 26 26.54 14.52 22.11
C LEU B 26 25.68 13.36 22.71
N SER B 27 24.36 13.52 22.73
CA SER B 27 23.47 12.49 23.26
C SER B 27 23.51 11.18 22.45
N GLY B 28 23.63 11.35 21.14
CA GLY B 28 23.61 10.25 20.19
C GLY B 28 24.93 9.89 19.60
N ILE B 29 26.05 10.50 20.01
CA ILE B 29 27.34 10.33 19.31
C ILE B 29 27.78 8.91 19.21
N ASN B 30 27.44 8.09 20.23
CA ASN B 30 27.90 6.65 20.28
C ASN B 30 27.02 5.63 19.66
N TYR B 31 25.78 6.01 19.37
CA TYR B 31 24.75 5.00 19.04
C TYR B 31 25.07 4.32 17.74
N ARG B 32 25.05 3.00 17.82
CA ARG B 32 25.27 2.15 16.64
C ARG B 32 23.95 1.40 16.41
N HIS B 33 23.50 1.38 15.15
CA HIS B 33 22.33 0.68 14.73
C HIS B 33 22.65 -0.82 14.60
N PRO B 34 21.62 -1.70 14.77
CA PRO B 34 21.94 -3.15 14.92
C PRO B 34 22.45 -3.82 13.66
N ASP B 35 22.18 -3.25 12.48
CA ASP B 35 22.73 -3.83 11.26
C ASP B 35 24.13 -3.26 10.90
N SER B 36 24.62 -2.37 11.72
CA SER B 36 25.94 -1.79 11.64
C SER B 36 26.47 -1.55 13.00
N ALA B 37 26.37 -2.56 13.86
CA ALA B 37 26.57 -2.41 15.26
C ALA B 37 28.01 -2.19 15.67
N LEU B 38 28.98 -2.49 14.78
CA LEU B 38 30.41 -2.26 15.11
C LEU B 38 30.81 -0.82 15.03
N VAL B 39 29.99 0.04 14.45
CA VAL B 39 30.43 1.38 14.21
C VAL B 39 29.42 2.43 14.57
N SER B 40 29.91 3.46 15.29
CA SER B 40 29.15 4.71 15.47
C SER B 40 29.43 5.58 14.24
N TYR B 41 28.41 5.84 13.40
CA TYR B 41 28.67 6.65 12.21
C TYR B 41 29.18 8.03 12.60
N PRO B 42 28.64 8.69 13.65
CA PRO B 42 29.25 10.03 13.99
C PRO B 42 30.71 9.95 14.35
N VAL B 43 31.17 8.89 14.98
CA VAL B 43 32.61 8.74 15.28
C VAL B 43 33.37 8.51 13.98
N ALA B 44 32.87 7.71 13.06
CA ALA B 44 33.49 7.52 11.74
C ALA B 44 33.63 8.86 11.00
N ALA B 45 32.64 9.72 11.14
CA ALA B 45 32.54 11.01 10.43
C ALA B 45 33.35 12.11 11.11
N ALA B 46 33.96 11.86 12.24
CA ALA B 46 34.60 12.92 12.94
C ALA B 46 35.78 13.51 12.17
N ALA B 47 36.52 12.68 11.47
CA ALA B 47 37.68 13.12 10.63
C ALA B 47 37.33 12.71 9.20
N PRO B 48 38.08 13.21 8.23
CA PRO B 48 37.84 12.74 6.87
C PRO B 48 37.84 11.22 6.84
N LEU B 49 37.06 10.67 5.89
CA LEU B 49 36.89 9.24 5.94
C LEU B 49 38.11 8.42 5.50
N GLY B 50 39.04 9.03 4.79
CA GLY B 50 40.22 8.33 4.31
C GLY B 50 41.06 9.23 3.39
N ARG B 51 41.88 8.56 2.59
CA ARG B 51 42.73 9.23 1.64
C ARG B 51 42.53 8.71 0.24
N LEU B 52 42.78 9.56 -0.77
CA LEU B 52 42.78 9.21 -2.13
C LEU B 52 44.19 9.34 -2.71
N PRO B 53 44.53 8.52 -3.70
CA PRO B 53 45.75 8.77 -4.49
C PRO B 53 45.68 10.17 -5.10
N ALA B 54 46.86 10.74 -5.34
CA ALA B 54 46.95 11.99 -6.12
C ALA B 54 46.24 11.78 -7.44
N GLY B 55 45.57 12.85 -7.90
CA GLY B 55 44.84 12.83 -9.15
C GLY B 55 43.84 13.95 -9.23
N ASN B 56 43.20 14.00 -10.37
CA ASN B 56 42.10 14.89 -10.67
C ASN B 56 40.87 14.14 -11.01
N TYR B 57 40.02 13.99 -10.00
CA TYR B 57 38.88 13.13 -10.07
C TYR B 57 37.68 13.84 -10.66
N ARG B 58 37.00 13.15 -11.56
CA ARG B 58 35.75 13.63 -12.05
C ARG B 58 34.65 12.73 -11.47
N ILE B 59 33.86 13.33 -10.62
CA ILE B 59 32.80 12.58 -9.91
C ILE B 59 31.46 13.22 -10.23
N ALA B 60 30.45 12.40 -10.41
CA ALA B 60 29.08 12.92 -10.54
C ALA B 60 28.31 12.45 -9.27
N ILE B 61 27.48 13.36 -8.81
CA ILE B 61 26.46 13.03 -7.80
C ILE B 61 25.09 13.21 -8.49
N VAL B 62 24.30 12.15 -8.54
CA VAL B 62 22.94 12.30 -9.09
C VAL B 62 22.00 12.44 -7.92
N GLY B 63 21.49 13.69 -7.79
CA GLY B 63 20.54 14.03 -6.69
C GLY B 63 21.18 14.95 -5.67
N GLY B 64 20.52 16.06 -5.44
CA GLY B 64 20.87 17.09 -4.48
C GLY B 64 19.99 17.11 -3.25
N GLY B 65 19.63 15.93 -2.75
CA GLY B 65 18.98 15.82 -1.49
C GLY B 65 19.96 15.57 -0.37
N ALA B 66 19.49 15.14 0.80
CA ALA B 66 20.31 14.92 1.94
C ALA B 66 21.46 13.95 1.65
N GLY B 67 21.16 12.86 0.95
CA GLY B 67 22.20 11.90 0.60
C GLY B 67 23.30 12.48 -0.27
N GLY B 68 22.90 13.11 -1.34
CA GLY B 68 23.90 13.68 -2.30
C GLY B 68 24.70 14.77 -1.70
N ILE B 69 24.07 15.63 -0.90
CA ILE B 69 24.75 16.72 -0.28
C ILE B 69 25.66 16.32 0.87
N ALA B 70 25.30 15.34 1.66
CA ALA B 70 26.21 14.76 2.65
C ALA B 70 27.38 14.14 1.91
N ALA B 71 27.12 13.44 0.84
CA ALA B 71 28.23 12.85 0.08
C ALA B 71 29.18 13.91 -0.44
N LEU B 72 28.62 15.01 -0.92
CA LEU B 72 29.43 16.14 -1.38
C LEU B 72 30.27 16.69 -0.29
N TYR B 73 29.71 16.85 0.91
CA TYR B 73 30.44 17.38 2.04
C TYR B 73 31.65 16.47 2.36
N GLU B 74 31.40 15.17 2.42
CA GLU B 74 32.52 14.21 2.68
C GLU B 74 33.56 14.21 1.54
N LEU B 75 33.13 14.40 0.30
CA LEU B 75 34.09 14.57 -0.75
C LEU B 75 34.90 15.85 -0.58
N GLY B 76 34.26 16.91 -0.11
CA GLY B 76 34.98 18.16 0.21
C GLY B 76 36.08 17.93 1.24
N ARG B 77 35.68 17.18 2.29
CA ARG B 77 36.67 16.88 3.33
C ARG B 77 37.84 16.11 2.75
N LEU B 78 37.58 15.15 1.86
CA LEU B 78 38.64 14.37 1.20
C LEU B 78 39.47 15.30 0.28
N ALA B 79 38.83 16.15 -0.48
CA ALA B 79 39.53 17.01 -1.44
C ALA B 79 40.56 17.88 -0.77
N ALA B 80 40.23 18.37 0.41
CA ALA B 80 41.12 19.30 1.12
C ALA B 80 42.44 18.64 1.47
N THR B 81 42.48 17.29 1.53
CA THR B 81 43.67 16.51 1.89
C THR B 81 44.58 16.23 0.68
N LEU B 82 44.10 16.59 -0.52
CA LEU B 82 44.84 16.28 -1.75
C LEU B 82 46.00 17.25 -1.92
N PRO B 83 47.06 16.79 -2.58
CA PRO B 83 48.24 17.65 -2.76
C PRO B 83 48.04 18.64 -3.87
N ALA B 84 48.95 19.55 -3.97
CA ALA B 84 48.94 20.58 -5.01
C ALA B 84 48.85 19.93 -6.36
N GLY B 85 47.93 20.43 -7.18
CA GLY B 85 47.72 19.90 -8.50
C GLY B 85 46.64 18.89 -8.61
N SER B 86 46.20 18.32 -7.49
CA SER B 86 45.13 17.39 -7.45
C SER B 86 43.83 18.06 -7.04
N GLY B 87 42.72 17.36 -7.21
CA GLY B 87 41.42 17.94 -6.90
C GLY B 87 40.29 17.01 -7.27
N ILE B 88 39.10 17.42 -6.88
CA ILE B 88 37.85 16.73 -7.19
C ILE B 88 36.95 17.71 -7.90
N ASP B 89 36.46 17.33 -9.11
CA ASP B 89 35.43 18.09 -9.78
C ASP B 89 34.15 17.25 -9.68
N VAL B 90 33.11 17.88 -9.13
CA VAL B 90 31.83 17.18 -8.98
C VAL B 90 30.75 17.90 -9.87
N GLN B 91 30.05 17.13 -10.70
CA GLN B 91 28.85 17.53 -11.38
C GLN B 91 27.72 17.00 -10.57
N ILE B 92 26.85 17.88 -10.06
CA ILE B 92 25.70 17.46 -9.28
C ILE B 92 24.47 17.60 -10.22
N TYR B 93 23.80 16.50 -10.50
CA TYR B 93 22.58 16.51 -11.31
C TYR B 93 21.38 16.63 -10.39
N GLU B 94 20.53 17.61 -10.68
CA GLU B 94 19.35 17.86 -9.89
C GLU B 94 18.22 18.30 -10.82
N ALA B 95 17.25 17.37 -11.00
CA ALA B 95 16.14 17.52 -11.92
C ALA B 95 15.00 18.39 -11.36
N ASP B 96 14.90 18.57 -10.04
CA ASP B 96 13.77 19.24 -9.42
C ASP B 96 13.87 20.76 -9.69
N PRO B 97 12.95 21.36 -10.44
CA PRO B 97 13.06 22.81 -10.69
C PRO B 97 12.99 23.66 -9.45
N ASP B 98 12.44 23.12 -8.39
CA ASP B 98 12.27 23.83 -7.11
C ASP B 98 13.42 23.66 -6.16
N SER B 99 14.45 22.89 -6.55
CA SER B 99 15.56 22.67 -5.63
C SER B 99 16.25 23.98 -5.31
N PHE B 100 16.73 24.06 -4.10
CA PHE B 100 17.55 25.17 -3.65
C PHE B 100 18.79 25.37 -4.56
N LEU B 101 19.25 24.31 -5.19
CA LEU B 101 20.41 24.41 -6.00
C LEU B 101 20.21 25.25 -7.22
N HIS B 102 18.99 25.44 -7.68
CA HIS B 102 18.71 26.25 -8.85
C HIS B 102 18.24 27.67 -8.51
N ASP B 103 18.37 28.08 -7.22
CA ASP B 103 17.90 29.36 -6.74
C ASP B 103 19.08 30.06 -6.22
N ARG B 104 20.22 29.94 -6.82
CA ARG B 104 21.41 30.74 -6.42
C ARG B 104 21.61 31.78 -7.50
N ALA B 109 -0.58 33.41 -0.66
CA ALA B 109 0.26 32.75 -1.72
C ALA B 109 1.11 31.68 -1.07
N ILE B 110 1.45 30.65 -1.80
CA ILE B 110 2.33 29.55 -1.37
C ILE B 110 3.53 29.37 -2.31
N LYS B 111 4.72 29.71 -1.83
CA LYS B 111 5.95 29.57 -2.60
C LYS B 111 6.67 28.29 -2.22
N VAL B 112 7.08 27.52 -3.21
CA VAL B 112 7.97 26.36 -3.05
C VAL B 112 9.26 26.43 -3.82
N ARG B 113 9.35 27.37 -4.78
CA ARG B 113 10.57 27.52 -5.56
C ARG B 113 11.77 27.82 -4.72
N GLY B 114 12.85 27.01 -4.84
CA GLY B 114 14.02 27.19 -4.09
C GLY B 114 14.00 26.64 -2.69
N LEU B 115 12.86 26.07 -2.27
CA LEU B 115 12.63 25.64 -0.87
C LEU B 115 12.61 24.15 -0.72
N LYS B 116 13.11 23.41 -1.75
CA LYS B 116 13.19 21.95 -1.68
C LYS B 116 14.69 21.52 -1.73
N ALA B 117 14.97 20.49 -0.93
CA ALA B 117 16.16 19.65 -1.05
C ALA B 117 15.66 18.22 -1.07
N GLY B 118 15.08 17.82 -2.19
CA GLY B 118 14.41 16.51 -2.26
C GLY B 118 13.19 16.49 -1.38
N ARG B 119 13.23 15.52 -0.46
CA ARG B 119 12.15 15.30 0.52
C ARG B 119 12.27 16.13 1.79
N VAL B 120 13.28 17.02 1.84
CA VAL B 120 13.26 18.11 2.81
C VAL B 120 12.65 19.26 2.04
N SER B 121 11.41 19.63 2.34
CA SER B 121 10.59 20.42 1.42
C SER B 121 9.71 21.39 2.16
N ALA B 122 9.95 22.72 2.01
CA ALA B 122 9.16 23.73 2.70
C ALA B 122 8.23 24.43 1.72
N ALA B 123 7.08 24.84 2.20
CA ALA B 123 6.19 25.75 1.47
C ALA B 123 6.01 27.01 2.35
N LEU B 124 6.34 28.17 1.75
CA LEU B 124 6.31 29.45 2.41
C LEU B 124 4.99 30.14 2.08
N VAL B 125 4.22 30.41 3.11
CA VAL B 125 2.92 31.08 3.05
C VAL B 125 3.18 32.56 3.28
N HIS B 126 2.75 33.37 2.33
CA HIS B 126 3.01 34.79 2.43
C HIS B 126 1.91 35.51 1.70
N ASN B 127 1.88 36.83 1.83
CA ASN B 127 0.80 37.70 1.24
C ASN B 127 1.15 38.55 0.09
N GLY B 128 2.28 38.22 -0.49
CA GLY B 128 2.78 38.96 -1.66
C GLY B 128 4.29 39.24 -1.50
N ASP B 129 4.77 39.34 -0.25
CA ASP B 129 6.17 39.56 -0.03
C ASP B 129 6.76 38.34 0.64
N PRO B 130 7.50 37.49 -0.10
CA PRO B 130 8.03 36.30 0.54
C PRO B 130 9.06 36.50 1.64
N ALA B 131 9.60 37.71 1.70
CA ALA B 131 10.52 38.07 2.82
C ALA B 131 9.81 38.37 4.14
N SER B 132 8.49 38.48 4.10
CA SER B 132 7.65 38.76 5.26
C SER B 132 6.46 37.79 5.29
N GLY B 133 6.81 36.54 5.45
CA GLY B 133 5.79 35.53 5.44
C GLY B 133 5.04 35.30 6.70
N ASP B 134 3.98 34.48 6.61
CA ASP B 134 3.08 34.15 7.69
C ASP B 134 3.49 32.86 8.42
N THR B 135 3.76 31.80 7.68
CA THR B 135 4.12 30.51 8.24
C THR B 135 4.82 29.64 7.18
N ILE B 136 5.32 28.53 7.62
CA ILE B 136 5.98 27.52 6.83
C ILE B 136 5.26 26.20 6.98
N TYR B 137 4.99 25.53 5.88
CA TYR B 137 4.53 24.16 5.89
C TYR B 137 5.80 23.26 5.63
N GLU B 138 6.10 22.35 6.60
CA GLU B 138 7.19 21.40 6.41
C GLU B 138 6.49 20.17 5.73
N VAL B 139 6.66 20.08 4.41
CA VAL B 139 5.94 19.10 3.53
C VAL B 139 6.57 17.70 3.65
N GLY B 140 7.85 17.63 3.92
CA GLY B 140 8.58 16.36 4.08
C GLY B 140 9.13 16.28 5.43
N ALA B 141 10.42 16.08 5.62
CA ALA B 141 11.04 15.87 6.92
C ALA B 141 10.67 16.94 7.88
N MET B 142 10.37 16.58 9.14
CA MET B 142 10.06 17.62 10.14
C MET B 142 10.44 17.38 11.59
N ARG B 143 10.81 16.15 11.98
CA ARG B 143 11.05 15.85 13.37
C ARG B 143 12.21 14.93 13.50
N PHE B 144 13.12 15.26 14.40
CA PHE B 144 14.48 14.62 14.35
C PHE B 144 14.79 13.98 15.68
N PRO B 145 14.99 12.62 15.67
CA PRO B 145 15.22 11.92 16.97
C PRO B 145 16.46 12.51 17.64
N GLU B 146 16.41 12.54 18.98
CA GLU B 146 17.56 13.02 19.77
C GLU B 146 18.81 12.21 19.49
N ILE B 147 18.68 10.90 19.35
CA ILE B 147 19.88 10.06 19.16
C ILE B 147 20.21 9.78 17.71
N ALA B 148 19.67 10.64 16.80
CA ALA B 148 20.06 10.63 15.40
C ALA B 148 21.43 11.30 15.32
N GLY B 149 22.47 10.56 15.69
CA GLY B 149 23.75 11.14 15.85
C GLY B 149 24.40 11.73 14.64
N LEU B 150 24.20 11.09 13.50
CA LEU B 150 24.83 11.62 12.29
C LEU B 150 24.05 12.88 11.86
N THR B 151 22.73 12.89 12.01
CA THR B 151 21.93 14.09 11.72
C THR B 151 22.44 15.25 12.48
N TRP B 152 22.61 15.06 13.80
CA TRP B 152 23.07 16.14 14.65
C TRP B 152 24.54 16.51 14.41
N HIS B 153 25.36 15.57 14.00
CA HIS B 153 26.72 15.81 13.60
C HIS B 153 26.74 16.82 12.42
N TYR B 154 25.90 16.54 11.40
CA TYR B 154 25.82 17.44 10.28
C TYR B 154 25.13 18.74 10.60
N ALA B 155 24.13 18.71 11.49
CA ALA B 155 23.49 19.94 11.95
C ALA B 155 24.51 20.86 12.65
N SER B 156 25.49 20.29 13.37
CA SER B 156 26.55 21.07 13.98
C SER B 156 27.44 21.66 12.89
N ALA B 157 27.75 20.91 11.84
CA ALA B 157 28.53 21.45 10.76
C ALA B 157 27.79 22.67 10.11
N ALA B 158 26.46 22.59 9.98
CA ALA B 158 25.62 23.55 9.32
C ALA B 158 25.33 24.76 10.18
N PHE B 159 25.21 24.57 11.51
CA PHE B 159 24.68 25.56 12.39
C PHE B 159 25.45 25.90 13.63
N GLY B 160 26.40 25.03 14.00
CA GLY B 160 27.07 25.16 15.30
C GLY B 160 26.41 24.44 16.44
N ASP B 161 27.21 23.99 17.40
CA ASP B 161 26.68 23.35 18.57
C ASP B 161 25.76 24.22 19.46
N ALA B 162 25.95 25.55 19.42
CA ALA B 162 25.20 26.39 20.26
C ALA B 162 23.76 26.70 19.80
N ALA B 163 23.41 26.33 18.56
CA ALA B 163 22.13 26.65 17.96
C ALA B 163 20.99 25.98 18.74
N PRO B 164 19.94 26.77 19.12
CA PRO B 164 18.85 26.22 19.88
C PRO B 164 17.97 25.32 19.11
N ILE B 165 17.48 24.27 19.80
CA ILE B 165 16.47 23.39 19.29
C ILE B 165 15.25 23.29 20.26
N LYS B 166 14.13 22.83 19.76
CA LYS B 166 12.90 22.74 20.50
C LYS B 166 12.36 21.29 20.41
N VAL B 167 11.62 20.86 21.40
CA VAL B 167 10.89 19.58 21.38
C VAL B 167 9.86 19.65 20.29
N PHE B 168 9.81 18.64 19.40
CA PHE B 168 8.75 18.64 18.40
C PHE B 168 7.40 18.38 19.11
N PRO B 169 6.36 19.14 18.76
CA PRO B 169 5.06 18.97 19.47
C PRO B 169 4.23 17.76 18.98
N ASN B 170 4.79 16.56 19.21
CA ASN B 170 4.15 15.34 18.94
C ASN B 170 2.94 15.10 19.86
N PRO B 171 2.05 14.18 19.47
CA PRO B 171 1.05 13.73 20.40
C PRO B 171 1.67 13.25 21.68
N GLY B 172 1.15 13.77 22.80
CA GLY B 172 1.68 13.55 24.07
C GLY B 172 2.69 14.54 24.59
N LYS B 173 3.46 15.14 23.69
CA LYS B 173 4.36 16.20 24.08
C LYS B 173 3.68 17.52 24.34
N VAL B 174 2.51 17.70 23.77
CA VAL B 174 1.61 18.81 24.00
C VAL B 174 0.25 18.17 24.40
N PRO B 175 -0.71 18.94 24.91
CA PRO B 175 -2.04 18.37 25.15
C PRO B 175 -2.64 17.84 23.86
N THR B 176 -3.12 16.61 23.98
CA THR B 176 -3.56 15.81 22.83
C THR B 176 -4.99 15.27 23.05
N GLU B 177 -5.73 15.22 21.97
CA GLU B 177 -6.96 14.44 21.92
C GLU B 177 -6.79 13.26 21.00
N PHE B 178 -7.17 12.11 21.49
CA PHE B 178 -7.16 10.84 20.80
C PHE B 178 -8.56 10.35 20.65
N VAL B 179 -8.92 9.93 19.43
CA VAL B 179 -10.27 9.39 19.13
C VAL B 179 -10.16 8.11 18.32
N PHE B 180 -10.71 7.01 18.83
CA PHE B 180 -10.79 5.77 18.11
C PHE B 180 -12.17 5.17 18.44
N GLY B 181 -13.00 4.96 17.42
CA GLY B 181 -14.31 4.43 17.69
C GLY B 181 -15.03 5.32 18.75
N ASN B 182 -15.60 4.68 19.75
CA ASN B 182 -16.24 5.33 20.83
C ASN B 182 -15.31 5.90 21.85
N ARG B 183 -14.02 5.65 21.79
CA ARG B 183 -13.07 6.02 22.81
C ARG B 183 -12.50 7.41 22.56
N VAL B 184 -12.54 8.28 23.56
CA VAL B 184 -11.80 9.55 23.55
C VAL B 184 -10.88 9.58 24.74
N ASP B 185 -9.70 10.10 24.48
CA ASP B 185 -8.76 10.44 25.55
C ASP B 185 -8.16 11.80 25.32
N ARG B 186 -8.05 12.55 26.41
CA ARG B 186 -7.28 13.78 26.42
C ARG B 186 -6.13 13.55 27.43
N TYR B 187 -4.93 13.90 27.03
CA TYR B 187 -3.76 13.56 27.79
C TYR B 187 -2.60 14.43 27.48
N VAL B 188 -1.61 14.47 28.36
CA VAL B 188 -0.29 14.92 28.03
C VAL B 188 0.69 13.98 28.72
N GLY B 189 1.75 13.50 28.08
CA GLY B 189 2.68 12.50 28.61
C GLY B 189 2.13 11.11 28.83
N SER B 190 2.88 10.30 29.63
CA SER B 190 2.50 8.94 29.97
C SER B 190 2.21 8.79 31.47
N ASP B 191 2.34 9.91 32.25
CA ASP B 191 1.89 9.85 33.69
C ASP B 191 0.35 9.85 33.72
N PRO B 192 -0.31 8.77 34.25
CA PRO B 192 -1.74 8.75 34.32
C PRO B 192 -2.31 9.90 35.07
N LYS B 193 -1.58 10.57 35.94
CA LYS B 193 -2.07 11.77 36.60
C LYS B 193 -2.41 12.88 35.64
N ASP B 194 -1.86 12.85 34.43
CA ASP B 194 -2.10 13.80 33.39
C ASP B 194 -2.91 13.29 32.20
N TRP B 195 -3.60 12.19 32.44
CA TRP B 195 -4.64 11.74 31.56
C TRP B 195 -5.98 12.09 32.19
N GLU B 196 -6.93 12.53 31.35
CA GLU B 196 -8.22 12.83 31.86
C GLU B 196 -8.90 11.66 32.49
N ASP B 197 -8.73 10.47 31.94
CA ASP B 197 -9.24 9.20 32.50
C ASP B 197 -8.05 8.31 32.87
N PRO B 198 -7.66 8.28 34.14
CA PRO B 198 -6.54 7.44 34.49
C PRO B 198 -6.84 5.98 34.40
N ASP B 199 -8.09 5.62 34.27
CA ASP B 199 -8.45 4.24 34.06
C ASP B 199 -8.67 3.91 32.58
N SER B 200 -8.14 4.76 31.69
CA SER B 200 -8.36 4.61 30.28
C SER B 200 -7.88 3.20 29.80
N PRO B 201 -8.64 2.55 28.93
CA PRO B 201 -8.15 1.35 28.26
C PRO B 201 -6.99 1.63 27.36
N THR B 202 -6.90 2.86 26.85
CA THR B 202 -5.78 3.24 25.97
C THR B 202 -4.44 3.14 26.73
N LEU B 203 -4.45 3.71 27.93
CA LEU B 203 -3.30 3.62 28.78
C LEU B 203 -2.94 2.17 29.12
N LYS B 204 -3.93 1.31 29.37
CA LYS B 204 -3.66 -0.10 29.69
C LYS B 204 -3.02 -0.79 28.51
N VAL B 205 -3.58 -0.58 27.31
CA VAL B 205 -3.05 -1.26 26.10
C VAL B 205 -1.66 -0.72 25.81
N LEU B 206 -1.41 0.58 26.00
CA LEU B 206 -0.10 1.09 25.81
C LEU B 206 0.92 0.44 26.68
N GLY B 207 0.58 0.21 27.96
CA GLY B 207 1.54 -0.43 28.86
C GLY B 207 1.78 -1.84 28.49
N VAL B 208 0.74 -2.57 28.09
CA VAL B 208 0.87 -3.95 27.63
C VAL B 208 1.78 -4.09 26.41
N VAL B 209 1.59 -3.18 25.42
CA VAL B 209 2.38 -3.24 24.19
C VAL B 209 3.82 -2.82 24.43
N ALA B 210 4.03 -1.79 25.28
CA ALA B 210 5.39 -1.40 25.68
C ALA B 210 6.06 -2.45 26.40
N GLY B 211 5.45 -3.04 27.38
CA GLY B 211 6.05 -4.21 28.08
C GLY B 211 6.45 -5.27 27.15
N GLY B 212 5.57 -5.53 26.23
CA GLY B 212 5.76 -6.71 25.37
C GLY B 212 6.80 -6.51 24.28
N LEU B 213 6.95 -5.29 23.79
CA LEU B 213 7.90 -4.99 22.72
C LEU B 213 9.23 -4.50 23.23
N VAL B 214 9.26 -3.63 24.20
CA VAL B 214 10.49 -2.91 24.66
C VAL B 214 11.01 -3.54 25.92
N GLY B 215 10.17 -3.86 26.88
CA GLY B 215 10.62 -4.45 28.14
C GLY B 215 11.36 -3.46 29.02
N ASN B 216 12.17 -4.00 29.90
CA ASN B 216 12.78 -3.24 30.98
C ASN B 216 14.29 -3.12 30.82
N PRO B 217 14.85 -1.91 31.02
CA PRO B 217 16.30 -1.75 30.96
C PRO B 217 17.04 -2.34 32.12
N GLN B 218 16.34 -2.60 33.22
CA GLN B 218 16.97 -3.25 34.38
C GLN B 218 16.08 -4.34 34.88
N GLY B 219 16.69 -5.28 35.58
CA GLY B 219 15.80 -6.31 36.22
C GLY B 219 15.34 -7.37 35.24
N GLU B 220 14.18 -7.94 35.59
CA GLU B 220 13.54 -9.03 34.87
C GLU B 220 13.35 -8.67 33.40
N ASN B 221 13.47 -9.70 32.60
CA ASN B 221 13.14 -9.57 31.21
C ASN B 221 11.69 -9.88 30.99
N VAL B 222 10.89 -8.93 30.50
CA VAL B 222 9.48 -9.17 30.30
C VAL B 222 9.01 -9.10 28.88
N ALA B 223 9.89 -8.72 27.95
CA ALA B 223 9.47 -8.52 26.57
C ALA B 223 9.24 -9.88 25.85
N MET B 224 8.35 -9.89 24.86
CA MET B 224 7.96 -11.11 24.12
C MET B 224 8.91 -11.48 23.09
N TYR B 225 9.74 -10.55 22.54
CA TYR B 225 10.60 -10.80 21.41
C TYR B 225 12.01 -10.41 21.81
N PRO B 226 12.70 -11.26 22.58
CA PRO B 226 14.02 -10.91 23.06
C PRO B 226 15.06 -10.78 21.93
N ILE B 227 16.13 -10.08 22.26
CA ILE B 227 17.35 -10.05 21.47
C ILE B 227 18.45 -10.53 22.40
N ALA B 228 19.21 -11.53 21.97
CA ALA B 228 20.29 -12.02 22.88
C ALA B 228 19.65 -12.45 24.21
N ASN B 229 18.43 -12.98 24.13
CA ASN B 229 17.74 -13.57 25.32
C ASN B 229 17.40 -12.53 26.36
N VAL B 230 17.45 -11.23 26.02
CA VAL B 230 17.11 -10.11 26.89
C VAL B 230 16.17 -9.13 26.26
N ASP B 231 15.63 -8.24 27.05
CA ASP B 231 14.70 -7.26 26.54
C ASP B 231 15.40 -6.29 25.61
N PRO B 232 14.70 -5.80 24.59
CA PRO B 232 15.33 -4.79 23.75
C PRO B 232 15.80 -3.54 24.49
N ALA B 233 15.15 -3.11 25.54
CA ALA B 233 15.61 -1.96 26.32
C ALA B 233 17.06 -2.16 26.78
N LYS B 234 17.43 -3.40 27.13
CA LYS B 234 18.80 -3.68 27.59
C LYS B 234 19.77 -3.57 26.39
N ILE B 235 19.37 -4.08 25.21
CA ILE B 235 20.24 -3.98 24.05
C ILE B 235 20.42 -2.51 23.63
N ALA B 236 19.36 -1.70 23.69
CA ALA B 236 19.43 -0.27 23.33
C ALA B 236 20.49 0.41 24.13
N ALA B 237 20.63 0.09 25.44
CA ALA B 237 21.60 0.72 26.30
C ALA B 237 23.01 0.32 25.90
N ILE B 238 23.20 -0.90 25.48
CA ILE B 238 24.50 -1.36 25.02
C ILE B 238 24.88 -0.64 23.70
N LEU B 239 23.93 -0.57 22.76
CA LEU B 239 24.16 0.11 21.49
C LEU B 239 24.51 1.58 21.66
N ASN B 240 23.99 2.24 22.71
CA ASN B 240 24.27 3.62 23.01
C ASN B 240 25.42 3.88 23.94
N ALA B 241 26.13 2.85 24.39
CA ALA B 241 27.12 3.00 25.42
C ALA B 241 28.38 3.54 24.78
N ALA B 242 29.06 4.43 25.51
CA ALA B 242 30.36 4.91 25.14
C ALA B 242 31.36 3.79 25.08
N THR B 243 31.25 2.91 26.09
CA THR B 243 32.14 1.76 26.29
C THR B 243 31.34 0.49 26.60
N PRO B 244 30.84 -0.14 25.52
CA PRO B 244 30.10 -1.39 25.75
C PRO B 244 31.01 -2.51 26.22
N PRO B 245 30.41 -3.57 26.75
CA PRO B 245 31.20 -4.69 27.18
C PRO B 245 32.02 -5.21 26.01
N ALA B 246 33.17 -5.79 26.31
CA ALA B 246 34.05 -6.35 25.28
C ALA B 246 33.21 -7.42 24.50
N ASP B 247 33.36 -7.50 23.18
CA ASP B 247 32.72 -8.46 22.28
C ASP B 247 31.22 -8.27 22.09
N ALA B 248 30.58 -7.36 22.85
CA ALA B 248 29.10 -7.24 22.75
C ALA B 248 28.68 -6.78 21.40
N LEU B 249 29.30 -5.68 20.88
CA LEU B 249 28.97 -5.21 19.57
C LEU B 249 29.21 -6.24 18.44
N GLU B 250 30.33 -7.00 18.48
CA GLU B 250 30.53 -8.03 17.51
C GLU B 250 29.46 -9.10 17.59
N ARG B 251 29.13 -9.53 18.82
CA ARG B 251 28.14 -10.56 18.93
C ARG B 251 26.77 -10.13 18.51
N ILE B 252 26.40 -8.86 18.79
CA ILE B 252 25.16 -8.34 18.22
C ILE B 252 25.17 -8.39 16.69
N GLN B 253 26.26 -7.87 16.14
CA GLN B 253 26.36 -7.74 14.69
C GLN B 253 26.27 -9.02 13.95
N THR B 254 27.01 -10.03 14.43
CA THR B 254 27.20 -11.29 13.71
C THR B 254 26.27 -12.42 14.14
N LYS B 255 25.77 -12.37 15.38
CA LYS B 255 24.96 -13.45 15.94
C LYS B 255 23.55 -12.96 16.32
N TYR B 256 23.47 -12.13 17.32
CA TYR B 256 22.17 -11.91 17.95
C TYR B 256 21.19 -11.15 17.05
N TRP B 257 21.65 -10.09 16.39
CA TRP B 257 20.70 -9.42 15.52
C TRP B 257 20.33 -10.22 14.28
N PRO B 258 21.28 -10.91 13.68
CA PRO B 258 20.91 -11.88 12.63
C PRO B 258 19.92 -12.94 13.08
N GLU B 259 20.06 -13.44 14.34
CA GLU B 259 19.14 -14.42 14.83
C GLU B 259 17.75 -13.80 15.03
N PHE B 260 17.68 -12.59 15.48
CA PHE B 260 16.39 -11.89 15.62
C PHE B 260 15.73 -11.79 14.22
N ILE B 261 16.48 -11.36 13.21
CA ILE B 261 15.98 -11.31 11.87
C ILE B 261 15.52 -12.64 11.39
N ALA B 262 16.28 -13.69 11.62
CA ALA B 262 15.88 -15.07 11.19
C ALA B 262 14.55 -15.46 11.81
N GLN B 263 14.35 -15.13 13.07
CA GLN B 263 13.12 -15.49 13.77
C GLN B 263 11.91 -14.65 13.40
N TYR B 264 12.10 -13.36 13.20
CA TYR B 264 11.03 -12.40 13.25
C TYR B 264 10.82 -11.54 12.04
N ASP B 265 11.65 -11.68 10.98
CA ASP B 265 11.45 -10.93 9.77
C ASP B 265 10.22 -11.34 8.98
N GLY B 266 9.68 -12.46 9.31
CA GLY B 266 8.42 -12.91 8.73
C GLY B 266 7.19 -12.61 9.55
N LEU B 267 7.34 -11.77 10.59
CA LEU B 267 6.25 -11.39 11.48
C LEU B 267 6.05 -9.91 11.30
N THR B 268 4.83 -9.48 11.02
CA THR B 268 4.49 -8.07 10.90
C THR B 268 4.29 -7.43 12.27
N LEU B 269 4.44 -6.09 12.32
CA LEU B 269 4.14 -5.33 13.51
C LEU B 269 2.72 -5.57 13.95
N GLY B 270 1.74 -5.56 13.05
CA GLY B 270 0.38 -5.85 13.47
C GLY B 270 0.20 -7.23 14.08
N ALA B 271 0.85 -8.27 13.51
CA ALA B 271 0.79 -9.59 14.06
C ALA B 271 1.41 -9.62 15.46
N ALA B 272 2.50 -8.94 15.64
CA ALA B 272 3.17 -8.92 16.98
C ALA B 272 2.29 -8.23 17.97
N VAL B 273 1.66 -7.11 17.63
CA VAL B 273 0.77 -6.46 18.58
C VAL B 273 -0.34 -7.38 18.96
N ARG B 274 -0.93 -8.13 18.00
CA ARG B 274 -2.01 -9.03 18.33
C ARG B 274 -1.48 -10.19 19.19
N GLU B 275 -0.29 -10.69 19.01
CA GLU B 275 0.22 -11.79 19.91
C GLU B 275 0.32 -11.25 21.33
N ILE B 276 0.88 -10.04 21.49
CA ILE B 276 1.09 -9.46 22.78
C ILE B 276 -0.27 -9.24 23.48
N VAL B 277 -1.19 -8.64 22.74
CA VAL B 277 -2.53 -8.37 23.28
C VAL B 277 -3.19 -9.69 23.70
N THR B 278 -3.12 -10.70 22.90
CA THR B 278 -3.74 -12.00 23.16
C THR B 278 -3.25 -12.57 24.46
N VAL B 279 -1.94 -12.59 24.66
CA VAL B 279 -1.39 -13.09 25.92
C VAL B 279 -1.87 -12.31 27.08
N ALA B 280 -1.93 -10.97 26.98
CA ALA B 280 -2.40 -10.09 28.08
C ALA B 280 -3.87 -10.29 28.36
N PHE B 281 -4.65 -10.53 27.33
CA PHE B 281 -6.07 -10.74 27.50
C PHE B 281 -6.33 -12.11 28.16
N GLU B 282 -5.55 -13.12 27.79
CA GLU B 282 -5.66 -14.42 28.42
C GLU B 282 -5.30 -14.40 29.91
N LYS B 283 -4.25 -13.62 30.20
CA LYS B 283 -3.82 -13.44 31.61
C LYS B 283 -4.76 -12.61 32.41
N GLY B 284 -5.66 -11.86 31.82
CA GLY B 284 -6.57 -10.96 32.55
C GLY B 284 -6.14 -9.53 32.73
N THR B 285 -5.04 -9.20 32.11
CA THR B 285 -4.51 -7.89 32.25
C THR B 285 -5.36 -6.85 31.42
N LEU B 286 -5.92 -7.29 30.32
CA LEU B 286 -6.87 -6.55 29.56
C LEU B 286 -8.23 -7.19 29.65
N PRO B 287 -9.21 -6.48 30.16
CA PRO B 287 -10.52 -7.04 30.24
C PRO B 287 -11.35 -7.00 29.01
N PRO B 288 -12.43 -7.86 29.00
CA PRO B 288 -13.45 -7.79 27.93
C PRO B 288 -13.90 -6.40 27.80
N VAL B 289 -14.12 -5.94 26.56
CA VAL B 289 -14.11 -4.45 26.41
C VAL B 289 -15.31 -3.89 27.08
N ASP B 290 -16.35 -4.60 26.93
CA ASP B 290 -17.42 -4.26 27.93
C ASP B 290 -18.13 -5.58 28.09
N GLY B 291 -19.20 -5.61 28.82
CA GLY B 291 -19.85 -6.89 28.94
C GLY B 291 -20.40 -7.48 27.67
N VAL B 292 -20.45 -6.83 26.49
CA VAL B 292 -21.06 -7.73 25.32
C VAL B 292 -19.91 -8.25 24.39
N LEU B 293 -18.74 -7.56 24.38
CA LEU B 293 -17.76 -8.02 23.30
C LEU B 293 -17.23 -9.44 23.60
N ASP B 294 -17.36 -10.38 22.69
CA ASP B 294 -16.55 -11.62 22.77
C ASP B 294 -15.02 -11.57 22.80
N VAL B 295 -14.39 -12.76 22.87
CA VAL B 295 -13.00 -12.77 23.12
C VAL B 295 -12.24 -12.17 21.99
N ASP B 296 -12.45 -12.72 20.80
CA ASP B 296 -11.74 -12.23 19.68
C ASP B 296 -12.07 -10.76 19.31
N GLU B 297 -13.29 -10.34 19.54
CA GLU B 297 -13.64 -9.01 19.33
C GLU B 297 -12.98 -8.05 20.31
N SER B 298 -12.85 -8.43 21.56
CA SER B 298 -12.17 -7.62 22.51
C SER B 298 -10.70 -7.51 22.17
N ILE B 299 -10.05 -8.63 21.84
CA ILE B 299 -8.63 -8.63 21.43
C ILE B 299 -8.48 -7.70 20.27
N SER B 300 -9.35 -7.82 19.25
CA SER B 300 -9.30 -7.00 18.08
C SER B 300 -9.43 -5.50 18.42
N TYR B 301 -10.41 -5.19 19.27
CA TYR B 301 -10.59 -3.82 19.68
C TYR B 301 -9.27 -3.25 20.26
N TYR B 302 -8.63 -4.00 21.16
CA TYR B 302 -7.41 -3.49 21.76
C TYR B 302 -6.28 -3.34 20.70
N VAL B 303 -6.15 -4.32 19.81
CA VAL B 303 -5.17 -4.21 18.75
C VAL B 303 -5.37 -2.98 17.93
N GLU B 304 -6.64 -2.70 17.60
CA GLU B 304 -6.96 -1.58 16.70
C GLU B 304 -6.89 -0.24 17.49
N LEU B 305 -7.20 -0.26 18.77
CA LEU B 305 -7.10 0.89 19.63
C LEU B 305 -5.62 1.28 19.73
N PHE B 306 -4.74 0.36 20.03
CA PHE B 306 -3.31 0.61 20.04
C PHE B 306 -2.86 1.09 18.69
N GLY B 307 -3.35 0.47 17.64
CA GLY B 307 -3.01 0.84 16.27
C GLY B 307 -3.26 2.33 16.03
N ARG B 308 -4.40 2.84 16.46
CA ARG B 308 -4.64 4.27 16.20
C ARG B 308 -3.82 5.16 17.14
N PHE B 309 -3.47 4.69 18.33
CA PHE B 309 -2.76 5.52 19.29
C PHE B 309 -1.30 5.73 18.96
N GLY B 310 -0.55 4.63 18.79
CA GLY B 310 0.86 4.69 18.44
C GLY B 310 1.84 4.70 19.58
N PHE B 311 3.09 5.04 19.17
CA PHE B 311 4.35 4.94 19.89
C PHE B 311 4.90 6.28 20.28
N GLY B 312 4.18 7.34 19.99
CA GLY B 312 4.62 8.69 20.25
C GLY B 312 4.55 9.68 19.12
N THR B 313 4.29 9.18 17.89
CA THR B 313 4.24 10.02 16.66
C THR B 313 2.88 9.77 15.93
N GLY B 314 1.84 9.31 16.63
CA GLY B 314 0.59 8.98 16.05
C GLY B 314 0.40 7.54 15.69
N GLY B 315 -0.78 7.19 15.21
CA GLY B 315 -1.07 5.81 15.05
C GLY B 315 -0.14 5.09 14.07
N PHE B 316 0.33 3.91 14.46
CA PHE B 316 1.09 3.02 13.57
C PHE B 316 0.25 1.91 12.98
N LYS B 317 -1.06 1.93 13.18
CA LYS B 317 -2.00 1.09 12.38
C LYS B 317 -1.59 1.11 10.92
N PRO B 318 -1.46 2.23 10.28
CA PRO B 318 -1.15 2.16 8.84
C PRO B 318 0.18 1.52 8.54
N LEU B 319 1.09 1.46 9.52
CA LEU B 319 2.39 0.84 9.40
C LEU B 319 2.42 -0.61 9.89
N TYR B 320 1.24 -1.20 10.17
CA TYR B 320 1.19 -2.52 10.72
C TYR B 320 1.77 -3.62 9.86
N ASN B 321 1.96 -3.41 8.56
CA ASN B 321 2.55 -4.42 7.70
C ASN B 321 4.05 -4.39 7.70
N ILE B 322 4.68 -3.42 8.36
CA ILE B 322 6.13 -3.47 8.42
C ILE B 322 6.58 -4.72 9.21
N SER B 323 7.78 -5.19 8.89
CA SER B 323 8.38 -6.28 9.70
C SER B 323 8.54 -5.79 11.12
N LEU B 324 8.38 -6.72 12.07
CA LEU B 324 8.78 -6.45 13.45
C LEU B 324 10.22 -6.02 13.53
N VAL B 325 11.10 -6.51 12.64
CA VAL B 325 12.51 -6.12 12.62
C VAL B 325 12.64 -4.62 12.43
N GLU B 326 11.84 -4.10 11.47
CA GLU B 326 11.82 -2.69 11.20
C GLU B 326 11.32 -1.86 12.39
N MET B 327 10.22 -2.28 12.98
CA MET B 327 9.83 -1.59 14.22
C MET B 327 10.88 -1.64 15.30
N MET B 328 11.51 -2.78 15.44
CA MET B 328 12.49 -2.91 16.51
C MET B 328 13.69 -1.96 16.34
N ARG B 329 14.10 -1.68 15.10
CA ARG B 329 15.11 -0.69 14.85
C ARG B 329 14.73 0.68 15.46
N LEU B 330 13.44 1.05 15.32
CA LEU B 330 12.94 2.31 15.83
C LEU B 330 12.82 2.29 17.33
N ILE B 331 12.41 1.16 17.91
CA ILE B 331 12.42 1.00 19.38
C ILE B 331 13.79 1.16 19.96
N LEU B 332 14.76 0.47 19.39
CA LEU B 332 16.12 0.57 19.93
C LEU B 332 16.65 1.99 19.95
N TRP B 333 16.26 2.72 18.92
CA TRP B 333 16.71 4.10 18.68
C TRP B 333 15.94 5.11 19.51
N ASP B 334 14.90 4.73 20.22
CA ASP B 334 14.02 5.69 20.92
C ASP B 334 13.49 6.74 19.93
N TYR B 335 13.00 6.28 18.80
CA TYR B 335 12.80 7.20 17.66
C TYR B 335 11.89 8.41 17.93
N SER B 336 10.90 8.21 18.86
CA SER B 336 9.86 9.22 19.05
C SER B 336 10.30 10.47 19.78
N ASN B 337 11.47 10.40 20.41
CA ASN B 337 11.93 11.51 21.23
C ASN B 337 12.65 12.51 20.30
N GLU B 338 11.85 13.46 19.78
CA GLU B 338 12.23 14.24 18.62
C GLU B 338 12.27 15.74 18.84
N TYR B 339 13.11 16.42 18.05
CA TYR B 339 13.35 17.86 18.10
C TYR B 339 13.17 18.51 16.75
N THR B 340 13.13 19.81 16.74
CA THR B 340 13.20 20.68 15.57
C THR B 340 14.63 21.04 15.25
N LEU B 341 14.86 21.63 14.09
CA LEU B 341 16.13 22.17 13.73
C LEU B 341 16.13 23.70 13.99
N PRO B 342 17.33 24.30 14.06
CA PRO B 342 17.43 25.73 14.35
C PRO B 342 17.26 26.64 13.09
N VAL B 343 16.07 26.55 12.48
CA VAL B 343 15.77 27.06 11.16
C VAL B 343 14.41 27.65 11.10
N THR B 344 14.18 28.49 10.09
CA THR B 344 12.79 28.79 9.66
C THR B 344 12.26 27.67 8.76
N GLU B 345 13.11 27.16 7.85
CA GLU B 345 12.74 26.09 6.97
C GLU B 345 13.83 25.01 6.97
N ASN B 346 13.41 23.75 7.04
CA ASN B 346 14.38 22.67 7.14
C ASN B 346 15.34 22.61 5.94
N VAL B 347 14.90 23.05 4.80
CA VAL B 347 15.78 23.14 3.62
C VAL B 347 17.04 23.90 3.91
N GLU B 348 17.00 24.86 4.84
CA GLU B 348 18.20 25.61 5.16
C GLU B 348 19.31 24.69 5.66
N PHE B 349 19.00 23.61 6.34
CA PHE B 349 20.04 22.62 6.75
C PHE B 349 20.80 22.08 5.57
N ILE B 350 20.12 21.65 4.53
CA ILE B 350 20.76 21.03 3.38
C ILE B 350 21.49 22.11 2.60
N ARG B 351 20.89 23.28 2.45
CA ARG B 351 21.55 24.37 1.75
C ARG B 351 22.84 24.75 2.48
N ASN B 352 22.80 24.86 3.81
CA ASN B 352 24.03 25.21 4.61
C ASN B 352 25.08 24.11 4.43
N LEU B 353 24.68 22.84 4.39
CA LEU B 353 25.68 21.74 4.26
C LEU B 353 26.31 21.88 2.89
N PHE B 354 25.56 22.20 1.86
CA PHE B 354 26.12 22.34 0.51
C PHE B 354 27.16 23.48 0.50
N LEU B 355 26.83 24.56 1.13
CA LEU B 355 27.77 25.68 1.17
C LEU B 355 29.03 25.25 1.98
N LYS B 356 28.83 24.58 3.09
CA LYS B 356 29.96 24.17 3.93
C LYS B 356 30.83 23.16 3.15
N ALA B 357 30.25 22.28 2.33
CA ALA B 357 31.02 21.34 1.51
C ALA B 357 32.02 22.11 0.70
N GLN B 358 31.61 23.17 0.04
CA GLN B 358 32.50 23.96 -0.83
C GLN B 358 33.57 24.64 0.03
N ASN B 359 33.22 25.07 1.21
CA ASN B 359 34.20 25.72 2.06
C ASN B 359 35.26 24.79 2.57
N VAL B 360 34.84 23.59 2.98
CA VAL B 360 35.75 22.61 3.54
C VAL B 360 36.66 22.09 2.46
N GLY B 361 36.22 22.09 1.19
CA GLY B 361 37.10 21.62 0.12
C GLY B 361 38.35 22.40 -0.05
N ALA B 362 38.35 23.59 0.50
CA ALA B 362 39.62 24.40 0.53
C ALA B 362 40.09 24.74 -0.88
N GLY B 363 39.19 24.96 -1.78
CA GLY B 363 39.50 25.24 -3.15
C GLY B 363 39.86 24.01 -4.03
N LYS B 364 40.02 22.82 -3.47
CA LYS B 364 40.30 21.53 -4.15
C LYS B 364 39.09 20.81 -4.67
N LEU B 365 37.92 21.20 -4.19
CA LEU B 365 36.64 20.68 -4.64
C LEU B 365 35.99 21.78 -5.49
N VAL B 366 35.65 21.45 -6.73
CA VAL B 366 34.87 22.37 -7.61
C VAL B 366 33.58 21.69 -7.93
N VAL B 367 32.50 22.42 -7.84
CA VAL B 367 31.11 21.89 -7.98
C VAL B 367 30.38 22.65 -9.02
N GLN B 368 29.78 21.88 -9.92
CA GLN B 368 28.84 22.44 -10.90
C GLN B 368 27.50 21.76 -10.84
N VAL B 369 26.42 22.50 -10.88
CA VAL B 369 25.08 22.00 -10.84
C VAL B 369 24.51 21.97 -12.24
N ARG B 370 23.93 20.84 -12.56
CA ARG B 370 23.24 20.55 -13.80
C ARG B 370 21.76 20.38 -13.56
N GLN B 371 20.94 21.21 -14.19
CA GLN B 371 19.47 21.07 -14.07
C GLN B 371 19.05 20.07 -15.19
N GLU B 372 19.31 18.81 -14.90
CA GLU B 372 19.11 17.73 -15.83
C GLU B 372 18.62 16.50 -15.14
N ARG B 373 17.80 15.74 -15.80
CA ARG B 373 17.33 14.44 -15.29
C ARG B 373 18.19 13.31 -15.86
N VAL B 374 18.85 12.56 -14.99
CA VAL B 374 19.58 11.39 -15.43
C VAL B 374 18.56 10.31 -15.82
N ALA B 375 18.74 9.70 -17.01
CA ALA B 375 17.89 8.64 -17.53
C ALA B 375 18.59 7.30 -17.47
N ASN B 376 19.92 7.23 -17.58
CA ASN B 376 20.66 6.00 -17.66
C ASN B 376 22.07 6.14 -17.06
N ALA B 377 22.54 5.07 -16.45
CA ALA B 377 23.95 4.93 -16.00
C ALA B 377 24.46 3.61 -16.59
N CYS B 378 25.75 3.58 -16.91
CA CYS B 378 26.39 2.36 -17.34
C CYS B 378 27.91 2.52 -17.22
N HIS B 379 28.60 1.40 -17.33
CA HIS B 379 30.06 1.46 -17.59
C HIS B 379 30.22 1.26 -19.12
N SER B 380 31.13 2.03 -19.75
CA SER B 380 31.35 1.74 -21.15
C SER B 380 32.66 2.23 -21.59
N GLY B 381 33.10 1.69 -22.72
CA GLY B 381 34.32 2.19 -23.39
C GLY B 381 35.58 1.71 -22.74
N THR B 382 36.70 2.34 -23.11
CA THR B 382 38.02 1.87 -22.65
C THR B 382 38.81 3.04 -22.06
N ALA B 383 38.19 4.19 -21.82
CA ALA B 383 38.91 5.36 -21.19
C ALA B 383 39.00 5.16 -19.72
N SER B 384 39.81 6.02 -19.07
CA SER B 384 39.93 6.06 -17.56
C SER B 384 38.58 6.25 -16.88
N ALA B 385 37.88 7.22 -17.42
CA ALA B 385 36.51 7.65 -16.95
C ALA B 385 35.52 6.80 -17.72
N ARG B 386 35.14 5.71 -17.10
CA ARG B 386 34.26 4.76 -17.74
C ARG B 386 32.84 4.81 -17.21
N ALA B 387 32.57 5.54 -16.17
CA ALA B 387 31.16 5.58 -15.61
C ALA B 387 30.37 6.66 -16.35
N GLN B 388 29.41 6.20 -17.10
CA GLN B 388 28.65 7.05 -18.04
C GLN B 388 27.32 7.45 -17.41
N LEU B 389 26.89 8.67 -17.61
CA LEU B 389 25.56 9.13 -17.30
C LEU B 389 24.96 9.83 -18.51
N LEU B 390 23.74 9.37 -18.85
CA LEU B 390 22.95 9.96 -19.92
C LEU B 390 21.82 10.77 -19.24
N SER B 391 21.67 12.05 -19.63
CA SER B 391 20.71 12.95 -19.01
C SER B 391 20.00 13.77 -20.05
N TYR B 392 18.91 14.42 -19.59
CA TYR B 392 18.18 15.35 -20.44
C TYR B 392 18.02 16.65 -19.70
N ASP B 393 18.22 17.78 -20.44
CA ASP B 393 18.02 19.07 -19.86
C ASP B 393 16.61 19.57 -20.04
N SER B 394 16.38 20.81 -19.60
CA SER B 394 15.00 21.33 -19.56
C SER B 394 14.41 21.58 -20.94
N HIS B 395 15.24 21.52 -22.00
CA HIS B 395 14.74 21.52 -23.37
C HIS B 395 14.64 20.12 -23.98
N ASN B 396 14.83 19.11 -23.15
CA ASN B 396 14.77 17.72 -23.49
C ASN B 396 15.90 17.30 -24.42
N ALA B 397 17.00 18.08 -24.40
CA ALA B 397 18.18 17.71 -25.15
C ALA B 397 19.00 16.71 -24.39
N VAL B 398 19.58 15.71 -25.07
CA VAL B 398 20.40 14.68 -24.46
C VAL B 398 21.81 15.17 -24.20
N HIS B 399 22.35 14.67 -23.12
CA HIS B 399 23.73 14.86 -22.73
C HIS B 399 24.31 13.57 -22.21
N SER B 400 25.55 13.31 -22.59
CA SER B 400 26.33 12.18 -22.17
C SER B 400 27.60 12.64 -21.53
N GLU B 401 27.96 12.11 -20.38
CA GLU B 401 29.14 12.53 -19.68
C GLU B 401 29.76 11.33 -18.99
N ALA B 402 31.06 11.26 -18.99
CA ALA B 402 31.87 10.21 -18.38
C ALA B 402 32.58 10.71 -17.14
N TYR B 403 32.63 9.81 -16.18
CA TYR B 403 33.18 10.08 -14.88
C TYR B 403 34.10 8.96 -14.37
N ASP B 404 34.96 9.32 -13.42
CA ASP B 404 35.72 8.37 -12.69
C ASP B 404 34.88 7.54 -11.73
N PHE B 405 33.99 8.26 -11.03
CA PHE B 405 33.13 7.66 -10.00
C PHE B 405 31.78 8.35 -10.07
N VAL B 406 30.71 7.63 -9.70
CA VAL B 406 29.37 8.25 -9.62
C VAL B 406 28.75 7.75 -8.28
N ILE B 407 28.08 8.72 -7.61
CA ILE B 407 27.24 8.48 -6.48
C ILE B 407 25.80 8.76 -6.93
N LEU B 408 25.01 7.67 -6.91
CA LEU B 408 23.60 7.73 -7.30
C LEU B 408 22.78 7.97 -6.03
N ALA B 409 22.43 9.24 -5.81
CA ALA B 409 21.87 9.72 -4.56
C ALA B 409 20.36 10.05 -4.77
N VAL B 410 19.63 9.00 -5.24
CA VAL B 410 18.19 9.12 -5.47
C VAL B 410 17.52 7.87 -4.90
N PRO B 411 16.30 7.96 -4.42
CA PRO B 411 15.60 6.79 -3.83
C PRO B 411 15.18 5.79 -4.87
N HIS B 412 14.73 4.65 -4.40
CA HIS B 412 14.76 3.48 -5.24
C HIS B 412 13.93 3.51 -6.49
N ASP B 413 12.71 4.06 -6.43
CA ASP B 413 11.92 4.10 -7.67
C ASP B 413 12.48 5.05 -8.68
N GLN B 414 13.14 6.09 -8.23
CA GLN B 414 13.86 7.00 -9.17
C GLN B 414 15.14 6.37 -9.70
N LEU B 415 15.74 5.48 -8.94
CA LEU B 415 16.97 4.83 -9.36
C LEU B 415 16.70 3.74 -10.40
N THR B 416 15.59 3.02 -10.23
CA THR B 416 15.25 1.91 -11.13
C THR B 416 15.43 2.17 -12.64
N PRO B 417 14.89 3.24 -13.18
CA PRO B 417 15.05 3.42 -14.63
C PRO B 417 16.51 3.64 -15.01
N ILE B 418 17.33 4.20 -14.15
CA ILE B 418 18.71 4.52 -14.40
C ILE B 418 19.59 3.28 -14.48
N VAL B 419 19.23 2.25 -13.71
CA VAL B 419 20.09 1.08 -13.47
C VAL B 419 19.61 -0.27 -14.04
N SER B 420 18.34 -0.31 -14.47
CA SER B 420 17.67 -1.59 -14.76
C SER B 420 17.42 -1.91 -16.21
N ARG B 421 17.77 -1.01 -17.11
CA ARG B 421 17.37 -1.11 -18.49
C ARG B 421 18.53 -1.49 -19.42
N SER B 422 19.68 -1.79 -18.91
CA SER B 422 20.90 -2.16 -19.60
C SER B 422 21.23 -3.62 -19.47
N GLY B 423 20.32 -4.42 -19.03
CA GLY B 423 20.64 -5.81 -18.79
C GLY B 423 21.66 -6.08 -17.70
N PHE B 424 22.24 -7.27 -17.71
CA PHE B 424 22.87 -7.80 -16.54
C PHE B 424 24.25 -8.42 -16.88
N GLU B 425 24.82 -8.09 -18.02
CA GLU B 425 26.09 -8.59 -18.51
C GLU B 425 26.64 -7.65 -19.62
N HIS B 426 27.81 -7.98 -20.11
CA HIS B 426 28.41 -7.26 -21.22
C HIS B 426 27.46 -7.18 -22.37
N ALA B 427 27.47 -6.02 -23.04
CA ALA B 427 26.83 -5.87 -24.32
C ALA B 427 27.75 -5.15 -25.28
N ALA B 428 27.82 -5.65 -26.55
CA ALA B 428 28.69 -4.98 -27.54
C ALA B 428 28.38 -3.50 -27.70
N SER B 429 27.07 -3.17 -27.76
CA SER B 429 26.58 -1.77 -27.84
C SER B 429 25.17 -1.69 -27.35
N GLN B 430 24.81 -0.56 -26.86
CA GLN B 430 23.47 -0.25 -26.45
C GLN B 430 23.16 1.20 -26.81
N ASN B 431 21.94 1.41 -27.31
CA ASN B 431 21.43 2.76 -27.59
C ASN B 431 20.55 3.17 -26.37
N LEU B 432 21.16 3.84 -25.40
CA LEU B 432 20.48 4.13 -24.15
C LEU B 432 19.80 5.48 -24.19
N GLY B 433 18.77 5.56 -23.39
CA GLY B 433 18.04 6.78 -23.16
C GLY B 433 16.55 6.52 -23.16
N ASP B 434 15.76 7.58 -23.18
CA ASP B 434 14.33 7.44 -23.02
C ASP B 434 13.63 7.35 -24.34
N ALA B 435 13.93 6.26 -25.01
CA ALA B 435 13.43 6.06 -26.39
C ALA B 435 11.89 6.00 -26.42
N GLY B 436 11.27 5.44 -25.38
CA GLY B 436 9.80 5.38 -25.35
C GLY B 436 9.17 6.73 -25.28
N LEU B 437 9.84 7.73 -24.73
CA LEU B 437 9.36 9.10 -24.67
C LEU B 437 9.61 9.83 -25.96
N GLY B 438 10.29 9.21 -26.90
CA GLY B 438 10.65 9.91 -28.09
C GLY B 438 11.86 10.81 -27.99
N LEU B 439 12.66 10.60 -26.95
CA LEU B 439 13.85 11.36 -26.71
C LEU B 439 15.07 10.68 -27.31
N GLU B 440 16.09 11.47 -27.60
CA GLU B 440 17.29 11.01 -28.29
C GLU B 440 18.07 10.04 -27.43
N THR B 441 18.60 9.03 -28.06
CA THR B 441 19.40 8.04 -27.44
C THR B 441 20.89 8.33 -27.73
N HIS B 442 21.76 7.60 -27.01
CA HIS B 442 23.18 7.63 -27.23
C HIS B 442 23.72 6.26 -27.27
N THR B 443 24.59 5.99 -28.23
CA THR B 443 25.19 4.73 -28.39
C THR B 443 26.43 4.59 -27.52
N TYR B 444 26.42 3.59 -26.62
CA TYR B 444 27.52 3.22 -25.80
C TYR B 444 28.05 1.88 -26.29
N ASN B 445 29.37 1.71 -26.28
CA ASN B 445 30.01 0.47 -26.77
C ASN B 445 30.76 -0.22 -25.61
N GLN B 446 30.82 -1.57 -25.64
CA GLN B 446 31.45 -2.36 -24.60
C GLN B 446 30.84 -2.05 -23.21
N VAL B 447 29.55 -2.27 -23.11
CA VAL B 447 28.74 -1.76 -22.03
C VAL B 447 28.64 -2.82 -20.96
N TYR B 448 28.70 -2.38 -19.71
CA TYR B 448 28.36 -3.23 -18.54
C TYR B 448 27.35 -2.43 -17.67
N PRO B 449 26.53 -3.19 -16.95
CA PRO B 449 25.60 -2.51 -16.04
C PRO B 449 26.30 -1.62 -15.07
N PRO B 450 25.61 -0.61 -14.57
CA PRO B 450 26.21 0.29 -13.56
C PRO B 450 26.45 -0.37 -12.20
N LEU B 451 25.45 -1.13 -11.70
CA LEU B 451 25.56 -1.72 -10.37
C LEU B 451 26.17 -3.09 -10.51
N LEU B 452 27.48 -3.04 -10.80
CA LEU B 452 28.23 -4.21 -11.30
C LEU B 452 28.80 -5.05 -10.15
N LEU B 453 28.05 -6.04 -9.74
CA LEU B 453 28.48 -6.92 -8.70
C LEU B 453 29.30 -8.08 -9.23
N SER B 454 29.25 -8.38 -10.52
CA SER B 454 30.00 -9.47 -11.03
C SER B 454 30.29 -9.29 -12.48
N ASP B 455 31.53 -9.61 -12.86
CA ASP B 455 31.87 -9.75 -14.27
C ASP B 455 31.46 -11.11 -14.86
N SER B 456 30.93 -12.03 -14.11
CA SER B 456 30.59 -13.34 -14.67
C SER B 456 29.21 -13.83 -14.37
N SER B 457 28.56 -13.23 -13.41
CA SER B 457 27.26 -13.82 -13.00
C SER B 457 26.15 -12.80 -13.27
N PRO B 458 25.31 -13.03 -14.29
CA PRO B 458 24.19 -12.09 -14.46
C PRO B 458 23.26 -12.09 -13.26
N ALA B 459 23.08 -13.22 -12.58
CA ALA B 459 22.21 -13.28 -11.41
C ALA B 459 22.64 -12.33 -10.32
N ALA B 460 23.95 -12.21 -10.07
CA ALA B 460 24.45 -11.36 -9.01
C ALA B 460 24.13 -9.91 -9.39
N ASN B 461 24.30 -9.52 -10.67
CA ASN B 461 23.93 -8.21 -11.16
C ASN B 461 22.45 -7.94 -11.08
N ALA B 462 21.69 -9.01 -11.34
CA ALA B 462 20.23 -8.95 -11.28
C ALA B 462 19.79 -8.76 -9.80
N ARG B 463 20.47 -9.40 -8.84
CA ARG B 463 20.00 -9.36 -7.49
C ARG B 463 19.95 -7.91 -7.01
N ILE B 464 20.99 -7.14 -7.25
CA ILE B 464 20.98 -5.79 -6.72
C ILE B 464 19.91 -4.95 -7.45
N VAL B 465 19.75 -5.07 -8.76
CA VAL B 465 18.78 -4.33 -9.51
C VAL B 465 17.35 -4.69 -9.06
N THR B 466 17.06 -5.99 -9.06
CA THR B 466 15.73 -6.44 -8.66
C THR B 466 15.44 -6.04 -7.24
N ALA B 467 16.37 -6.13 -6.30
CA ALA B 467 16.22 -5.71 -4.93
C ALA B 467 15.78 -4.24 -4.86
N ILE B 468 16.53 -3.36 -5.54
CA ILE B 468 16.20 -1.95 -5.53
C ILE B 468 14.78 -1.73 -6.00
N GLY B 469 14.40 -2.38 -7.14
CA GLY B 469 13.14 -2.13 -7.75
C GLY B 469 11.97 -2.62 -6.96
N GLN B 470 12.17 -3.51 -5.97
CA GLN B 470 11.12 -4.04 -5.18
C GLN B 470 11.13 -3.59 -3.71
N LEU B 471 11.91 -2.57 -3.39
CA LEU B 471 11.79 -1.99 -2.09
C LEU B 471 10.42 -1.34 -2.00
N HIS B 472 9.95 -1.21 -0.74
CA HIS B 472 8.64 -0.60 -0.52
C HIS B 472 8.75 0.83 -0.15
N MET B 473 8.19 1.70 -0.98
CA MET B 473 8.08 3.14 -0.67
C MET B 473 6.77 3.38 0.00
N ALA B 474 6.77 3.76 1.26
CA ALA B 474 5.55 4.09 1.99
C ALA B 474 4.88 5.30 1.36
N ARG B 475 3.57 5.22 1.27
CA ARG B 475 2.75 6.30 0.78
C ARG B 475 2.54 7.35 1.88
N SER B 476 2.51 8.62 1.51
CA SER B 476 2.30 9.65 2.49
C SER B 476 1.76 10.90 1.87
N SER B 477 0.94 11.64 2.61
CA SER B 477 0.37 12.92 2.19
C SER B 477 0.26 13.84 3.38
N LYS B 478 0.33 15.13 3.10
CA LYS B 478 0.13 16.17 4.09
C LYS B 478 -0.81 17.21 3.59
N VAL B 479 -1.88 17.49 4.40
CA VAL B 479 -2.85 18.54 4.17
C VAL B 479 -2.60 19.67 5.18
N PHE B 480 -2.36 20.87 4.67
CA PHE B 480 -2.03 22.05 5.43
C PHE B 480 -3.01 23.19 5.21
N ALA B 481 -3.13 24.02 6.20
CA ALA B 481 -3.83 25.29 6.11
C ALA B 481 -3.13 26.28 7.10
N THR B 482 -3.50 27.56 6.98
CA THR B 482 -2.96 28.60 7.87
C THR B 482 -4.10 29.07 8.75
N VAL B 483 -3.83 29.08 10.07
CA VAL B 483 -4.84 29.48 11.05
C VAL B 483 -4.19 30.50 12.01
N LYS B 484 -4.96 31.47 12.49
CA LYS B 484 -4.50 32.30 13.57
C LYS B 484 -4.25 31.48 14.82
N THR B 485 -3.10 31.66 15.40
CA THR B 485 -2.79 30.93 16.65
C THR B 485 -3.82 31.21 17.75
N ALA B 486 -4.31 32.45 17.78
CA ALA B 486 -5.35 32.82 18.71
C ALA B 486 -6.59 32.00 18.59
N ALA B 487 -6.80 31.29 17.50
CA ALA B 487 -7.98 30.41 17.43
C ALA B 487 -7.98 29.36 18.53
N LEU B 488 -6.78 28.95 18.96
CA LEU B 488 -6.67 27.98 20.00
C LEU B 488 -7.19 28.44 21.34
N ASP B 489 -7.32 29.74 21.51
CA ASP B 489 -7.73 30.37 22.80
C ASP B 489 -9.25 30.51 22.84
N GLN B 490 -9.96 30.09 21.81
CA GLN B 490 -11.40 30.21 21.83
C GLN B 490 -12.00 29.19 22.81
N PRO B 491 -13.19 29.45 23.37
CA PRO B 491 -13.73 28.56 24.36
C PRO B 491 -14.17 27.21 23.87
N TRP B 492 -14.36 27.12 22.58
CA TRP B 492 -14.71 25.89 21.93
C TRP B 492 -13.50 24.90 21.70
N VAL B 493 -12.29 25.37 21.89
CA VAL B 493 -11.07 24.51 21.83
C VAL B 493 -10.80 24.06 23.29
N PRO B 494 -10.76 22.76 23.51
CA PRO B 494 -10.48 22.29 24.84
C PRO B 494 -9.06 22.62 25.33
N GLN B 495 -8.98 22.85 26.62
CA GLN B 495 -7.73 23.03 27.30
C GLN B 495 -7.52 21.85 28.18
N TRP B 496 -6.26 21.49 28.34
CA TRP B 496 -5.93 20.39 29.24
C TRP B 496 -4.62 20.73 29.84
N ARG B 497 -4.52 20.66 31.17
CA ARG B 497 -3.26 20.95 31.89
C ARG B 497 -2.70 22.34 31.46
N GLY B 498 -3.62 23.28 31.37
CA GLY B 498 -3.21 24.70 31.25
C GLY B 498 -2.89 25.18 29.82
N GLU B 499 -3.14 24.36 28.80
CA GLU B 499 -2.80 24.71 27.41
C GLU B 499 -3.85 24.14 26.49
N PRO B 500 -4.12 24.80 25.33
CA PRO B 500 -5.00 24.23 24.35
C PRO B 500 -4.49 22.91 23.79
N ILE B 501 -5.40 22.05 23.36
CA ILE B 501 -5.07 20.88 22.57
C ILE B 501 -4.47 21.28 21.25
N LYS B 502 -3.26 20.75 20.94
CA LYS B 502 -2.54 21.13 19.72
C LYS B 502 -2.13 19.94 18.87
N ALA B 503 -2.55 18.74 19.27
CA ALA B 503 -2.33 17.52 18.49
C ALA B 503 -3.63 16.72 18.62
N VAL B 504 -4.05 16.11 17.52
CA VAL B 504 -5.25 15.32 17.49
C VAL B 504 -4.92 14.07 16.68
N VAL B 505 -5.11 12.91 17.27
CA VAL B 505 -4.85 11.61 16.65
C VAL B 505 -6.24 10.94 16.54
N SER B 506 -6.70 10.56 15.37
CA SER B 506 -8.07 10.15 15.20
C SER B 506 -8.25 9.17 14.08
N ASP B 507 -9.35 8.43 14.18
CA ASP B 507 -9.80 7.54 13.14
C ASP B 507 -10.82 8.14 12.15
N SER B 508 -10.86 9.44 12.11
CA SER B 508 -11.72 10.20 11.24
C SER B 508 -11.41 10.15 9.75
N GLY B 509 -10.21 9.63 9.47
CA GLY B 509 -9.62 9.72 8.17
C GLY B 509 -8.44 10.66 8.10
N LEU B 510 -8.41 11.65 9.01
CA LEU B 510 -7.28 12.60 9.04
C LEU B 510 -6.02 12.00 9.60
N ALA B 511 -6.15 11.00 10.45
CA ALA B 511 -5.04 10.26 11.13
C ALA B 511 -4.36 11.05 12.23
N ALA B 512 -3.65 12.12 11.84
CA ALA B 512 -2.80 12.85 12.79
C ALA B 512 -2.88 14.28 12.32
N SER B 513 -3.09 15.20 13.26
CA SER B 513 -3.27 16.61 13.00
C SER B 513 -2.51 17.39 14.08
N TYR B 514 -1.93 18.52 13.69
CA TYR B 514 -1.03 19.30 14.49
C TYR B 514 -1.27 20.78 14.25
N VAL B 515 -1.25 21.59 15.27
CA VAL B 515 -1.36 23.01 15.13
C VAL B 515 -0.03 23.66 15.56
N VAL B 516 0.87 23.81 14.59
CA VAL B 516 2.31 24.11 14.81
C VAL B 516 2.52 25.57 14.72
N PRO B 517 3.10 26.21 15.75
CA PRO B 517 3.34 27.66 15.69
C PRO B 517 4.25 27.96 14.51
N SER B 518 4.01 29.08 13.85
CA SER B 518 4.88 29.52 12.77
C SER B 518 6.25 29.70 13.25
N PRO B 519 7.26 29.28 12.45
CA PRO B 519 8.66 29.49 12.90
C PRO B 519 9.11 30.87 12.45
N ILE B 520 8.28 31.68 11.78
CA ILE B 520 8.65 33.04 11.33
C ILE B 520 8.14 34.00 12.47
N VAL B 521 8.96 34.28 13.40
CA VAL B 521 8.58 35.07 14.61
C VAL B 521 9.86 35.46 15.43
N ALA B 526 5.14 35.12 20.61
CA ALA B 526 4.29 34.10 20.01
C ALA B 526 3.82 34.52 18.64
N PRO B 527 3.87 33.60 17.68
CA PRO B 527 3.52 33.99 16.31
C PRO B 527 2.02 34.21 16.08
N GLU B 528 1.68 35.15 15.23
CA GLU B 528 0.32 35.35 14.86
C GLU B 528 -0.33 34.17 14.25
N TYR B 529 0.44 33.41 13.45
CA TYR B 529 -0.09 32.28 12.69
C TYR B 529 0.53 30.98 13.13
N SER B 530 -0.22 29.92 12.83
CA SER B 530 0.20 28.57 12.93
C SER B 530 -0.04 27.80 11.64
N SER B 531 0.80 26.78 11.41
CA SER B 531 0.55 25.81 10.33
C SER B 531 -0.38 24.75 10.90
N LEU B 532 -1.55 24.68 10.30
CA LEU B 532 -2.53 23.69 10.68
C LEU B 532 -2.27 22.48 9.78
N LEU B 533 -1.49 21.53 10.29
CA LEU B 533 -1.23 20.27 9.59
C LEU B 533 -2.50 19.49 9.86
N ALA B 534 -3.50 19.67 8.99
CA ALA B 534 -4.80 19.06 9.22
C ALA B 534 -4.81 17.58 9.12
N SER B 535 -3.94 17.02 8.28
CA SER B 535 -3.87 15.58 8.14
C SER B 535 -2.48 15.16 7.63
N TYR B 536 -1.81 14.32 8.36
CA TYR B 536 -0.57 13.69 7.96
C TYR B 536 -0.81 12.21 7.99
N THR B 537 -0.85 11.62 6.78
CA THR B 537 -1.21 10.22 6.62
C THR B 537 -0.06 9.39 6.04
N TRP B 538 -0.07 8.15 6.40
CA TRP B 538 0.78 7.12 5.87
C TRP B 538 -0.05 5.98 5.28
N GLU B 539 0.49 5.35 4.22
CA GLU B 539 0.01 4.05 3.77
C GLU B 539 -1.47 4.09 3.49
N ASP B 540 -2.27 3.15 3.94
CA ASP B 540 -3.68 3.14 3.57
C ASP B 540 -4.43 4.33 4.03
N ASP B 541 -4.00 4.97 5.11
CA ASP B 541 -4.67 6.20 5.52
C ASP B 541 -4.58 7.26 4.45
N SER B 542 -3.42 7.28 3.78
CA SER B 542 -3.21 8.23 2.63
C SER B 542 -4.05 7.77 1.39
N THR B 543 -4.03 6.49 1.09
CA THR B 543 -4.76 5.99 -0.04
C THR B 543 -6.24 6.38 0.08
N ARG B 544 -6.80 6.29 1.27
CA ARG B 544 -8.23 6.56 1.43
C ARG B 544 -8.63 7.98 1.10
N LEU B 545 -7.67 8.91 1.28
CA LEU B 545 -7.90 10.37 1.01
C LEU B 545 -7.67 10.72 -0.43
N ARG B 546 -6.84 9.94 -1.18
CA ARG B 546 -6.22 10.48 -2.37
C ARG B 546 -7.20 10.93 -3.41
N HIS B 547 -8.36 10.28 -3.56
CA HIS B 547 -9.35 10.69 -4.51
C HIS B 547 -9.85 12.09 -4.34
N ASP B 548 -9.68 12.70 -3.18
CA ASP B 548 -10.20 14.05 -2.86
C ASP B 548 -9.12 15.09 -3.05
N PHE B 549 -7.90 14.75 -3.51
CA PHE B 549 -6.85 15.79 -3.54
C PHE B 549 -6.99 16.83 -4.67
N GLY B 550 -7.63 16.45 -5.78
CA GLY B 550 -7.95 17.29 -6.88
C GLY B 550 -6.86 17.56 -7.88
N LEU B 551 -5.67 17.89 -7.46
CA LEU B 551 -4.49 18.06 -8.27
C LEU B 551 -3.37 17.29 -7.64
N TYR B 552 -2.44 16.79 -8.47
CA TYR B 552 -1.42 15.86 -8.07
C TYR B 552 -0.07 16.24 -8.70
N PRO B 553 1.00 16.26 -7.92
CA PRO B 553 1.09 15.95 -6.48
C PRO B 553 0.72 17.10 -5.57
N GLN B 554 0.54 18.31 -6.07
CA GLN B 554 0.29 19.43 -5.22
C GLN B 554 -0.95 20.16 -5.65
N ASN B 555 -1.80 20.47 -4.66
CA ASN B 555 -2.95 21.36 -4.88
C ASN B 555 -2.76 22.46 -3.81
N PRO B 556 -2.63 23.71 -4.24
CA PRO B 556 -2.70 24.22 -5.57
C PRO B 556 -1.40 23.96 -6.33
N ALA B 557 -1.50 23.91 -7.65
CA ALA B 557 -0.33 23.74 -8.48
C ALA B 557 0.32 25.06 -8.80
N THR B 558 -0.29 26.17 -8.49
CA THR B 558 0.17 27.47 -8.69
C THR B 558 0.45 28.15 -7.33
N GLU B 559 1.18 29.25 -7.34
CA GLU B 559 1.47 29.96 -6.11
C GLU B 559 0.27 30.76 -5.59
N THR B 560 -0.65 31.11 -6.48
CA THR B 560 -1.74 32.00 -6.18
C THR B 560 -3.06 31.37 -5.83
N GLY B 561 -3.15 30.05 -6.00
CA GLY B 561 -4.36 29.30 -5.76
C GLY B 561 -4.47 28.87 -4.32
N THR B 562 -5.59 28.23 -4.05
CA THR B 562 -5.88 27.65 -2.74
C THR B 562 -6.65 26.34 -2.97
N ALA B 563 -6.31 25.30 -2.21
CA ALA B 563 -6.96 23.98 -2.36
C ALA B 563 -8.22 23.93 -1.48
N ASP B 564 -9.12 24.88 -1.73
CA ASP B 564 -10.30 25.03 -0.86
C ASP B 564 -11.24 23.84 -0.97
N GLY B 565 -11.56 23.40 -2.18
CA GLY B 565 -12.42 22.23 -2.35
C GLY B 565 -11.89 20.99 -1.69
N MET B 566 -10.59 20.71 -1.87
CA MET B 566 -9.93 19.61 -1.23
C MET B 566 -10.05 19.75 0.29
N TYR B 567 -9.72 20.89 0.81
CA TYR B 567 -9.70 21.08 2.24
C TYR B 567 -11.06 20.89 2.83
N ARG B 568 -12.09 21.38 2.14
CA ARG B 568 -13.45 21.21 2.66
C ARG B 568 -13.81 19.71 2.79
N THR B 569 -13.25 18.82 1.96
CA THR B 569 -13.48 17.38 2.15
C THR B 569 -12.85 16.86 3.47
N MET B 570 -11.79 17.50 3.88
CA MET B 570 -11.11 17.15 5.14
C MET B 570 -11.93 17.69 6.33
N VAL B 571 -12.34 18.95 6.24
CA VAL B 571 -13.29 19.51 7.20
C VAL B 571 -14.50 18.57 7.34
N ASN B 572 -15.04 18.12 6.22
CA ASN B 572 -16.19 17.29 6.28
C ASN B 572 -16.00 15.92 6.96
N ARG B 573 -14.78 15.37 6.80
CA ARG B 573 -14.45 14.15 7.56
C ARG B 573 -14.46 14.36 9.05
N ALA B 574 -14.20 15.63 9.49
CA ALA B 574 -14.23 16.01 10.89
C ALA B 574 -15.68 16.31 11.40
N TYR B 575 -16.67 16.30 10.49
CA TYR B 575 -18.07 16.56 10.85
C TYR B 575 -18.68 15.32 11.38
N ARG B 576 -18.33 14.97 12.61
CA ARG B 576 -18.71 13.73 13.24
C ARG B 576 -19.28 14.09 14.64
N TYR B 577 -20.35 13.42 15.01
CA TYR B 577 -20.88 13.58 16.36
C TYR B 577 -20.04 12.80 17.30
N VAL B 578 -19.47 13.49 18.30
CA VAL B 578 -18.49 12.92 19.25
C VAL B 578 -19.06 13.02 20.62
N LYS B 579 -19.22 11.85 21.27
CA LYS B 579 -19.69 11.86 22.63
C LYS B 579 -18.55 11.91 23.61
N TYR B 580 -18.61 12.87 24.45
CA TYR B 580 -17.59 13.12 25.52
C TYR B 580 -18.23 12.80 26.88
N ALA B 581 -17.40 12.44 27.81
CA ALA B 581 -17.87 12.20 29.17
C ALA B 581 -18.47 13.44 29.83
N GLY B 582 -18.06 14.62 29.36
CA GLY B 582 -18.46 15.82 30.04
C GLY B 582 -19.77 16.38 29.62
N ALA B 583 -20.48 15.80 28.65
CA ALA B 583 -21.75 16.38 28.23
C ALA B 583 -22.66 15.31 27.74
N SER B 584 -23.95 15.48 28.01
CA SER B 584 -24.89 14.44 27.64
C SER B 584 -25.25 14.47 26.19
N ASN B 585 -25.21 15.67 25.59
CA ASN B 585 -25.62 15.75 24.18
C ASN B 585 -24.47 15.97 23.34
N ALA B 586 -24.18 14.93 22.60
CA ALA B 586 -23.08 14.97 21.63
C ALA B 586 -23.31 16.02 20.59
N GLN B 587 -22.25 16.72 20.20
CA GLN B 587 -22.29 17.78 19.20
C GLN B 587 -21.29 17.40 18.21
N PRO B 588 -21.33 18.12 17.07
CA PRO B 588 -20.29 17.94 16.15
C PRO B 588 -18.94 18.21 16.82
N TRP B 589 -17.95 17.41 16.48
CA TRP B 589 -16.61 17.46 17.02
C TRP B 589 -16.06 18.88 16.98
N TRP B 590 -15.47 19.35 18.09
CA TRP B 590 -14.93 20.65 18.14
C TRP B 590 -13.84 20.85 17.05
N PHE B 591 -13.18 19.73 16.72
CA PHE B 591 -12.10 19.85 15.79
C PHE B 591 -12.61 20.29 14.39
N TYR B 592 -13.84 19.95 14.05
CA TYR B 592 -14.51 20.50 12.87
C TYR B 592 -14.44 22.02 12.82
N GLN B 593 -14.81 22.65 13.95
CA GLN B 593 -14.75 24.09 14.04
C GLN B 593 -13.34 24.65 13.89
N LEU B 594 -12.37 23.95 14.54
CA LEU B 594 -10.98 24.45 14.40
C LEU B 594 -10.50 24.34 12.95
N LEU B 595 -10.73 23.18 12.30
CA LEU B 595 -10.31 23.10 10.90
C LEU B 595 -10.98 24.18 10.06
N ALA B 596 -12.27 24.46 10.31
CA ALA B 596 -13.00 25.48 9.57
C ALA B 596 -12.55 26.92 9.88
N GLU B 597 -11.78 27.08 10.95
CA GLU B 597 -11.24 28.38 11.30
C GLU B 597 -10.03 28.80 10.48
N ALA B 598 -9.43 27.84 9.81
CA ALA B 598 -8.37 28.14 8.92
C ALA B 598 -8.82 29.15 7.85
N ARG B 599 -7.95 30.02 7.45
CA ARG B 599 -8.29 30.95 6.40
C ARG B 599 -8.55 30.26 5.08
N THR B 600 -9.28 30.91 4.20
CA THR B 600 -9.61 30.40 2.88
C THR B 600 -8.32 30.30 2.06
N ALA B 601 -7.54 31.35 1.96
CA ALA B 601 -6.32 31.31 1.20
C ALA B 601 -5.33 30.32 1.79
N ASP B 602 -4.47 29.74 0.94
CA ASP B 602 -3.34 28.94 1.33
C ASP B 602 -3.60 27.55 1.89
N ARG B 603 -4.78 27.05 1.54
CA ARG B 603 -5.14 25.63 1.79
C ARG B 603 -4.36 24.75 0.78
N PHE B 604 -3.87 23.60 1.23
CA PHE B 604 -2.82 22.93 0.52
C PHE B 604 -2.83 21.40 0.81
N VAL B 605 -2.47 20.67 -0.22
CA VAL B 605 -2.09 19.25 -0.03
C VAL B 605 -0.87 18.95 -0.90
N PHE B 606 0.03 18.12 -0.33
CA PHE B 606 1.08 17.51 -1.14
C PHE B 606 0.99 16.02 -0.95
N ASP B 607 0.98 15.29 -2.06
CA ASP B 607 0.91 13.88 -2.10
C ASP B 607 2.26 13.27 -2.56
N TRP B 608 3.05 12.75 -1.64
CA TRP B 608 4.30 12.19 -1.98
C TRP B 608 4.17 11.00 -2.96
N THR B 609 3.02 10.33 -2.89
CA THR B 609 2.81 9.20 -3.72
C THR B 609 2.83 9.48 -5.19
N THR B 610 2.28 10.67 -5.59
CA THR B 610 2.22 11.15 -6.95
C THR B 610 3.36 12.10 -7.37
N ASN B 611 4.25 12.38 -6.44
CA ASN B 611 5.52 12.91 -6.70
C ASN B 611 6.37 11.82 -7.41
N LYS B 612 7.46 12.23 -8.09
CA LYS B 612 8.28 11.29 -8.83
C LYS B 612 9.02 10.29 -7.96
N THR B 613 9.05 10.54 -6.64
CA THR B 613 9.53 9.55 -5.66
C THR B 613 8.61 8.34 -5.53
N ALA B 614 7.39 8.45 -5.98
CA ALA B 614 6.45 7.27 -5.85
C ALA B 614 6.23 6.90 -4.39
N GLY B 615 6.14 7.95 -3.55
CA GLY B 615 5.88 7.82 -2.17
C GLY B 615 6.84 8.64 -1.28
N GLY B 616 6.69 8.50 0.04
CA GLY B 616 7.45 9.29 1.00
C GLY B 616 8.79 8.72 1.37
N PHE B 617 8.92 7.42 1.65
CA PHE B 617 10.19 6.90 2.15
C PHE B 617 10.06 5.38 2.30
N LYS B 618 11.18 4.71 2.32
CA LYS B 618 11.16 3.26 2.43
C LYS B 618 10.81 2.78 3.85
N LEU B 619 9.89 1.82 3.88
CA LEU B 619 9.62 1.04 5.15
C LEU B 619 9.59 -0.40 4.72
N ASP B 620 10.29 -1.26 5.41
CA ASP B 620 10.42 -2.65 5.02
C ASP B 620 9.25 -3.48 5.46
N MET B 621 8.65 -4.20 4.53
CA MET B 621 7.69 -5.29 4.75
C MET B 621 8.39 -6.54 5.26
N THR B 622 7.63 -7.53 5.65
CA THR B 622 8.21 -8.81 5.95
C THR B 622 9.00 -9.31 4.73
N GLY B 623 10.17 -9.89 4.98
CA GLY B 623 11.05 -10.40 3.92
C GLY B 623 11.93 -9.32 3.28
N ASP B 624 11.60 -8.04 3.43
CA ASP B 624 12.33 -6.99 2.70
C ASP B 624 13.75 -6.75 3.21
N HIS B 625 14.04 -7.17 4.44
CA HIS B 625 15.43 -7.08 4.93
C HIS B 625 16.44 -7.57 3.95
N HIS B 626 16.13 -8.67 3.29
CA HIS B 626 17.08 -9.20 2.37
C HIS B 626 17.41 -8.36 1.18
N GLN B 627 16.42 -7.56 0.81
CA GLN B 627 16.58 -6.56 -0.25
C GLN B 627 17.21 -5.33 0.24
N SER B 628 16.68 -4.74 1.31
CA SER B 628 17.27 -3.49 1.78
C SER B 628 18.70 -3.65 2.30
N ASN B 629 18.95 -4.78 2.96
CA ASN B 629 20.27 -5.01 3.48
C ASN B 629 21.29 -5.20 2.40
N LEU B 630 20.90 -5.81 1.29
CA LEU B 630 21.79 -5.90 0.13
C LEU B 630 22.22 -4.54 -0.34
N CYS B 631 21.21 -3.67 -0.42
CA CYS B 631 21.50 -2.30 -0.77
C CYS B 631 22.41 -1.57 0.23
N PHE B 632 22.12 -1.78 1.53
CA PHE B 632 22.91 -1.17 2.60
C PHE B 632 24.39 -1.63 2.51
N ARG B 633 24.61 -2.88 2.11
CA ARG B 633 25.96 -3.42 2.04
C ARG B 633 26.64 -3.26 0.66
N TYR B 634 25.94 -2.74 -0.29
CA TYR B 634 26.35 -2.71 -1.68
C TYR B 634 27.70 -2.10 -1.89
N HIS B 635 28.06 -1.05 -1.15
CA HIS B 635 29.36 -0.38 -1.26
C HIS B 635 30.54 -1.22 -0.91
N THR B 636 30.35 -2.37 -0.29
CA THR B 636 31.42 -3.33 -0.05
C THR B 636 31.94 -3.95 -1.33
N HIS B 637 31.32 -3.69 -2.46
CA HIS B 637 31.86 -4.24 -3.73
C HIS B 637 33.28 -3.73 -3.99
N ALA B 638 33.64 -2.63 -3.34
CA ALA B 638 34.94 -2.03 -3.53
C ALA B 638 36.07 -2.91 -3.02
N LEU B 639 35.74 -3.91 -2.19
CA LEU B 639 36.75 -4.89 -1.77
C LEU B 639 37.26 -5.78 -2.85
N ALA B 640 36.55 -5.93 -3.95
CA ALA B 640 36.89 -6.85 -5.11
C ALA B 640 37.64 -5.93 -6.05
N ALA B 641 38.97 -5.96 -6.03
CA ALA B 641 39.77 -5.12 -6.82
C ALA B 641 39.69 -5.41 -8.28
N SER B 642 39.37 -6.65 -8.64
CA SER B 642 39.32 -7.14 -9.99
C SER B 642 38.00 -6.75 -10.66
N LEU B 643 37.09 -6.07 -10.00
CA LEU B 643 35.80 -5.70 -10.44
C LEU B 643 35.73 -4.24 -10.75
N ASP B 644 35.37 -3.79 -11.81
CA ASP B 644 35.90 -2.39 -11.93
C ASP B 644 34.63 -1.59 -11.79
N ASN B 645 34.01 -1.54 -10.61
CA ASN B 645 32.70 -0.91 -10.45
C ASN B 645 32.84 0.47 -9.87
N ARG B 646 32.39 1.50 -10.57
CA ARG B 646 32.55 2.89 -10.26
C ARG B 646 31.33 3.60 -9.60
N PHE B 647 30.25 2.82 -9.37
CA PHE B 647 29.00 3.42 -8.93
C PHE B 647 28.75 3.01 -7.46
N PHE B 648 28.30 4.00 -6.73
CA PHE B 648 27.88 3.87 -5.34
C PHE B 648 26.49 4.44 -5.22
N ILE B 649 25.74 4.07 -4.21
CA ILE B 649 24.33 4.52 -4.00
C ILE B 649 24.22 5.25 -2.64
N ALA B 650 23.40 6.28 -2.57
CA ALA B 650 23.35 7.13 -1.36
C ALA B 650 21.96 7.69 -1.14
N SER B 651 21.11 6.99 -0.38
CA SER B 651 19.75 7.46 -0.10
C SER B 651 19.25 6.69 1.08
N ASP B 652 18.22 7.25 1.73
CA ASP B 652 17.56 6.52 2.78
C ASP B 652 16.95 5.22 2.35
N SER B 653 16.68 5.07 1.03
CA SER B 653 16.26 3.79 0.43
C SER B 653 17.29 2.70 0.64
N TYR B 654 18.58 3.05 0.78
CA TYR B 654 19.65 2.06 0.83
C TYR B 654 20.17 2.01 2.27
N SER B 655 19.28 2.15 3.24
CA SER B 655 19.61 2.16 4.63
C SER B 655 18.59 1.40 5.42
N HIS B 656 18.84 1.26 6.71
CA HIS B 656 17.96 0.66 7.68
C HIS B 656 17.23 1.75 8.52
N LEU B 657 17.10 2.94 7.95
CA LEU B 657 16.39 4.04 8.49
C LEU B 657 15.72 4.84 7.37
N GLY B 658 14.96 4.14 6.56
CA GLY B 658 14.09 4.77 5.60
C GLY B 658 13.15 5.68 6.36
N GLY B 659 12.94 6.89 5.81
CA GLY B 659 12.11 7.88 6.49
C GLY B 659 12.81 8.77 7.47
N TRP B 660 14.15 8.71 7.47
CA TRP B 660 14.95 9.54 8.34
C TRP B 660 16.14 10.14 7.59
N LEU B 661 16.45 11.43 7.85
CA LEU B 661 17.70 11.98 7.39
C LEU B 661 18.85 11.08 7.78
N GLU B 662 18.74 10.48 8.99
CA GLU B 662 19.83 9.64 9.48
C GLU B 662 20.10 8.53 8.46
N GLY B 663 19.08 7.96 7.83
CA GLY B 663 19.33 6.95 6.86
C GLY B 663 19.98 7.43 5.57
N ALA B 664 19.55 8.60 5.09
CA ALA B 664 20.21 9.17 3.90
C ALA B 664 21.66 9.49 4.21
N PHE B 665 21.93 10.03 5.42
CA PHE B 665 23.30 10.37 5.79
C PHE B 665 24.17 9.11 6.01
N MET B 666 23.63 8.06 6.58
CA MET B 666 24.36 6.83 6.74
C MET B 666 24.73 6.27 5.37
N SER B 667 23.78 6.26 4.44
CA SER B 667 23.98 5.75 3.11
C SER B 667 25.04 6.56 2.39
N ALA B 668 25.02 7.85 2.55
CA ALA B 668 26.09 8.68 1.96
C ALA B 668 27.45 8.36 2.52
N LEU B 669 27.54 8.12 3.82
CA LEU B 669 28.82 7.76 4.44
C LEU B 669 29.32 6.47 3.90
N ASN B 670 28.42 5.46 3.75
CA ASN B 670 28.73 4.20 3.09
C ASN B 670 29.31 4.45 1.68
N ALA B 671 28.61 5.21 0.87
CA ALA B 671 28.96 5.47 -0.50
C ALA B 671 30.35 6.02 -0.60
N VAL B 672 30.67 7.05 0.20
CA VAL B 672 31.98 7.67 0.12
C VAL B 672 33.05 6.76 0.63
N ALA B 673 32.80 6.01 1.71
CA ALA B 673 33.77 4.96 2.14
C ALA B 673 34.06 3.97 1.07
N GLY B 674 33.05 3.46 0.40
CA GLY B 674 33.29 2.54 -0.70
C GLY B 674 34.07 3.17 -1.81
N LEU B 675 33.73 4.38 -2.14
CA LEU B 675 34.43 5.06 -3.23
C LEU B 675 35.92 5.19 -2.90
N ILE B 676 36.27 5.53 -1.64
CA ILE B 676 37.67 5.61 -1.22
C ILE B 676 38.35 4.24 -1.45
N VAL B 677 37.73 3.16 -1.00
CA VAL B 677 38.37 1.88 -1.19
C VAL B 677 38.52 1.57 -2.66
N ARG B 678 37.52 1.82 -3.49
CA ARG B 678 37.62 1.58 -4.93
C ARG B 678 38.75 2.43 -5.57
N ALA B 679 38.79 3.70 -5.19
CA ALA B 679 39.83 4.58 -5.70
C ALA B 679 41.23 4.09 -5.35
N ASN B 680 41.35 3.38 -4.22
CA ASN B 680 42.56 2.73 -3.79
C ASN B 680 42.68 1.26 -4.18
N ARG B 681 41.93 0.85 -5.18
CA ARG B 681 42.00 -0.47 -5.81
C ARG B 681 41.88 -1.58 -4.76
N GLY B 682 40.93 -1.39 -3.86
CA GLY B 682 40.62 -2.46 -2.90
C GLY B 682 41.28 -2.38 -1.57
N ASP B 683 42.13 -1.36 -1.32
CA ASP B 683 42.93 -1.21 -0.10
C ASP B 683 42.16 -0.52 1.02
N VAL B 684 41.68 -1.37 1.93
CA VAL B 684 40.87 -0.82 3.04
C VAL B 684 41.69 0.06 4.00
N SER B 685 43.00 -0.05 3.96
CA SER B 685 43.85 0.74 4.85
C SER B 685 43.80 2.24 4.42
N ALA B 686 43.24 2.56 3.22
CA ALA B 686 43.09 3.95 2.85
C ALA B 686 41.98 4.62 3.63
N LEU B 687 41.07 3.85 4.26
CA LEU B 687 40.07 4.42 5.21
C LEU B 687 40.76 4.72 6.52
N SER B 688 40.27 5.74 7.19
CA SER B 688 40.72 6.07 8.54
C SER B 688 40.41 4.87 9.44
N THR B 689 41.06 4.83 10.60
CA THR B 689 40.81 3.76 11.55
C THR B 689 39.36 3.68 11.94
N GLU B 690 38.77 4.83 12.15
CA GLU B 690 37.38 4.85 12.62
C GLU B 690 36.41 4.58 11.51
N ALA B 691 36.73 4.92 10.25
CA ALA B 691 35.87 4.68 9.12
C ALA B 691 35.96 3.27 8.55
N ARG B 692 37.06 2.54 8.76
CA ARG B 692 37.18 1.22 8.20
C ARG B 692 35.98 0.35 8.43
N PRO B 693 35.43 0.30 9.66
CA PRO B 693 34.31 -0.58 9.89
C PRO B 693 33.10 -0.32 9.03
N LEU B 694 32.99 0.89 8.46
CA LEU B 694 31.86 1.15 7.53
C LEU B 694 31.83 0.17 6.42
N VAL B 695 32.99 -0.33 6.00
CA VAL B 695 33.17 -1.37 4.95
C VAL B 695 33.38 -2.72 5.61
N ILE B 696 34.31 -2.89 6.56
CA ILE B 696 34.68 -4.25 6.99
C ILE B 696 33.76 -4.78 8.08
N GLY B 697 32.90 -3.98 8.64
CA GLY B 697 31.96 -4.48 9.64
C GLY B 697 30.69 -5.07 9.14
N LEU B 698 30.54 -5.15 7.82
CA LEU B 698 29.42 -5.66 7.11
C LEU B 698 29.77 -6.96 6.41
N ARG B 699 28.78 -7.84 6.17
CA ARG B 699 29.02 -8.96 5.28
C ARG B 699 29.24 -8.41 3.85
N PRO B 700 30.34 -8.75 3.19
CA PRO B 700 30.54 -8.25 1.86
C PRO B 700 29.58 -8.77 0.84
N VAL B 701 29.34 -8.00 -0.22
CA VAL B 701 28.50 -8.42 -1.32
C VAL B 701 29.22 -9.15 -2.41
N VAL B 702 30.55 -9.15 -2.31
CA VAL B 702 31.50 -9.87 -3.19
C VAL B 702 32.31 -10.76 -2.29
N LYS B 703 32.68 -11.93 -2.69
CA LYS B 703 33.54 -12.83 -1.90
C LYS B 703 34.95 -12.49 -2.30
N VAL B 704 35.78 -12.11 -1.31
CA VAL B 704 37.23 -11.89 -1.46
C VAL B 704 38.03 -12.58 -0.34
N PRO B 705 39.29 -12.80 -0.48
CA PRO B 705 40.05 -13.50 0.56
C PRO B 705 40.03 -12.80 1.94
N ALA B 706 40.29 -13.62 2.99
CA ALA B 706 40.41 -13.12 4.37
C ALA B 706 41.46 -12.02 4.45
N ALA B 707 41.26 -11.03 5.36
CA ALA B 707 42.49 -10.53 6.08
C ALA B 707 43.67 -10.19 5.21
S SO4 C . -1.04 5.98 -35.39
O1 SO4 C . -0.01 6.83 -36.11
O2 SO4 C . -2.19 6.34 -34.63
O3 SO4 C . -0.32 5.37 -34.29
O4 SO4 C . -1.80 5.10 -36.45
PA FAD D . -19.07 -1.87 -6.47
O1A FAD D . -18.83 -2.53 -7.77
O2A FAD D . -18.02 -0.94 -5.96
O5B FAD D . -20.47 -1.15 -6.56
C5B FAD D . -20.87 -0.24 -5.60
C4B FAD D . -21.85 0.78 -6.31
O4B FAD D . -22.28 1.71 -5.29
C3B FAD D . -21.23 1.58 -7.44
O3B FAD D . -21.95 1.52 -8.65
C2B FAD D . -21.12 3.02 -6.87
O2B FAD D . -21.17 4.05 -7.82
C1B FAD D . -22.26 3.06 -5.88
N9A FAD D . -22.05 3.95 -4.74
C8A FAD D . -20.97 4.00 -3.97
N7A FAD D . -21.06 4.84 -2.95
C5A FAD D . -22.33 5.38 -3.13
C6A FAD D . -23.03 6.32 -2.40
N6A FAD D . -22.57 6.94 -1.29
N1A FAD D . -24.31 6.63 -2.79
C2A FAD D . -24.77 6.04 -3.96
N3A FAD D . -24.16 5.14 -4.74
C4A FAD D . -22.91 4.84 -4.28
N1 FAD D . -14.03 -9.85 -9.94
C2 FAD D . -14.08 -11.04 -10.59
O2 FAD D . -14.94 -11.92 -10.35
N3 FAD D . -13.09 -11.30 -11.54
C4 FAD D . -12.09 -10.41 -11.89
O4 FAD D . -11.34 -10.65 -12.86
C4X FAD D . -11.99 -9.28 -11.07
N5 FAD D . -10.98 -8.36 -11.24
C5X FAD D . -11.03 -7.09 -10.74
C6 FAD D . -10.11 -6.12 -11.10
C7 FAD D . -10.22 -4.81 -10.71
C7M FAD D . -9.14 -3.84 -11.14
C8 FAD D . -11.38 -4.46 -9.98
C8M FAD D . -11.64 -3.02 -9.66
C9 FAD D . -12.29 -5.46 -9.59
C9A FAD D . -12.16 -6.75 -9.95
N10 FAD D . -13.06 -7.81 -9.56
C10 FAD D . -13.05 -8.99 -10.19
C1' FAD D . -13.96 -7.58 -8.43
C2' FAD D . -15.36 -7.15 -8.84
O2' FAD D . -15.31 -6.09 -9.74
C3' FAD D . -16.11 -6.78 -7.58
O3' FAD D . -16.09 -7.81 -6.62
C4' FAD D . -17.56 -6.36 -7.70
O4' FAD D . -17.78 -5.69 -8.96
C5' FAD D . -17.91 -5.44 -6.56
O5' FAD D . -19.32 -5.22 -6.46
P FAD D . -19.87 -4.43 -5.19
O1P FAD D . -21.33 -4.33 -5.38
O2P FAD D . -19.27 -4.97 -3.94
O3P FAD D . -19.22 -2.94 -5.28
C BE2 E . -6.82 -11.85 -10.31
O BE2 E . -7.77 -11.62 -11.14
OXT BE2 E . -5.68 -12.37 -10.51
C1 BE2 E . -7.08 -11.60 -8.82
CA BE2 E . -8.25 -11.02 -8.29
C3 BE2 E . -8.46 -10.89 -6.92
N BE2 E . -9.29 -10.73 -9.16
C4 BE2 E . -7.47 -11.28 -6.04
C5 BE2 E . -6.18 -11.69 -6.47
C6 BE2 E . -6.08 -11.90 -7.88
C1 GOL F . -17.87 6.76 -9.44
O1 GOL F . -17.44 8.01 -9.16
C2 GOL F . -18.44 6.09 -8.28
O2 GOL F . -17.47 5.58 -7.42
C3 GOL F . -19.47 6.90 -7.42
O3 GOL F . -20.10 6.16 -6.46
S SO4 G . -1.43 4.62 -3.37
O1 SO4 G . -0.77 3.56 -3.97
O2 SO4 G . -1.85 5.68 -4.14
O3 SO4 G . -1.82 4.49 -2.03
O4 SO4 G . -0.20 5.49 -3.11
PA FAD H . 15.64 12.65 -1.80
O1A FAD H . 15.38 13.63 -0.73
O2A FAD H . 14.51 12.01 -2.49
O5B FAD H . 16.59 13.42 -2.82
C5B FAD H . 16.89 12.93 -4.10
C4B FAD H . 17.17 14.07 -5.07
O4B FAD H . 17.47 13.48 -6.31
C3B FAD H . 15.98 14.98 -5.22
O3B FAD H . 16.30 16.36 -5.01
C2B FAD H . 15.53 14.72 -6.64
O2B FAD H . 14.90 15.79 -7.33
C1B FAD H . 16.79 14.22 -7.35
N9A FAD H . 16.54 13.31 -8.45
C8A FAD H . 15.82 12.17 -8.43
N7A FAD H . 15.83 11.52 -9.59
C5A FAD H . 16.71 12.26 -10.34
C6A FAD H . 17.17 12.05 -11.66
N6A FAD H . 16.83 10.97 -12.41
N1A FAD H . 18.06 12.96 -12.15
C2A FAD H . 18.37 14.04 -11.37
N3A FAD H . 17.99 14.33 -10.14
C4A FAD H . 17.12 13.43 -9.65
N1 FAD H . 13.27 12.45 7.99
C2 FAD H . 13.56 12.84 9.25
O2 FAD H . 14.71 12.74 9.70
N3 FAD H . 12.52 13.31 10.05
C4 FAD H . 11.21 13.36 9.64
O4 FAD H . 10.33 13.93 10.36
C4X FAD H . 10.88 12.85 8.38
N5 FAD H . 9.60 12.71 7.93
C5X FAD H . 9.34 12.56 6.61
C6 FAD H . 8.06 12.72 6.09
C7 FAD H . 7.75 12.66 4.77
C7M FAD H . 6.32 12.81 4.31
C8 FAD H . 8.82 12.54 3.88
C8M FAD H . 8.61 12.61 2.38
C9 FAD H . 10.16 12.33 4.35
C9A FAD H . 10.43 12.35 5.74
N10 FAD H . 11.71 12.13 6.25
C10 FAD H . 11.97 12.46 7.58
C1' FAD H . 12.76 11.51 5.51
C2' FAD H . 13.77 12.42 4.85
O2' FAD H . 13.00 13.46 4.12
C3' FAD H . 14.57 11.63 3.80
O3' FAD H . 15.25 10.58 4.52
C4' FAD H . 15.66 12.42 3.10
O4' FAD H . 15.24 13.75 2.81
C5' FAD H . 15.98 11.66 1.84
O5' FAD H . 17.16 12.13 1.15
P FAD H . 17.70 11.32 -0.10
O1P FAD H . 18.89 12.03 -0.52
O2P FAD H . 17.71 9.87 0.20
O3P FAD H . 16.53 11.46 -1.21
C BE2 I . 7.46 9.66 12.07
O BE2 I . 7.97 10.84 11.79
OXT BE2 I . 6.65 9.38 12.92
C1 BE2 I . 8.06 8.51 11.27
CA BE2 I . 9.10 8.65 10.24
C3 BE2 I . 9.58 7.44 9.65
N BE2 I . 9.61 9.85 9.93
C4 BE2 I . 9.10 6.17 9.97
C5 BE2 I . 8.01 6.04 10.84
C6 BE2 I . 7.57 7.19 11.45
C1 GOL J . 10.45 16.58 -8.39
O1 GOL J . 9.65 16.22 -9.47
C2 GOL J . 11.61 15.63 -8.23
O2 GOL J . 11.21 14.33 -7.79
C3 GOL J . 12.42 15.43 -9.51
O3 GOL J . 13.51 14.60 -9.36
#